data_1ZZK
# 
_entry.id   1ZZK 
# 
_audit_conform.dict_name       mmcif_pdbx.dic 
_audit_conform.dict_version    5.388 
_audit_conform.dict_location   http://mmcif.pdb.org/dictionaries/ascii/mmcif_pdbx.dic 
# 
loop_
_database_2.database_id 
_database_2.database_code 
_database_2.pdbx_database_accession 
_database_2.pdbx_DOI 
PDB   1ZZK         pdb_00001zzk 10.2210/pdb1zzk/pdb 
RCSB  RCSB033306   ?            ?                   
WWPDB D_1000033306 ?            ?                   
# 
loop_
_pdbx_audit_revision_history.ordinal 
_pdbx_audit_revision_history.data_content_type 
_pdbx_audit_revision_history.major_revision 
_pdbx_audit_revision_history.minor_revision 
_pdbx_audit_revision_history.revision_date 
1 'Structure model' 1 0 2005-08-09 
2 'Structure model' 1 1 2008-04-30 
3 'Structure model' 1 2 2011-07-13 
4 'Structure model' 1 3 2024-03-13 
# 
_pdbx_audit_revision_details.ordinal             1 
_pdbx_audit_revision_details.revision_ordinal    1 
_pdbx_audit_revision_details.data_content_type   'Structure model' 
_pdbx_audit_revision_details.provider            repository 
_pdbx_audit_revision_details.type                'Initial release' 
_pdbx_audit_revision_details.description         ? 
_pdbx_audit_revision_details.details             ? 
# 
loop_
_pdbx_audit_revision_group.ordinal 
_pdbx_audit_revision_group.revision_ordinal 
_pdbx_audit_revision_group.data_content_type 
_pdbx_audit_revision_group.group 
1 2 'Structure model' 'Version format compliance' 
2 3 'Structure model' 'Version format compliance' 
3 4 'Structure model' 'Data collection'           
4 4 'Structure model' 'Database references'       
# 
loop_
_pdbx_audit_revision_category.ordinal 
_pdbx_audit_revision_category.revision_ordinal 
_pdbx_audit_revision_category.data_content_type 
_pdbx_audit_revision_category.category 
1 4 'Structure model' chem_comp_atom     
2 4 'Structure model' chem_comp_bond     
3 4 'Structure model' database_2         
4 4 'Structure model' struct_ref_seq_dif 
# 
loop_
_pdbx_audit_revision_item.ordinal 
_pdbx_audit_revision_item.revision_ordinal 
_pdbx_audit_revision_item.data_content_type 
_pdbx_audit_revision_item.item 
1 4 'Structure model' '_database_2.pdbx_DOI'                
2 4 'Structure model' '_database_2.pdbx_database_accession' 
3 4 'Structure model' '_struct_ref_seq_dif.details'         
# 
_pdbx_database_status.status_code                     REL 
_pdbx_database_status.entry_id                        1ZZK 
_pdbx_database_status.recvd_initial_deposition_date   2005-06-14 
_pdbx_database_status.deposit_site                    RCSB 
_pdbx_database_status.process_site                    PDBJ 
_pdbx_database_status.status_code_sf                  REL 
_pdbx_database_status.status_code_mr                  ? 
_pdbx_database_status.SG_entry                        ? 
_pdbx_database_status.pdb_format_compatible           Y 
_pdbx_database_status.status_code_cs                  ? 
_pdbx_database_status.status_code_nmr_data            ? 
_pdbx_database_status.methods_development_category    ? 
# 
loop_
_pdbx_database_related.db_name 
_pdbx_database_related.db_id 
_pdbx_database_related.details 
_pdbx_database_related.content_type 
PDB 1ZZI . unspecified 
PDB 1ZZJ . unspecified 
# 
loop_
_audit_author.name 
_audit_author.pdbx_ordinal 
'Backe, P.H.'   1 
'Messias, A.C.' 2 
'Ravelli, R.B.' 3 
'Sattler, M.'   4 
'Cusack, S.'    5 
# 
_citation.id                        primary 
_citation.title                     
'X-Ray Crystallographic and NMR Studies of the Third KH Domain of hnRNP K in Complex with Single-Stranded Nucleic Acids' 
_citation.journal_abbrev            STRUCTURE 
_citation.journal_volume            13 
_citation.page_first                1055 
_citation.page_last                 1067 
_citation.year                      2005 
_citation.journal_id_ASTM           STRUE6 
_citation.country                   UK 
_citation.journal_id_ISSN           0969-2126 
_citation.journal_id_CSD            2005 
_citation.book_publisher            ? 
_citation.pdbx_database_id_PubMed   16004877 
_citation.pdbx_database_id_DOI      10.1016/j.str.2005.04.008 
# 
loop_
_citation_author.citation_id 
_citation_author.name 
_citation_author.ordinal 
_citation_author.identifier_ORCID 
primary 'Backe, P.H.'   1 ? 
primary 'Messias, A.C.' 2 ? 
primary 'Ravelli, R.B.' 3 ? 
primary 'Sattler, M.'   4 ? 
primary 'Cusack, S.'    5 ? 
# 
loop_
_entity.id 
_entity.type 
_entity.src_method 
_entity.pdbx_description 
_entity.formula_weight 
_entity.pdbx_number_of_molecules 
_entity.pdbx_ec 
_entity.pdbx_mutation 
_entity.pdbx_fragment 
_entity.details 
1 polymer man 'Heterogeneous nuclear ribonucleoprotein K' 8910.091 1  ? ? 'KH3 domain' ? 
2 water   nat water                                       18.015   58 ? ? ?            ? 
# 
_entity_name_com.entity_id   1 
_entity_name_com.name        'hnRNP K, Transformation up-regulated nuclear protein, TUNP' 
# 
_entity_poly.entity_id                      1 
_entity_poly.type                           'polypeptide(L)' 
_entity_poly.nstd_linkage                   no 
_entity_poly.nstd_monomer                   no 
_entity_poly.pdbx_seq_one_letter_code       
;GAMGPIITTQVTIPKDLAGSIIGKGGQRIKQIRHESGASIKIDEPLEGSEDRIITITGTQDQIQNAQYLLQNSVKQYSGK
FF
;
_entity_poly.pdbx_seq_one_letter_code_can   
;GAMGPIITTQVTIPKDLAGSIIGKGGQRIKQIRHESGASIKIDEPLEGSEDRIITITGTQDQIQNAQYLLQNSVKQYSGK
FF
;
_entity_poly.pdbx_strand_id                 A 
_entity_poly.pdbx_target_identifier         ? 
# 
_pdbx_entity_nonpoly.entity_id   2 
_pdbx_entity_nonpoly.name        water 
_pdbx_entity_nonpoly.comp_id     HOH 
# 
loop_
_entity_poly_seq.entity_id 
_entity_poly_seq.num 
_entity_poly_seq.mon_id 
_entity_poly_seq.hetero 
1 1  GLY n 
1 2  ALA n 
1 3  MET n 
1 4  GLY n 
1 5  PRO n 
1 6  ILE n 
1 7  ILE n 
1 8  THR n 
1 9  THR n 
1 10 GLN n 
1 11 VAL n 
1 12 THR n 
1 13 ILE n 
1 14 PRO n 
1 15 LYS n 
1 16 ASP n 
1 17 LEU n 
1 18 ALA n 
1 19 GLY n 
1 20 SER n 
1 21 ILE n 
1 22 ILE n 
1 23 GLY n 
1 24 LYS n 
1 25 GLY n 
1 26 GLY n 
1 27 GLN n 
1 28 ARG n 
1 29 ILE n 
1 30 LYS n 
1 31 GLN n 
1 32 ILE n 
1 33 ARG n 
1 34 HIS n 
1 35 GLU n 
1 36 SER n 
1 37 GLY n 
1 38 ALA n 
1 39 SER n 
1 40 ILE n 
1 41 LYS n 
1 42 ILE n 
1 43 ASP n 
1 44 GLU n 
1 45 PRO n 
1 46 LEU n 
1 47 GLU n 
1 48 GLY n 
1 49 SER n 
1 50 GLU n 
1 51 ASP n 
1 52 ARG n 
1 53 ILE n 
1 54 ILE n 
1 55 THR n 
1 56 ILE n 
1 57 THR n 
1 58 GLY n 
1 59 THR n 
1 60 GLN n 
1 61 ASP n 
1 62 GLN n 
1 63 ILE n 
1 64 GLN n 
1 65 ASN n 
1 66 ALA n 
1 67 GLN n 
1 68 TYR n 
1 69 LEU n 
1 70 LEU n 
1 71 GLN n 
1 72 ASN n 
1 73 SER n 
1 74 VAL n 
1 75 LYS n 
1 76 GLN n 
1 77 TYR n 
1 78 SER n 
1 79 GLY n 
1 80 LYS n 
1 81 PHE n 
1 82 PHE n 
# 
_entity_src_gen.entity_id                          1 
_entity_src_gen.pdbx_src_id                        1 
_entity_src_gen.pdbx_alt_source_flag               sample 
_entity_src_gen.pdbx_seq_type                      ? 
_entity_src_gen.pdbx_beg_seq_num                   ? 
_entity_src_gen.pdbx_end_seq_num                   ? 
_entity_src_gen.gene_src_common_name               human 
_entity_src_gen.gene_src_genus                     Homo 
_entity_src_gen.pdbx_gene_src_gene                 ? 
_entity_src_gen.gene_src_species                   ? 
_entity_src_gen.gene_src_strain                    ? 
_entity_src_gen.gene_src_tissue                    ? 
_entity_src_gen.gene_src_tissue_fraction           ? 
_entity_src_gen.gene_src_details                   ? 
_entity_src_gen.pdbx_gene_src_fragment             ? 
_entity_src_gen.pdbx_gene_src_scientific_name      'Homo sapiens' 
_entity_src_gen.pdbx_gene_src_ncbi_taxonomy_id     9606 
_entity_src_gen.pdbx_gene_src_variant              ? 
_entity_src_gen.pdbx_gene_src_cell_line            ? 
_entity_src_gen.pdbx_gene_src_atcc                 ? 
_entity_src_gen.pdbx_gene_src_organ                ? 
_entity_src_gen.pdbx_gene_src_organelle            ? 
_entity_src_gen.pdbx_gene_src_cell                 ? 
_entity_src_gen.pdbx_gene_src_cellular_location    ? 
_entity_src_gen.host_org_common_name               ? 
_entity_src_gen.pdbx_host_org_scientific_name      'Escherichia coli' 
_entity_src_gen.pdbx_host_org_ncbi_taxonomy_id     562 
_entity_src_gen.host_org_genus                     Escherichia 
_entity_src_gen.pdbx_host_org_gene                 ? 
_entity_src_gen.pdbx_host_org_organ                ? 
_entity_src_gen.host_org_species                   ? 
_entity_src_gen.pdbx_host_org_tissue               ? 
_entity_src_gen.pdbx_host_org_tissue_fraction      ? 
_entity_src_gen.pdbx_host_org_strain               'BL21(DE3)pLysS' 
_entity_src_gen.pdbx_host_org_variant              ? 
_entity_src_gen.pdbx_host_org_cell_line            ? 
_entity_src_gen.pdbx_host_org_atcc                 ? 
_entity_src_gen.pdbx_host_org_culture_collection   ? 
_entity_src_gen.pdbx_host_org_cell                 ? 
_entity_src_gen.pdbx_host_org_organelle            ? 
_entity_src_gen.pdbx_host_org_cellular_location    ? 
_entity_src_gen.pdbx_host_org_vector_type          Plasmid 
_entity_src_gen.pdbx_host_org_vector               ? 
_entity_src_gen.host_org_details                   ? 
_entity_src_gen.expression_system_id               ? 
_entity_src_gen.plasmid_name                       pETM11 
_entity_src_gen.plasmid_details                    ? 
_entity_src_gen.pdbx_description                   ? 
# 
loop_
_chem_comp.id 
_chem_comp.type 
_chem_comp.mon_nstd_flag 
_chem_comp.name 
_chem_comp.pdbx_synonyms 
_chem_comp.formula 
_chem_comp.formula_weight 
ALA 'L-peptide linking' y ALANINE         ? 'C3 H7 N O2'     89.093  
ARG 'L-peptide linking' y ARGININE        ? 'C6 H15 N4 O2 1' 175.209 
ASN 'L-peptide linking' y ASPARAGINE      ? 'C4 H8 N2 O3'    132.118 
ASP 'L-peptide linking' y 'ASPARTIC ACID' ? 'C4 H7 N O4'     133.103 
GLN 'L-peptide linking' y GLUTAMINE       ? 'C5 H10 N2 O3'   146.144 
GLU 'L-peptide linking' y 'GLUTAMIC ACID' ? 'C5 H9 N O4'     147.129 
GLY 'peptide linking'   y GLYCINE         ? 'C2 H5 N O2'     75.067  
HIS 'L-peptide linking' y HISTIDINE       ? 'C6 H10 N3 O2 1' 156.162 
HOH non-polymer         . WATER           ? 'H2 O'           18.015  
ILE 'L-peptide linking' y ISOLEUCINE      ? 'C6 H13 N O2'    131.173 
LEU 'L-peptide linking' y LEUCINE         ? 'C6 H13 N O2'    131.173 
LYS 'L-peptide linking' y LYSINE          ? 'C6 H15 N2 O2 1' 147.195 
MET 'L-peptide linking' y METHIONINE      ? 'C5 H11 N O2 S'  149.211 
PHE 'L-peptide linking' y PHENYLALANINE   ? 'C9 H11 N O2'    165.189 
PRO 'L-peptide linking' y PROLINE         ? 'C5 H9 N O2'     115.130 
SER 'L-peptide linking' y SERINE          ? 'C3 H7 N O3'     105.093 
THR 'L-peptide linking' y THREONINE       ? 'C4 H9 N O3'     119.119 
TYR 'L-peptide linking' y TYROSINE        ? 'C9 H11 N O3'    181.189 
VAL 'L-peptide linking' y VALINE          ? 'C5 H11 N O2'    117.146 
# 
loop_
_pdbx_poly_seq_scheme.asym_id 
_pdbx_poly_seq_scheme.entity_id 
_pdbx_poly_seq_scheme.seq_id 
_pdbx_poly_seq_scheme.mon_id 
_pdbx_poly_seq_scheme.ndb_seq_num 
_pdbx_poly_seq_scheme.pdb_seq_num 
_pdbx_poly_seq_scheme.auth_seq_num 
_pdbx_poly_seq_scheme.pdb_mon_id 
_pdbx_poly_seq_scheme.auth_mon_id 
_pdbx_poly_seq_scheme.pdb_strand_id 
_pdbx_poly_seq_scheme.pdb_ins_code 
_pdbx_poly_seq_scheme.hetero 
A 1 1  GLY 1  8  ?  ?   ?   A . n 
A 1 2  ALA 2  9  ?  ?   ?   A . n 
A 1 3  MET 3  10 10 MET MET A . n 
A 1 4  GLY 4  11 11 GLY GLY A . n 
A 1 5  PRO 5  12 12 PRO PRO A . n 
A 1 6  ILE 6  13 13 ILE ILE A . n 
A 1 7  ILE 7  14 14 ILE ILE A . n 
A 1 8  THR 8  15 15 THR THR A . n 
A 1 9  THR 9  16 16 THR THR A . n 
A 1 10 GLN 10 17 17 GLN GLN A . n 
A 1 11 VAL 11 18 18 VAL VAL A . n 
A 1 12 THR 12 19 19 THR THR A . n 
A 1 13 ILE 13 20 20 ILE ILE A . n 
A 1 14 PRO 14 21 21 PRO PRO A . n 
A 1 15 LYS 15 22 22 LYS LYS A . n 
A 1 16 ASP 16 23 23 ASP ASP A . n 
A 1 17 LEU 17 24 24 LEU LEU A . n 
A 1 18 ALA 18 25 25 ALA ALA A . n 
A 1 19 GLY 19 26 26 GLY GLY A . n 
A 1 20 SER 20 27 27 SER SER A . n 
A 1 21 ILE 21 28 28 ILE ILE A . n 
A 1 22 ILE 22 29 29 ILE ILE A . n 
A 1 23 GLY 23 30 30 GLY GLY A . n 
A 1 24 LYS 24 31 31 LYS LYS A . n 
A 1 25 GLY 25 32 32 GLY GLY A . n 
A 1 26 GLY 26 33 33 GLY GLY A . n 
A 1 27 GLN 27 34 34 GLN GLN A . n 
A 1 28 ARG 28 35 35 ARG ARG A . n 
A 1 29 ILE 29 36 36 ILE ILE A . n 
A 1 30 LYS 30 37 37 LYS LYS A . n 
A 1 31 GLN 31 38 38 GLN GLN A . n 
A 1 32 ILE 32 39 39 ILE ILE A . n 
A 1 33 ARG 33 40 40 ARG ARG A . n 
A 1 34 HIS 34 41 41 HIS HIS A . n 
A 1 35 GLU 35 42 42 GLU GLU A . n 
A 1 36 SER 36 43 43 SER SER A . n 
A 1 37 GLY 37 44 44 GLY GLY A . n 
A 1 38 ALA 38 45 45 ALA ALA A . n 
A 1 39 SER 39 46 46 SER SER A . n 
A 1 40 ILE 40 47 47 ILE ILE A . n 
A 1 41 LYS 41 48 48 LYS LYS A . n 
A 1 42 ILE 42 49 49 ILE ILE A . n 
A 1 43 ASP 43 50 50 ASP ASP A . n 
A 1 44 GLU 44 51 51 GLU GLU A . n 
A 1 45 PRO 45 52 52 PRO PRO A . n 
A 1 46 LEU 46 53 53 LEU LEU A . n 
A 1 47 GLU 47 54 54 GLU GLU A . n 
A 1 48 GLY 48 55 55 GLY GLY A . n 
A 1 49 SER 49 56 56 SER SER A . n 
A 1 50 GLU 50 57 57 GLU GLU A . n 
A 1 51 ASP 51 58 58 ASP ASP A . n 
A 1 52 ARG 52 59 59 ARG ARG A . n 
A 1 53 ILE 53 60 60 ILE ILE A . n 
A 1 54 ILE 54 61 61 ILE ILE A . n 
A 1 55 THR 55 62 62 THR THR A . n 
A 1 56 ILE 56 63 63 ILE ILE A . n 
A 1 57 THR 57 64 64 THR THR A . n 
A 1 58 GLY 58 65 65 GLY GLY A . n 
A 1 59 THR 59 66 66 THR THR A . n 
A 1 60 GLN 60 67 67 GLN GLN A . n 
A 1 61 ASP 61 68 68 ASP ASP A . n 
A 1 62 GLN 62 69 69 GLN GLN A . n 
A 1 63 ILE 63 70 70 ILE ILE A . n 
A 1 64 GLN 64 71 71 GLN GLN A . n 
A 1 65 ASN 65 72 72 ASN ASN A . n 
A 1 66 ALA 66 73 73 ALA ALA A . n 
A 1 67 GLN 67 74 74 GLN GLN A . n 
A 1 68 TYR 68 75 75 TYR TYR A . n 
A 1 69 LEU 69 76 76 LEU LEU A . n 
A 1 70 LEU 70 77 77 LEU LEU A . n 
A 1 71 GLN 71 78 78 GLN GLN A . n 
A 1 72 ASN 72 79 79 ASN ASN A . n 
A 1 73 SER 73 80 80 SER SER A . n 
A 1 74 VAL 74 81 81 VAL VAL A . n 
A 1 75 LYS 75 82 82 LYS LYS A . n 
A 1 76 GLN 76 83 83 GLN GLN A . n 
A 1 77 TYR 77 84 84 TYR TYR A . n 
A 1 78 SER 78 85 85 SER SER A . n 
A 1 79 GLY 79 86 86 GLY GLY A . n 
A 1 80 LYS 80 87 87 LYS LYS A . n 
A 1 81 PHE 81 88 88 PHE PHE A . n 
A 1 82 PHE 82 89 89 PHE PHE A . n 
# 
loop_
_pdbx_nonpoly_scheme.asym_id 
_pdbx_nonpoly_scheme.entity_id 
_pdbx_nonpoly_scheme.mon_id 
_pdbx_nonpoly_scheme.ndb_seq_num 
_pdbx_nonpoly_scheme.pdb_seq_num 
_pdbx_nonpoly_scheme.auth_seq_num 
_pdbx_nonpoly_scheme.pdb_mon_id 
_pdbx_nonpoly_scheme.auth_mon_id 
_pdbx_nonpoly_scheme.pdb_strand_id 
_pdbx_nonpoly_scheme.pdb_ins_code 
B 2 HOH 1  101 101 HOH HOH A . 
B 2 HOH 2  102 102 HOH HOH A . 
B 2 HOH 3  103 103 HOH HOH A . 
B 2 HOH 4  104 104 HOH HOH A . 
B 2 HOH 5  105 105 HOH HOH A . 
B 2 HOH 6  106 106 HOH HOH A . 
B 2 HOH 7  107 107 HOH HOH A . 
B 2 HOH 8  108 108 HOH HOH A . 
B 2 HOH 9  109 109 HOH HOH A . 
B 2 HOH 10 110 110 HOH HOH A . 
B 2 HOH 11 111 111 HOH HOH A . 
B 2 HOH 12 112 112 HOH HOH A . 
B 2 HOH 13 113 113 HOH HOH A . 
B 2 HOH 14 114 114 HOH HOH A . 
B 2 HOH 15 115 115 HOH HOH A . 
B 2 HOH 16 116 116 HOH HOH A . 
B 2 HOH 17 117 117 HOH HOH A . 
B 2 HOH 18 118 118 HOH HOH A . 
B 2 HOH 19 119 119 HOH HOH A . 
B 2 HOH 20 120 120 HOH HOH A . 
B 2 HOH 21 121 121 HOH HOH A . 
B 2 HOH 22 122 122 HOH HOH A . 
B 2 HOH 23 123 123 HOH HOH A . 
B 2 HOH 24 124 124 HOH HOH A . 
B 2 HOH 25 125 125 HOH HOH A . 
B 2 HOH 26 126 126 HOH HOH A . 
B 2 HOH 27 127 127 HOH HOH A . 
B 2 HOH 28 128 128 HOH HOH A . 
B 2 HOH 29 129 129 HOH HOH A . 
B 2 HOH 30 130 130 HOH HOH A . 
B 2 HOH 31 131 131 HOH HOH A . 
B 2 HOH 32 132 132 HOH HOH A . 
B 2 HOH 33 133 133 HOH HOH A . 
B 2 HOH 34 134 134 HOH HOH A . 
B 2 HOH 35 135 135 HOH HOH A . 
B 2 HOH 36 136 136 HOH HOH A . 
B 2 HOH 37 137 137 HOH HOH A . 
B 2 HOH 38 138 138 HOH HOH A . 
B 2 HOH 39 139 139 HOH HOH A . 
B 2 HOH 40 140 140 HOH HOH A . 
B 2 HOH 41 141 141 HOH HOH A . 
B 2 HOH 42 142 142 HOH HOH A . 
B 2 HOH 43 143 143 HOH HOH A . 
B 2 HOH 44 144 144 HOH HOH A . 
B 2 HOH 45 145 145 HOH HOH A . 
B 2 HOH 46 146 146 HOH HOH A . 
B 2 HOH 47 147 147 HOH HOH A . 
B 2 HOH 48 148 148 HOH HOH A . 
B 2 HOH 49 149 149 HOH HOH A . 
B 2 HOH 50 150 150 HOH HOH A . 
B 2 HOH 51 151 151 HOH HOH A . 
B 2 HOH 52 152 152 HOH HOH A . 
B 2 HOH 53 153 153 HOH HOH A . 
B 2 HOH 54 154 154 HOH HOH A . 
B 2 HOH 55 155 155 HOH HOH A . 
B 2 HOH 56 156 156 HOH HOH A . 
B 2 HOH 57 157 157 HOH HOH A . 
B 2 HOH 58 158 158 HOH HOH A . 
# 
loop_
_pdbx_unobs_or_zero_occ_atoms.id 
_pdbx_unobs_or_zero_occ_atoms.PDB_model_num 
_pdbx_unobs_or_zero_occ_atoms.polymer_flag 
_pdbx_unobs_or_zero_occ_atoms.occupancy_flag 
_pdbx_unobs_or_zero_occ_atoms.auth_asym_id 
_pdbx_unobs_or_zero_occ_atoms.auth_comp_id 
_pdbx_unobs_or_zero_occ_atoms.auth_seq_id 
_pdbx_unobs_or_zero_occ_atoms.PDB_ins_code 
_pdbx_unobs_or_zero_occ_atoms.auth_atom_id 
_pdbx_unobs_or_zero_occ_atoms.label_alt_id 
_pdbx_unobs_or_zero_occ_atoms.label_asym_id 
_pdbx_unobs_or_zero_occ_atoms.label_comp_id 
_pdbx_unobs_or_zero_occ_atoms.label_seq_id 
_pdbx_unobs_or_zero_occ_atoms.label_atom_id 
1 1 Y 0 A GLY 55 ? N   ? A GLY 48 N   
2 1 Y 0 A GLY 55 ? C   ? A GLY 48 C   
3 1 Y 0 A GLY 55 ? O   ? A GLY 48 O   
4 1 Y 0 A GLU 57 ? CD  ? A GLU 50 CD  
5 1 Y 0 A GLU 57 ? OE1 ? A GLU 50 OE1 
6 1 Y 0 A GLU 57 ? OE2 ? A GLU 50 OE2 
7 1 Y 0 A LYS 87 ? CD  ? A LYS 80 CD  
8 1 Y 0 A LYS 87 ? CE  ? A LYS 80 CE  
9 1 Y 0 A LYS 87 ? NZ  ? A LYS 80 NZ  
# 
loop_
_software.name 
_software.classification 
_software.version 
_software.citation_id 
_software.pdbx_ordinal 
MOSFLM    'data reduction' .         ? 1 
SCALA     'data scaling'   .         ? 2 
MOLREP    phasing          .         ? 3 
SHELXL-97 refinement       .         ? 4 
CCP4      'data scaling'   '(SCALA)' ? 5 
# 
_cell.entry_id           1ZZK 
_cell.length_a           51.848 
_cell.length_b           30.876 
_cell.length_c           42.413 
_cell.angle_alpha        90.00 
_cell.angle_beta         102.74 
_cell.angle_gamma        90.00 
_cell.Z_PDB              4 
_cell.pdbx_unique_axis   ? 
# 
_symmetry.entry_id                         1ZZK 
_symmetry.space_group_name_H-M             'C 1 2 1' 
_symmetry.pdbx_full_space_group_name_H-M   ? 
_symmetry.Int_Tables_number                5 
_symmetry.cell_setting                     ? 
_symmetry.space_group_name_Hall            ? 
# 
_exptl.entry_id          1ZZK 
_exptl.method            'X-RAY DIFFRACTION' 
_exptl.crystals_number   1 
# 
_exptl_crystal.id                    1 
_exptl_crystal.density_meas          ? 
_exptl_crystal.density_Matthews      1.9 
_exptl_crystal.density_percent_sol   33.4 
_exptl_crystal.description           ? 
_exptl_crystal.F_000                 ? 
_exptl_crystal.preparation           ? 
# 
_exptl_crystal_grow.crystal_id      1 
_exptl_crystal_grow.method          'VAPOR DIFFUSION, HANGING DROP' 
_exptl_crystal_grow.temp            294 
_exptl_crystal_grow.temp_details    ? 
_exptl_crystal_grow.pH              8.0 
_exptl_crystal_grow.pdbx_details    'ammonium sulphate, PEG 400, Tris-HCl, pH 8.0, VAPOR DIFFUSION, HANGING DROP, temperature 294K' 
_exptl_crystal_grow.pdbx_pH_range   . 
# 
_diffrn.id                     1 
_diffrn.ambient_temp           100 
_diffrn.ambient_temp_details   ? 
_diffrn.crystal_id             1 
# 
_diffrn_detector.diffrn_id              1 
_diffrn_detector.detector               CCD 
_diffrn_detector.type                   'ADSC QUANTUM 4' 
_diffrn_detector.pdbx_collection_date   2001-04-30 
_diffrn_detector.details                ? 
# 
_diffrn_radiation.diffrn_id                        1 
_diffrn_radiation.wavelength_id                    1 
_diffrn_radiation.pdbx_monochromatic_or_laue_m_l   M 
_diffrn_radiation.monochromator                    'Khozu double crystal monochromator Si(111)' 
_diffrn_radiation.pdbx_diffrn_protocol             'SINGLE WAVELENGTH' 
_diffrn_radiation.pdbx_scattering_type             x-ray 
# 
_diffrn_radiation_wavelength.id           1 
_diffrn_radiation_wavelength.wavelength   0.933 
_diffrn_radiation_wavelength.wt           1.0 
# 
_diffrn_source.diffrn_id                   1 
_diffrn_source.source                      SYNCHROTRON 
_diffrn_source.type                        'ESRF BEAMLINE ID14-2' 
_diffrn_source.pdbx_synchrotron_site       ESRF 
_diffrn_source.pdbx_synchrotron_beamline   ID14-2 
_diffrn_source.pdbx_wavelength             ? 
_diffrn_source.pdbx_wavelength_list        0.933 
# 
_reflns.entry_id                     1ZZK 
_reflns.observed_criterion_sigma_F   0. 
_reflns.observed_criterion_sigma_I   0. 
_reflns.d_resolution_high            0.95 
_reflns.d_resolution_low             40 
_reflns.number_all                   95636 
_reflns.number_obs                   40192 
_reflns.percent_possible_obs         97.4 
_reflns.pdbx_Rmerge_I_obs            0.057 
_reflns.pdbx_Rsym_value              ? 
_reflns.pdbx_netI_over_sigmaI        16.4 
_reflns.B_iso_Wilson_estimate        ? 
_reflns.pdbx_redundancy              2.4 
_reflns.R_free_details               ? 
_reflns.limit_h_max                  ? 
_reflns.limit_h_min                  ? 
_reflns.limit_k_max                  ? 
_reflns.limit_k_min                  ? 
_reflns.limit_l_max                  ? 
_reflns.limit_l_min                  ? 
_reflns.observed_criterion_F_max     ? 
_reflns.observed_criterion_F_min     ? 
_reflns.pdbx_chi_squared             ? 
_reflns.pdbx_scaling_rejects         ? 
_reflns.pdbx_diffrn_id               1 
_reflns.pdbx_ordinal                 1 
# 
_reflns_shell.d_res_high             0.95 
_reflns_shell.d_res_low              1.00 
_reflns_shell.percent_possible_all   91.8 
_reflns_shell.Rmerge_I_obs           0.17 
_reflns_shell.pdbx_Rsym_value        ? 
_reflns_shell.meanI_over_sigI_obs    5.0 
_reflns_shell.pdbx_redundancy        ? 
_reflns_shell.percent_possible_obs   ? 
_reflns_shell.number_unique_all      ? 
_reflns_shell.number_measured_all    ? 
_reflns_shell.number_measured_obs    ? 
_reflns_shell.number_unique_obs      ? 
_reflns_shell.pdbx_chi_squared       ? 
_reflns_shell.pdbx_diffrn_id         ? 
_reflns_shell.pdbx_ordinal           1 
# 
_refine.entry_id                                 1ZZK 
_refine.ls_d_res_high                            0.95 
_refine.ls_d_res_low                             40 
_refine.pdbx_ls_sigma_F                          0.0 
_refine.pdbx_ls_sigma_I                          ? 
_refine.ls_number_reflns_all                     40192 
_refine.ls_number_reflns_obs                     38185 
_refine.ls_number_reflns_R_free                  2007 
_refine.ls_percent_reflns_obs                    ? 
_refine.ls_R_factor_all                          0.124 
_refine.ls_R_factor_obs                          0.124 
_refine.ls_R_factor_R_work                       0.119 
_refine.ls_R_factor_R_free                       0.127 
_refine.ls_redundancy_reflns_obs                 ? 
_refine.pdbx_data_cutoff_high_absF               ? 
_refine.pdbx_data_cutoff_low_absF                ? 
_refine.ls_number_parameters                     ? 
_refine.ls_number_restraints                     ? 
_refine.ls_percent_reflns_R_free                 ? 
_refine.ls_R_factor_R_free_error                 ? 
_refine.ls_R_factor_R_free_error_details         ? 
_refine.pdbx_method_to_determine_struct          'MOLECULAR REPLACEMENT' 
_refine.pdbx_starting_model                      ? 
_refine.pdbx_ls_cross_valid_method               THROUGHOUT 
_refine.pdbx_R_Free_selection_details            Random 
_refine.pdbx_stereochem_target_val_spec_case     ? 
_refine.pdbx_stereochemistry_target_values       'Engh & Huber' 
_refine.solvent_model_details                    ? 
_refine.solvent_model_param_bsol                 ? 
_refine.solvent_model_param_ksol                 ? 
_refine.occupancy_max                            ? 
_refine.occupancy_min                            ? 
_refine.pdbx_isotropic_thermal_model             ? 
_refine.B_iso_mean                               ? 
_refine.aniso_B[1][1]                            ? 
_refine.aniso_B[1][2]                            ? 
_refine.aniso_B[1][3]                            ? 
_refine.aniso_B[2][2]                            ? 
_refine.aniso_B[2][3]                            ? 
_refine.aniso_B[3][3]                            ? 
_refine.details                                  ? 
_refine.B_iso_min                                ? 
_refine.B_iso_max                                ? 
_refine.correlation_coeff_Fo_to_Fc               ? 
_refine.correlation_coeff_Fo_to_Fc_free          ? 
_refine.pdbx_solvent_vdw_probe_radii             ? 
_refine.pdbx_solvent_ion_probe_radii             ? 
_refine.pdbx_solvent_shrinkage_radii             ? 
_refine.overall_SU_R_Cruickshank_DPI             ? 
_refine.overall_SU_R_free                        ? 
_refine.overall_SU_ML                            ? 
_refine.overall_SU_B                             ? 
_refine.pdbx_overall_ESU_R_Free                  ? 
_refine.pdbx_data_cutoff_high_rms_absF           ? 
_refine.pdbx_overall_ESU_R                       ? 
_refine.ls_wR_factor_R_free                      ? 
_refine.ls_wR_factor_R_work                      ? 
_refine.overall_FOM_free_R_set                   ? 
_refine.overall_FOM_work_R_set                   ? 
_refine.pdbx_refine_id                           'X-RAY DIFFRACTION' 
_refine.pdbx_diffrn_id                           1 
_refine.pdbx_TLS_residual_ADP_flag               ? 
_refine.pdbx_overall_phase_error                 ? 
_refine.pdbx_overall_SU_R_free_Cruickshank_DPI   ? 
_refine.pdbx_overall_SU_R_Blow_DPI               ? 
_refine.pdbx_overall_SU_R_free_Blow_DPI          ? 
# 
_refine_hist.pdbx_refine_id                   'X-RAY DIFFRACTION' 
_refine_hist.cycle_id                         LAST 
_refine_hist.pdbx_number_atoms_protein        712 
_refine_hist.pdbx_number_atoms_nucleic_acid   0 
_refine_hist.pdbx_number_atoms_ligand         0 
_refine_hist.number_atoms_solvent             58 
_refine_hist.number_atoms_total               770 
_refine_hist.d_res_high                       0.95 
_refine_hist.d_res_low                        40 
# 
loop_
_refine_ls_restr.type 
_refine_ls_restr.dev_ideal 
_refine_ls_restr.dev_ideal_target 
_refine_ls_restr.weight 
_refine_ls_restr.number 
_refine_ls_restr.pdbx_refine_id 
_refine_ls_restr.pdbx_restraint_function 
s_bond_d              0.017 ? ? ? 'X-RAY DIFFRACTION' ? 
s_angle_d             0.037 ? ? ? 'X-RAY DIFFRACTION' ? 
s_from_restr_planes   0.029 ? ? ? 'X-RAY DIFFRACTION' ? 
s_non_zero_chiral_vol 0.123 ? ? ? 'X-RAY DIFFRACTION' ? 
s_zero_chiral_vol     0.081 ? ? ? 'X-RAY DIFFRACTION' ? 
s_anti_bump_dis_restr 0.042 ? ? ? 'X-RAY DIFFRACTION' ? 
s_approx_iso_adps     0.101 ? ? ? 'X-RAY DIFFRACTION' ? 
# 
_struct.entry_id                  1ZZK 
_struct.title                     'Crystal Structure of the third KH domain of hnRNP K at 0.95A resolution' 
_struct.pdbx_model_details        ? 
_struct.pdbx_CASP_flag            ? 
_struct.pdbx_model_type_details   ? 
# 
_struct_keywords.entry_id        1ZZK 
_struct_keywords.pdbx_keywords   'DNA BINDING PROTEIN' 
_struct_keywords.text            'KH domian, alpha-beta fold, DNA BINDING PROTEIN' 
# 
loop_
_struct_asym.id 
_struct_asym.pdbx_blank_PDB_chainid_flag 
_struct_asym.pdbx_modified 
_struct_asym.entity_id 
_struct_asym.details 
A N N 1 ? 
B N N 2 ? 
# 
_struct_ref.id                         1 
_struct_ref.db_name                    UNP 
_struct_ref.db_code                    HNRPK_HUMAN 
_struct_ref.pdbx_db_accession          P61978 
_struct_ref.entity_id                  1 
_struct_ref.pdbx_seq_one_letter_code   GPIITTQVTIPKDLAGSIIGKGGQRIKQIRHESGASIKIDEPLEGSEDRIITITGTQDQIQNAQYLLQNSVKQYSGKFF 
_struct_ref.pdbx_align_begin           385 
_struct_ref.pdbx_db_isoform            ? 
# 
_struct_ref_seq.align_id                      1 
_struct_ref_seq.ref_id                        1 
_struct_ref_seq.pdbx_PDB_id_code              1ZZK 
_struct_ref_seq.pdbx_strand_id                A 
_struct_ref_seq.seq_align_beg                 4 
_struct_ref_seq.pdbx_seq_align_beg_ins_code   ? 
_struct_ref_seq.seq_align_end                 82 
_struct_ref_seq.pdbx_seq_align_end_ins_code   ? 
_struct_ref_seq.pdbx_db_accession             P61978 
_struct_ref_seq.db_align_beg                  385 
_struct_ref_seq.pdbx_db_align_beg_ins_code    ? 
_struct_ref_seq.db_align_end                  463 
_struct_ref_seq.pdbx_db_align_end_ins_code    ? 
_struct_ref_seq.pdbx_auth_seq_align_beg       11 
_struct_ref_seq.pdbx_auth_seq_align_end       89 
# 
loop_
_struct_ref_seq_dif.align_id 
_struct_ref_seq_dif.pdbx_pdb_id_code 
_struct_ref_seq_dif.mon_id 
_struct_ref_seq_dif.pdbx_pdb_strand_id 
_struct_ref_seq_dif.seq_num 
_struct_ref_seq_dif.pdbx_pdb_ins_code 
_struct_ref_seq_dif.pdbx_seq_db_name 
_struct_ref_seq_dif.pdbx_seq_db_accession_code 
_struct_ref_seq_dif.db_mon_id 
_struct_ref_seq_dif.pdbx_seq_db_seq_num 
_struct_ref_seq_dif.details 
_struct_ref_seq_dif.pdbx_auth_seq_num 
_struct_ref_seq_dif.pdbx_ordinal 
1 1ZZK GLY A 1 ? UNP P61978 ? ? 'cloning artifact' 8  1 
1 1ZZK ALA A 2 ? UNP P61978 ? ? 'cloning artifact' 9  2 
1 1ZZK MET A 3 ? UNP P61978 ? ? 'cloning artifact' 10 3 
# 
_pdbx_struct_assembly.id                   1 
_pdbx_struct_assembly.details              author_defined_assembly 
_pdbx_struct_assembly.method_details       ? 
_pdbx_struct_assembly.oligomeric_details   monomeric 
_pdbx_struct_assembly.oligomeric_count     1 
# 
_pdbx_struct_assembly_gen.assembly_id       1 
_pdbx_struct_assembly_gen.oper_expression   1 
_pdbx_struct_assembly_gen.asym_id_list      A,B 
# 
_pdbx_struct_oper_list.id                   1 
_pdbx_struct_oper_list.type                 'identity operation' 
_pdbx_struct_oper_list.name                 1_555 
_pdbx_struct_oper_list.symmetry_operation   x,y,z 
_pdbx_struct_oper_list.matrix[1][1]         1.0000000000 
_pdbx_struct_oper_list.matrix[1][2]         0.0000000000 
_pdbx_struct_oper_list.matrix[1][3]         0.0000000000 
_pdbx_struct_oper_list.vector[1]            0.0000000000 
_pdbx_struct_oper_list.matrix[2][1]         0.0000000000 
_pdbx_struct_oper_list.matrix[2][2]         1.0000000000 
_pdbx_struct_oper_list.matrix[2][3]         0.0000000000 
_pdbx_struct_oper_list.vector[2]            0.0000000000 
_pdbx_struct_oper_list.matrix[3][1]         0.0000000000 
_pdbx_struct_oper_list.matrix[3][2]         0.0000000000 
_pdbx_struct_oper_list.matrix[3][3]         1.0000000000 
_pdbx_struct_oper_list.vector[3]            0.0000000000 
# 
loop_
_struct_conf.conf_type_id 
_struct_conf.id 
_struct_conf.pdbx_PDB_helix_id 
_struct_conf.beg_label_comp_id 
_struct_conf.beg_label_asym_id 
_struct_conf.beg_label_seq_id 
_struct_conf.pdbx_beg_PDB_ins_code 
_struct_conf.end_label_comp_id 
_struct_conf.end_label_asym_id 
_struct_conf.end_label_seq_id 
_struct_conf.pdbx_end_PDB_ins_code 
_struct_conf.beg_auth_comp_id 
_struct_conf.beg_auth_asym_id 
_struct_conf.beg_auth_seq_id 
_struct_conf.end_auth_comp_id 
_struct_conf.end_auth_asym_id 
_struct_conf.end_auth_seq_id 
_struct_conf.pdbx_PDB_helix_class 
_struct_conf.details 
_struct_conf.pdbx_PDB_helix_length 
HELX_P HELX_P1 1 LEU A 17 ? ILE A 22 ? LEU A 24 ILE A 29 5 ? 6  
HELX_P HELX_P2 2 GLY A 23 ? GLY A 25 ? GLY A 30 GLY A 32 5 ? 3  
HELX_P HELX_P3 3 GLY A 26 ? GLY A 37 ? GLY A 33 GLY A 44 1 ? 12 
HELX_P HELX_P4 4 THR A 59 ? GLY A 79 ? THR A 66 GLY A 86 1 ? 21 
# 
_struct_conf_type.id          HELX_P 
_struct_conf_type.criteria    ? 
_struct_conf_type.reference   ? 
# 
_struct_sheet.id               A 
_struct_sheet.type             ? 
_struct_sheet.number_strands   3 
_struct_sheet.details          ? 
# 
loop_
_struct_sheet_order.sheet_id 
_struct_sheet_order.range_id_1 
_struct_sheet_order.range_id_2 
_struct_sheet_order.offset 
_struct_sheet_order.sense 
A 1 2 ? anti-parallel 
A 2 3 ? anti-parallel 
# 
loop_
_struct_sheet_range.sheet_id 
_struct_sheet_range.id 
_struct_sheet_range.beg_label_comp_id 
_struct_sheet_range.beg_label_asym_id 
_struct_sheet_range.beg_label_seq_id 
_struct_sheet_range.pdbx_beg_PDB_ins_code 
_struct_sheet_range.end_label_comp_id 
_struct_sheet_range.end_label_asym_id 
_struct_sheet_range.end_label_seq_id 
_struct_sheet_range.pdbx_end_PDB_ins_code 
_struct_sheet_range.beg_auth_comp_id 
_struct_sheet_range.beg_auth_asym_id 
_struct_sheet_range.beg_auth_seq_id 
_struct_sheet_range.end_auth_comp_id 
_struct_sheet_range.end_auth_asym_id 
_struct_sheet_range.end_auth_seq_id 
A 1 ILE A 7  ? PRO A 14 ? ILE A 14 PRO A 21 
A 2 ASP A 51 ? GLY A 58 ? ASP A 58 GLY A 65 
A 3 SER A 39 ? ILE A 42 ? SER A 46 ILE A 49 
# 
loop_
_pdbx_struct_sheet_hbond.sheet_id 
_pdbx_struct_sheet_hbond.range_id_1 
_pdbx_struct_sheet_hbond.range_id_2 
_pdbx_struct_sheet_hbond.range_1_label_atom_id 
_pdbx_struct_sheet_hbond.range_1_label_comp_id 
_pdbx_struct_sheet_hbond.range_1_label_asym_id 
_pdbx_struct_sheet_hbond.range_1_label_seq_id 
_pdbx_struct_sheet_hbond.range_1_PDB_ins_code 
_pdbx_struct_sheet_hbond.range_1_auth_atom_id 
_pdbx_struct_sheet_hbond.range_1_auth_comp_id 
_pdbx_struct_sheet_hbond.range_1_auth_asym_id 
_pdbx_struct_sheet_hbond.range_1_auth_seq_id 
_pdbx_struct_sheet_hbond.range_2_label_atom_id 
_pdbx_struct_sheet_hbond.range_2_label_comp_id 
_pdbx_struct_sheet_hbond.range_2_label_asym_id 
_pdbx_struct_sheet_hbond.range_2_label_seq_id 
_pdbx_struct_sheet_hbond.range_2_PDB_ins_code 
_pdbx_struct_sheet_hbond.range_2_auth_atom_id 
_pdbx_struct_sheet_hbond.range_2_auth_comp_id 
_pdbx_struct_sheet_hbond.range_2_auth_asym_id 
_pdbx_struct_sheet_hbond.range_2_auth_seq_id 
A 1 2 N THR A 9  ? N THR A 16 O ILE A 56 ? O ILE A 63 
A 2 3 O THR A 55 ? O THR A 62 N LYS A 41 ? N LYS A 48 
# 
_pdbx_validate_rmsd_bond.id                        1 
_pdbx_validate_rmsd_bond.PDB_model_num             1 
_pdbx_validate_rmsd_bond.auth_atom_id_1            CB 
_pdbx_validate_rmsd_bond.auth_asym_id_1            A 
_pdbx_validate_rmsd_bond.auth_comp_id_1            SER 
_pdbx_validate_rmsd_bond.auth_seq_id_1             27 
_pdbx_validate_rmsd_bond.PDB_ins_code_1            ? 
_pdbx_validate_rmsd_bond.label_alt_id_1            ? 
_pdbx_validate_rmsd_bond.auth_atom_id_2            OG 
_pdbx_validate_rmsd_bond.auth_asym_id_2            A 
_pdbx_validate_rmsd_bond.auth_comp_id_2            SER 
_pdbx_validate_rmsd_bond.auth_seq_id_2             27 
_pdbx_validate_rmsd_bond.PDB_ins_code_2            ? 
_pdbx_validate_rmsd_bond.label_alt_id_2            A 
_pdbx_validate_rmsd_bond.bond_value                1.339 
_pdbx_validate_rmsd_bond.bond_target_value         1.418 
_pdbx_validate_rmsd_bond.bond_deviation            -0.079 
_pdbx_validate_rmsd_bond.bond_standard_deviation   0.013 
_pdbx_validate_rmsd_bond.linker_flag               N 
# 
loop_
_pdbx_validate_rmsd_angle.id 
_pdbx_validate_rmsd_angle.PDB_model_num 
_pdbx_validate_rmsd_angle.auth_atom_id_1 
_pdbx_validate_rmsd_angle.auth_asym_id_1 
_pdbx_validate_rmsd_angle.auth_comp_id_1 
_pdbx_validate_rmsd_angle.auth_seq_id_1 
_pdbx_validate_rmsd_angle.PDB_ins_code_1 
_pdbx_validate_rmsd_angle.label_alt_id_1 
_pdbx_validate_rmsd_angle.auth_atom_id_2 
_pdbx_validate_rmsd_angle.auth_asym_id_2 
_pdbx_validate_rmsd_angle.auth_comp_id_2 
_pdbx_validate_rmsd_angle.auth_seq_id_2 
_pdbx_validate_rmsd_angle.PDB_ins_code_2 
_pdbx_validate_rmsd_angle.label_alt_id_2 
_pdbx_validate_rmsd_angle.auth_atom_id_3 
_pdbx_validate_rmsd_angle.auth_asym_id_3 
_pdbx_validate_rmsd_angle.auth_comp_id_3 
_pdbx_validate_rmsd_angle.auth_seq_id_3 
_pdbx_validate_rmsd_angle.PDB_ins_code_3 
_pdbx_validate_rmsd_angle.label_alt_id_3 
_pdbx_validate_rmsd_angle.angle_value 
_pdbx_validate_rmsd_angle.angle_target_value 
_pdbx_validate_rmsd_angle.angle_deviation 
_pdbx_validate_rmsd_angle.angle_standard_deviation 
_pdbx_validate_rmsd_angle.linker_flag 
1 1 N  A MET 10 ? ? CA  A MET 10 ? ? CB  A MET 10 ? ? 99.61  110.60 -10.99 1.80 N 
2 1 CA A SER 27 ? ? CB  A SER 27 ? ? OG  A SER 27 ? A 128.58 111.20 17.38  2.70 N 
3 1 NE A ARG 35 ? ? CZ  A ARG 35 ? ? NH1 A ARG 35 ? ? 115.48 120.30 -4.82  0.50 N 
4 1 NE A ARG 35 ? ? CZ  A ARG 35 ? ? NH2 A ARG 35 ? ? 126.83 120.30 6.53   0.50 N 
5 1 CB A ILE 61 ? ? CG1 A ILE 61 ? ? CD1 A ILE 61 ? ? 132.96 113.90 19.06  2.80 N 
6 1 CG A GLN 67 ? A CD  A GLN 67 ? A OE1 A GLN 67 ? A 136.83 121.60 15.23  2.00 N 
7 1 CB A ASP 68 ? B CG  A ASP 68 ? B OD1 A ASP 68 ? B 110.18 118.30 -8.12  0.90 N 
8 1 CB A TYR 75 ? A CG  A TYR 75 ? A CD2 A TYR 75 ? A 115.71 121.00 -5.29  0.60 N 
9 1 CB A TYR 75 ? A CG  A TYR 75 ? A CD1 A TYR 75 ? A 128.66 121.00 7.66   0.60 N 
# 
loop_
_pdbx_validate_torsion.id 
_pdbx_validate_torsion.PDB_model_num 
_pdbx_validate_torsion.auth_comp_id 
_pdbx_validate_torsion.auth_asym_id 
_pdbx_validate_torsion.auth_seq_id 
_pdbx_validate_torsion.PDB_ins_code 
_pdbx_validate_torsion.label_alt_id 
_pdbx_validate_torsion.phi 
_pdbx_validate_torsion.psi 
1 1 ILE A 29 ? ? -97.93 -66.22 
2 1 ASP A 50 ? ? -59.04 171.33 
3 1 GLU A 54 ? ? -71.56 26.44  
4 1 SER A 56 ? ? 34.15  178.12 
# 
loop_
_pdbx_unobs_or_zero_occ_residues.id 
_pdbx_unobs_or_zero_occ_residues.PDB_model_num 
_pdbx_unobs_or_zero_occ_residues.polymer_flag 
_pdbx_unobs_or_zero_occ_residues.occupancy_flag 
_pdbx_unobs_or_zero_occ_residues.auth_asym_id 
_pdbx_unobs_or_zero_occ_residues.auth_comp_id 
_pdbx_unobs_or_zero_occ_residues.auth_seq_id 
_pdbx_unobs_or_zero_occ_residues.PDB_ins_code 
_pdbx_unobs_or_zero_occ_residues.label_asym_id 
_pdbx_unobs_or_zero_occ_residues.label_comp_id 
_pdbx_unobs_or_zero_occ_residues.label_seq_id 
1 1 Y 1 A GLY 8 ? A GLY 1 
2 1 Y 1 A ALA 9 ? A ALA 2 
# 
loop_
_chem_comp_atom.comp_id 
_chem_comp_atom.atom_id 
_chem_comp_atom.type_symbol 
_chem_comp_atom.pdbx_aromatic_flag 
_chem_comp_atom.pdbx_stereo_config 
_chem_comp_atom.pdbx_ordinal 
ALA N    N N N 1   
ALA CA   C N S 2   
ALA C    C N N 3   
ALA O    O N N 4   
ALA CB   C N N 5   
ALA OXT  O N N 6   
ALA H    H N N 7   
ALA H2   H N N 8   
ALA HA   H N N 9   
ALA HB1  H N N 10  
ALA HB2  H N N 11  
ALA HB3  H N N 12  
ALA HXT  H N N 13  
ARG N    N N N 14  
ARG CA   C N S 15  
ARG C    C N N 16  
ARG O    O N N 17  
ARG CB   C N N 18  
ARG CG   C N N 19  
ARG CD   C N N 20  
ARG NE   N N N 21  
ARG CZ   C N N 22  
ARG NH1  N N N 23  
ARG NH2  N N N 24  
ARG OXT  O N N 25  
ARG H    H N N 26  
ARG H2   H N N 27  
ARG HA   H N N 28  
ARG HB2  H N N 29  
ARG HB3  H N N 30  
ARG HG2  H N N 31  
ARG HG3  H N N 32  
ARG HD2  H N N 33  
ARG HD3  H N N 34  
ARG HE   H N N 35  
ARG HH11 H N N 36  
ARG HH12 H N N 37  
ARG HH21 H N N 38  
ARG HH22 H N N 39  
ARG HXT  H N N 40  
ASN N    N N N 41  
ASN CA   C N S 42  
ASN C    C N N 43  
ASN O    O N N 44  
ASN CB   C N N 45  
ASN CG   C N N 46  
ASN OD1  O N N 47  
ASN ND2  N N N 48  
ASN OXT  O N N 49  
ASN H    H N N 50  
ASN H2   H N N 51  
ASN HA   H N N 52  
ASN HB2  H N N 53  
ASN HB3  H N N 54  
ASN HD21 H N N 55  
ASN HD22 H N N 56  
ASN HXT  H N N 57  
ASP N    N N N 58  
ASP CA   C N S 59  
ASP C    C N N 60  
ASP O    O N N 61  
ASP CB   C N N 62  
ASP CG   C N N 63  
ASP OD1  O N N 64  
ASP OD2  O N N 65  
ASP OXT  O N N 66  
ASP H    H N N 67  
ASP H2   H N N 68  
ASP HA   H N N 69  
ASP HB2  H N N 70  
ASP HB3  H N N 71  
ASP HD2  H N N 72  
ASP HXT  H N N 73  
GLN N    N N N 74  
GLN CA   C N S 75  
GLN C    C N N 76  
GLN O    O N N 77  
GLN CB   C N N 78  
GLN CG   C N N 79  
GLN CD   C N N 80  
GLN OE1  O N N 81  
GLN NE2  N N N 82  
GLN OXT  O N N 83  
GLN H    H N N 84  
GLN H2   H N N 85  
GLN HA   H N N 86  
GLN HB2  H N N 87  
GLN HB3  H N N 88  
GLN HG2  H N N 89  
GLN HG3  H N N 90  
GLN HE21 H N N 91  
GLN HE22 H N N 92  
GLN HXT  H N N 93  
GLU N    N N N 94  
GLU CA   C N S 95  
GLU C    C N N 96  
GLU O    O N N 97  
GLU CB   C N N 98  
GLU CG   C N N 99  
GLU CD   C N N 100 
GLU OE1  O N N 101 
GLU OE2  O N N 102 
GLU OXT  O N N 103 
GLU H    H N N 104 
GLU H2   H N N 105 
GLU HA   H N N 106 
GLU HB2  H N N 107 
GLU HB3  H N N 108 
GLU HG2  H N N 109 
GLU HG3  H N N 110 
GLU HE2  H N N 111 
GLU HXT  H N N 112 
GLY N    N N N 113 
GLY CA   C N N 114 
GLY C    C N N 115 
GLY O    O N N 116 
GLY OXT  O N N 117 
GLY H    H N N 118 
GLY H2   H N N 119 
GLY HA2  H N N 120 
GLY HA3  H N N 121 
GLY HXT  H N N 122 
HIS N    N N N 123 
HIS CA   C N S 124 
HIS C    C N N 125 
HIS O    O N N 126 
HIS CB   C N N 127 
HIS CG   C Y N 128 
HIS ND1  N Y N 129 
HIS CD2  C Y N 130 
HIS CE1  C Y N 131 
HIS NE2  N Y N 132 
HIS OXT  O N N 133 
HIS H    H N N 134 
HIS H2   H N N 135 
HIS HA   H N N 136 
HIS HB2  H N N 137 
HIS HB3  H N N 138 
HIS HD1  H N N 139 
HIS HD2  H N N 140 
HIS HE1  H N N 141 
HIS HE2  H N N 142 
HIS HXT  H N N 143 
HOH O    O N N 144 
HOH H1   H N N 145 
HOH H2   H N N 146 
ILE N    N N N 147 
ILE CA   C N S 148 
ILE C    C N N 149 
ILE O    O N N 150 
ILE CB   C N S 151 
ILE CG1  C N N 152 
ILE CG2  C N N 153 
ILE CD1  C N N 154 
ILE OXT  O N N 155 
ILE H    H N N 156 
ILE H2   H N N 157 
ILE HA   H N N 158 
ILE HB   H N N 159 
ILE HG12 H N N 160 
ILE HG13 H N N 161 
ILE HG21 H N N 162 
ILE HG22 H N N 163 
ILE HG23 H N N 164 
ILE HD11 H N N 165 
ILE HD12 H N N 166 
ILE HD13 H N N 167 
ILE HXT  H N N 168 
LEU N    N N N 169 
LEU CA   C N S 170 
LEU C    C N N 171 
LEU O    O N N 172 
LEU CB   C N N 173 
LEU CG   C N N 174 
LEU CD1  C N N 175 
LEU CD2  C N N 176 
LEU OXT  O N N 177 
LEU H    H N N 178 
LEU H2   H N N 179 
LEU HA   H N N 180 
LEU HB2  H N N 181 
LEU HB3  H N N 182 
LEU HG   H N N 183 
LEU HD11 H N N 184 
LEU HD12 H N N 185 
LEU HD13 H N N 186 
LEU HD21 H N N 187 
LEU HD22 H N N 188 
LEU HD23 H N N 189 
LEU HXT  H N N 190 
LYS N    N N N 191 
LYS CA   C N S 192 
LYS C    C N N 193 
LYS O    O N N 194 
LYS CB   C N N 195 
LYS CG   C N N 196 
LYS CD   C N N 197 
LYS CE   C N N 198 
LYS NZ   N N N 199 
LYS OXT  O N N 200 
LYS H    H N N 201 
LYS H2   H N N 202 
LYS HA   H N N 203 
LYS HB2  H N N 204 
LYS HB3  H N N 205 
LYS HG2  H N N 206 
LYS HG3  H N N 207 
LYS HD2  H N N 208 
LYS HD3  H N N 209 
LYS HE2  H N N 210 
LYS HE3  H N N 211 
LYS HZ1  H N N 212 
LYS HZ2  H N N 213 
LYS HZ3  H N N 214 
LYS HXT  H N N 215 
MET N    N N N 216 
MET CA   C N S 217 
MET C    C N N 218 
MET O    O N N 219 
MET CB   C N N 220 
MET CG   C N N 221 
MET SD   S N N 222 
MET CE   C N N 223 
MET OXT  O N N 224 
MET H    H N N 225 
MET H2   H N N 226 
MET HA   H N N 227 
MET HB2  H N N 228 
MET HB3  H N N 229 
MET HG2  H N N 230 
MET HG3  H N N 231 
MET HE1  H N N 232 
MET HE2  H N N 233 
MET HE3  H N N 234 
MET HXT  H N N 235 
PHE N    N N N 236 
PHE CA   C N S 237 
PHE C    C N N 238 
PHE O    O N N 239 
PHE CB   C N N 240 
PHE CG   C Y N 241 
PHE CD1  C Y N 242 
PHE CD2  C Y N 243 
PHE CE1  C Y N 244 
PHE CE2  C Y N 245 
PHE CZ   C Y N 246 
PHE OXT  O N N 247 
PHE H    H N N 248 
PHE H2   H N N 249 
PHE HA   H N N 250 
PHE HB2  H N N 251 
PHE HB3  H N N 252 
PHE HD1  H N N 253 
PHE HD2  H N N 254 
PHE HE1  H N N 255 
PHE HE2  H N N 256 
PHE HZ   H N N 257 
PHE HXT  H N N 258 
PRO N    N N N 259 
PRO CA   C N S 260 
PRO C    C N N 261 
PRO O    O N N 262 
PRO CB   C N N 263 
PRO CG   C N N 264 
PRO CD   C N N 265 
PRO OXT  O N N 266 
PRO H    H N N 267 
PRO HA   H N N 268 
PRO HB2  H N N 269 
PRO HB3  H N N 270 
PRO HG2  H N N 271 
PRO HG3  H N N 272 
PRO HD2  H N N 273 
PRO HD3  H N N 274 
PRO HXT  H N N 275 
SER N    N N N 276 
SER CA   C N S 277 
SER C    C N N 278 
SER O    O N N 279 
SER CB   C N N 280 
SER OG   O N N 281 
SER OXT  O N N 282 
SER H    H N N 283 
SER H2   H N N 284 
SER HA   H N N 285 
SER HB2  H N N 286 
SER HB3  H N N 287 
SER HG   H N N 288 
SER HXT  H N N 289 
THR N    N N N 290 
THR CA   C N S 291 
THR C    C N N 292 
THR O    O N N 293 
THR CB   C N R 294 
THR OG1  O N N 295 
THR CG2  C N N 296 
THR OXT  O N N 297 
THR H    H N N 298 
THR H2   H N N 299 
THR HA   H N N 300 
THR HB   H N N 301 
THR HG1  H N N 302 
THR HG21 H N N 303 
THR HG22 H N N 304 
THR HG23 H N N 305 
THR HXT  H N N 306 
TYR N    N N N 307 
TYR CA   C N S 308 
TYR C    C N N 309 
TYR O    O N N 310 
TYR CB   C N N 311 
TYR CG   C Y N 312 
TYR CD1  C Y N 313 
TYR CD2  C Y N 314 
TYR CE1  C Y N 315 
TYR CE2  C Y N 316 
TYR CZ   C Y N 317 
TYR OH   O N N 318 
TYR OXT  O N N 319 
TYR H    H N N 320 
TYR H2   H N N 321 
TYR HA   H N N 322 
TYR HB2  H N N 323 
TYR HB3  H N N 324 
TYR HD1  H N N 325 
TYR HD2  H N N 326 
TYR HE1  H N N 327 
TYR HE2  H N N 328 
TYR HH   H N N 329 
TYR HXT  H N N 330 
VAL N    N N N 331 
VAL CA   C N S 332 
VAL C    C N N 333 
VAL O    O N N 334 
VAL CB   C N N 335 
VAL CG1  C N N 336 
VAL CG2  C N N 337 
VAL OXT  O N N 338 
VAL H    H N N 339 
VAL H2   H N N 340 
VAL HA   H N N 341 
VAL HB   H N N 342 
VAL HG11 H N N 343 
VAL HG12 H N N 344 
VAL HG13 H N N 345 
VAL HG21 H N N 346 
VAL HG22 H N N 347 
VAL HG23 H N N 348 
VAL HXT  H N N 349 
# 
loop_
_chem_comp_bond.comp_id 
_chem_comp_bond.atom_id_1 
_chem_comp_bond.atom_id_2 
_chem_comp_bond.value_order 
_chem_comp_bond.pdbx_aromatic_flag 
_chem_comp_bond.pdbx_stereo_config 
_chem_comp_bond.pdbx_ordinal 
ALA N   CA   sing N N 1   
ALA N   H    sing N N 2   
ALA N   H2   sing N N 3   
ALA CA  C    sing N N 4   
ALA CA  CB   sing N N 5   
ALA CA  HA   sing N N 6   
ALA C   O    doub N N 7   
ALA C   OXT  sing N N 8   
ALA CB  HB1  sing N N 9   
ALA CB  HB2  sing N N 10  
ALA CB  HB3  sing N N 11  
ALA OXT HXT  sing N N 12  
ARG N   CA   sing N N 13  
ARG N   H    sing N N 14  
ARG N   H2   sing N N 15  
ARG CA  C    sing N N 16  
ARG CA  CB   sing N N 17  
ARG CA  HA   sing N N 18  
ARG C   O    doub N N 19  
ARG C   OXT  sing N N 20  
ARG CB  CG   sing N N 21  
ARG CB  HB2  sing N N 22  
ARG CB  HB3  sing N N 23  
ARG CG  CD   sing N N 24  
ARG CG  HG2  sing N N 25  
ARG CG  HG3  sing N N 26  
ARG CD  NE   sing N N 27  
ARG CD  HD2  sing N N 28  
ARG CD  HD3  sing N N 29  
ARG NE  CZ   sing N N 30  
ARG NE  HE   sing N N 31  
ARG CZ  NH1  sing N N 32  
ARG CZ  NH2  doub N N 33  
ARG NH1 HH11 sing N N 34  
ARG NH1 HH12 sing N N 35  
ARG NH2 HH21 sing N N 36  
ARG NH2 HH22 sing N N 37  
ARG OXT HXT  sing N N 38  
ASN N   CA   sing N N 39  
ASN N   H    sing N N 40  
ASN N   H2   sing N N 41  
ASN CA  C    sing N N 42  
ASN CA  CB   sing N N 43  
ASN CA  HA   sing N N 44  
ASN C   O    doub N N 45  
ASN C   OXT  sing N N 46  
ASN CB  CG   sing N N 47  
ASN CB  HB2  sing N N 48  
ASN CB  HB3  sing N N 49  
ASN CG  OD1  doub N N 50  
ASN CG  ND2  sing N N 51  
ASN ND2 HD21 sing N N 52  
ASN ND2 HD22 sing N N 53  
ASN OXT HXT  sing N N 54  
ASP N   CA   sing N N 55  
ASP N   H    sing N N 56  
ASP N   H2   sing N N 57  
ASP CA  C    sing N N 58  
ASP CA  CB   sing N N 59  
ASP CA  HA   sing N N 60  
ASP C   O    doub N N 61  
ASP C   OXT  sing N N 62  
ASP CB  CG   sing N N 63  
ASP CB  HB2  sing N N 64  
ASP CB  HB3  sing N N 65  
ASP CG  OD1  doub N N 66  
ASP CG  OD2  sing N N 67  
ASP OD2 HD2  sing N N 68  
ASP OXT HXT  sing N N 69  
GLN N   CA   sing N N 70  
GLN N   H    sing N N 71  
GLN N   H2   sing N N 72  
GLN CA  C    sing N N 73  
GLN CA  CB   sing N N 74  
GLN CA  HA   sing N N 75  
GLN C   O    doub N N 76  
GLN C   OXT  sing N N 77  
GLN CB  CG   sing N N 78  
GLN CB  HB2  sing N N 79  
GLN CB  HB3  sing N N 80  
GLN CG  CD   sing N N 81  
GLN CG  HG2  sing N N 82  
GLN CG  HG3  sing N N 83  
GLN CD  OE1  doub N N 84  
GLN CD  NE2  sing N N 85  
GLN NE2 HE21 sing N N 86  
GLN NE2 HE22 sing N N 87  
GLN OXT HXT  sing N N 88  
GLU N   CA   sing N N 89  
GLU N   H    sing N N 90  
GLU N   H2   sing N N 91  
GLU CA  C    sing N N 92  
GLU CA  CB   sing N N 93  
GLU CA  HA   sing N N 94  
GLU C   O    doub N N 95  
GLU C   OXT  sing N N 96  
GLU CB  CG   sing N N 97  
GLU CB  HB2  sing N N 98  
GLU CB  HB3  sing N N 99  
GLU CG  CD   sing N N 100 
GLU CG  HG2  sing N N 101 
GLU CG  HG3  sing N N 102 
GLU CD  OE1  doub N N 103 
GLU CD  OE2  sing N N 104 
GLU OE2 HE2  sing N N 105 
GLU OXT HXT  sing N N 106 
GLY N   CA   sing N N 107 
GLY N   H    sing N N 108 
GLY N   H2   sing N N 109 
GLY CA  C    sing N N 110 
GLY CA  HA2  sing N N 111 
GLY CA  HA3  sing N N 112 
GLY C   O    doub N N 113 
GLY C   OXT  sing N N 114 
GLY OXT HXT  sing N N 115 
HIS N   CA   sing N N 116 
HIS N   H    sing N N 117 
HIS N   H2   sing N N 118 
HIS CA  C    sing N N 119 
HIS CA  CB   sing N N 120 
HIS CA  HA   sing N N 121 
HIS C   O    doub N N 122 
HIS C   OXT  sing N N 123 
HIS CB  CG   sing N N 124 
HIS CB  HB2  sing N N 125 
HIS CB  HB3  sing N N 126 
HIS CG  ND1  sing Y N 127 
HIS CG  CD2  doub Y N 128 
HIS ND1 CE1  doub Y N 129 
HIS ND1 HD1  sing N N 130 
HIS CD2 NE2  sing Y N 131 
HIS CD2 HD2  sing N N 132 
HIS CE1 NE2  sing Y N 133 
HIS CE1 HE1  sing N N 134 
HIS NE2 HE2  sing N N 135 
HIS OXT HXT  sing N N 136 
HOH O   H1   sing N N 137 
HOH O   H2   sing N N 138 
ILE N   CA   sing N N 139 
ILE N   H    sing N N 140 
ILE N   H2   sing N N 141 
ILE CA  C    sing N N 142 
ILE CA  CB   sing N N 143 
ILE CA  HA   sing N N 144 
ILE C   O    doub N N 145 
ILE C   OXT  sing N N 146 
ILE CB  CG1  sing N N 147 
ILE CB  CG2  sing N N 148 
ILE CB  HB   sing N N 149 
ILE CG1 CD1  sing N N 150 
ILE CG1 HG12 sing N N 151 
ILE CG1 HG13 sing N N 152 
ILE CG2 HG21 sing N N 153 
ILE CG2 HG22 sing N N 154 
ILE CG2 HG23 sing N N 155 
ILE CD1 HD11 sing N N 156 
ILE CD1 HD12 sing N N 157 
ILE CD1 HD13 sing N N 158 
ILE OXT HXT  sing N N 159 
LEU N   CA   sing N N 160 
LEU N   H    sing N N 161 
LEU N   H2   sing N N 162 
LEU CA  C    sing N N 163 
LEU CA  CB   sing N N 164 
LEU CA  HA   sing N N 165 
LEU C   O    doub N N 166 
LEU C   OXT  sing N N 167 
LEU CB  CG   sing N N 168 
LEU CB  HB2  sing N N 169 
LEU CB  HB3  sing N N 170 
LEU CG  CD1  sing N N 171 
LEU CG  CD2  sing N N 172 
LEU CG  HG   sing N N 173 
LEU CD1 HD11 sing N N 174 
LEU CD1 HD12 sing N N 175 
LEU CD1 HD13 sing N N 176 
LEU CD2 HD21 sing N N 177 
LEU CD2 HD22 sing N N 178 
LEU CD2 HD23 sing N N 179 
LEU OXT HXT  sing N N 180 
LYS N   CA   sing N N 181 
LYS N   H    sing N N 182 
LYS N   H2   sing N N 183 
LYS CA  C    sing N N 184 
LYS CA  CB   sing N N 185 
LYS CA  HA   sing N N 186 
LYS C   O    doub N N 187 
LYS C   OXT  sing N N 188 
LYS CB  CG   sing N N 189 
LYS CB  HB2  sing N N 190 
LYS CB  HB3  sing N N 191 
LYS CG  CD   sing N N 192 
LYS CG  HG2  sing N N 193 
LYS CG  HG3  sing N N 194 
LYS CD  CE   sing N N 195 
LYS CD  HD2  sing N N 196 
LYS CD  HD3  sing N N 197 
LYS CE  NZ   sing N N 198 
LYS CE  HE2  sing N N 199 
LYS CE  HE3  sing N N 200 
LYS NZ  HZ1  sing N N 201 
LYS NZ  HZ2  sing N N 202 
LYS NZ  HZ3  sing N N 203 
LYS OXT HXT  sing N N 204 
MET N   CA   sing N N 205 
MET N   H    sing N N 206 
MET N   H2   sing N N 207 
MET CA  C    sing N N 208 
MET CA  CB   sing N N 209 
MET CA  HA   sing N N 210 
MET C   O    doub N N 211 
MET C   OXT  sing N N 212 
MET CB  CG   sing N N 213 
MET CB  HB2  sing N N 214 
MET CB  HB3  sing N N 215 
MET CG  SD   sing N N 216 
MET CG  HG2  sing N N 217 
MET CG  HG3  sing N N 218 
MET SD  CE   sing N N 219 
MET CE  HE1  sing N N 220 
MET CE  HE2  sing N N 221 
MET CE  HE3  sing N N 222 
MET OXT HXT  sing N N 223 
PHE N   CA   sing N N 224 
PHE N   H    sing N N 225 
PHE N   H2   sing N N 226 
PHE CA  C    sing N N 227 
PHE CA  CB   sing N N 228 
PHE CA  HA   sing N N 229 
PHE C   O    doub N N 230 
PHE C   OXT  sing N N 231 
PHE CB  CG   sing N N 232 
PHE CB  HB2  sing N N 233 
PHE CB  HB3  sing N N 234 
PHE CG  CD1  doub Y N 235 
PHE CG  CD2  sing Y N 236 
PHE CD1 CE1  sing Y N 237 
PHE CD1 HD1  sing N N 238 
PHE CD2 CE2  doub Y N 239 
PHE CD2 HD2  sing N N 240 
PHE CE1 CZ   doub Y N 241 
PHE CE1 HE1  sing N N 242 
PHE CE2 CZ   sing Y N 243 
PHE CE2 HE2  sing N N 244 
PHE CZ  HZ   sing N N 245 
PHE OXT HXT  sing N N 246 
PRO N   CA   sing N N 247 
PRO N   CD   sing N N 248 
PRO N   H    sing N N 249 
PRO CA  C    sing N N 250 
PRO CA  CB   sing N N 251 
PRO CA  HA   sing N N 252 
PRO C   O    doub N N 253 
PRO C   OXT  sing N N 254 
PRO CB  CG   sing N N 255 
PRO CB  HB2  sing N N 256 
PRO CB  HB3  sing N N 257 
PRO CG  CD   sing N N 258 
PRO CG  HG2  sing N N 259 
PRO CG  HG3  sing N N 260 
PRO CD  HD2  sing N N 261 
PRO CD  HD3  sing N N 262 
PRO OXT HXT  sing N N 263 
SER N   CA   sing N N 264 
SER N   H    sing N N 265 
SER N   H2   sing N N 266 
SER CA  C    sing N N 267 
SER CA  CB   sing N N 268 
SER CA  HA   sing N N 269 
SER C   O    doub N N 270 
SER C   OXT  sing N N 271 
SER CB  OG   sing N N 272 
SER CB  HB2  sing N N 273 
SER CB  HB3  sing N N 274 
SER OG  HG   sing N N 275 
SER OXT HXT  sing N N 276 
THR N   CA   sing N N 277 
THR N   H    sing N N 278 
THR N   H2   sing N N 279 
THR CA  C    sing N N 280 
THR CA  CB   sing N N 281 
THR CA  HA   sing N N 282 
THR C   O    doub N N 283 
THR C   OXT  sing N N 284 
THR CB  OG1  sing N N 285 
THR CB  CG2  sing N N 286 
THR CB  HB   sing N N 287 
THR OG1 HG1  sing N N 288 
THR CG2 HG21 sing N N 289 
THR CG2 HG22 sing N N 290 
THR CG2 HG23 sing N N 291 
THR OXT HXT  sing N N 292 
TYR N   CA   sing N N 293 
TYR N   H    sing N N 294 
TYR N   H2   sing N N 295 
TYR CA  C    sing N N 296 
TYR CA  CB   sing N N 297 
TYR CA  HA   sing N N 298 
TYR C   O    doub N N 299 
TYR C   OXT  sing N N 300 
TYR CB  CG   sing N N 301 
TYR CB  HB2  sing N N 302 
TYR CB  HB3  sing N N 303 
TYR CG  CD1  doub Y N 304 
TYR CG  CD2  sing Y N 305 
TYR CD1 CE1  sing Y N 306 
TYR CD1 HD1  sing N N 307 
TYR CD2 CE2  doub Y N 308 
TYR CD2 HD2  sing N N 309 
TYR CE1 CZ   doub Y N 310 
TYR CE1 HE1  sing N N 311 
TYR CE2 CZ   sing Y N 312 
TYR CE2 HE2  sing N N 313 
TYR CZ  OH   sing N N 314 
TYR OH  HH   sing N N 315 
TYR OXT HXT  sing N N 316 
VAL N   CA   sing N N 317 
VAL N   H    sing N N 318 
VAL N   H2   sing N N 319 
VAL CA  C    sing N N 320 
VAL CA  CB   sing N N 321 
VAL CA  HA   sing N N 322 
VAL C   O    doub N N 323 
VAL C   OXT  sing N N 324 
VAL CB  CG1  sing N N 325 
VAL CB  CG2  sing N N 326 
VAL CB  HB   sing N N 327 
VAL CG1 HG11 sing N N 328 
VAL CG1 HG12 sing N N 329 
VAL CG1 HG13 sing N N 330 
VAL CG2 HG21 sing N N 331 
VAL CG2 HG22 sing N N 332 
VAL CG2 HG23 sing N N 333 
VAL OXT HXT  sing N N 334 
# 
_atom_sites.entry_id                    1ZZK 
_atom_sites.fract_transf_matrix[1][1]   0.00145543 
_atom_sites.fract_transf_matrix[1][2]   0.01309847 
_atom_sites.fract_transf_matrix[1][3]   -0.01474173 
_atom_sites.fract_transf_matrix[2][1]   0.03104828 
_atom_sites.fract_transf_matrix[2][2]   0.00515315 
_atom_sites.fract_transf_matrix[2][3]   0.00764408 
_atom_sites.fract_transf_matrix[3][1]   0.00687526 
_atom_sites.fract_transf_matrix[3][2]   -0.01372864 
_atom_sites.fract_transf_matrix[3][3]   -0.01867054 
_atom_sites.fract_transf_vector[1]      0.216550 
_atom_sites.fract_transf_vector[2]      0.004712 
_atom_sites.fract_transf_vector[3]      0.179180 
# 
loop_
_atom_type.symbol 
C 
N 
O 
S 
# 
loop_
_atom_site.group_PDB 
_atom_site.id 
_atom_site.type_symbol 
_atom_site.label_atom_id 
_atom_site.label_alt_id 
_atom_site.label_comp_id 
_atom_site.label_asym_id 
_atom_site.label_entity_id 
_atom_site.label_seq_id 
_atom_site.pdbx_PDB_ins_code 
_atom_site.Cartn_x 
_atom_site.Cartn_y 
_atom_site.Cartn_z 
_atom_site.occupancy 
_atom_site.B_iso_or_equiv 
_atom_site.pdbx_formal_charge 
_atom_site.auth_seq_id 
_atom_site.auth_comp_id 
_atom_site.auth_asym_id 
_atom_site.auth_atom_id 
_atom_site.pdbx_PDB_model_num 
ATOM   1   N N   . MET A 1 3  ? -9.427  11.370  17.292  1.00 43.32 ? 10  MET A N   1 
ATOM   2   C CA  . MET A 1 3  ? -8.843  10.556  16.188  1.00 35.89 ? 10  MET A CA  1 
ATOM   3   C C   . MET A 1 3  ? -7.837  9.493   16.571  1.00 33.21 ? 10  MET A C   1 
ATOM   4   O O   . MET A 1 3  ? -7.424  8.494   15.904  1.00 35.22 ? 10  MET A O   1 
ATOM   5   C CB  . MET A 1 3  ? -8.348  11.676  15.280  1.00 37.69 ? 10  MET A CB  1 
ATOM   6   C CG  . MET A 1 3  ? -7.064  11.520  14.539  1.00 32.48 ? 10  MET A CG  1 
ATOM   7   S SD  . MET A 1 3  ? -6.179  13.116  14.413  1.00 49.35 ? 10  MET A SD  1 
ATOM   8   C CE  . MET A 1 3  ? -5.594  13.205  16.111  1.00 72.92 ? 10  MET A CE  1 
ATOM   9   N N   . GLY A 1 4  ? -7.293  9.586   17.805  1.00 33.72 ? 11  GLY A N   1 
ATOM   10  C CA  . GLY A 1 4  ? -6.394  8.559   18.285  1.00 30.04 ? 11  GLY A CA  1 
ATOM   11  C C   . GLY A 1 4  ? -4.995  8.721   17.785  1.00 22.33 ? 11  GLY A C   1 
ATOM   12  O O   . GLY A 1 4  ? -4.713  9.532   16.872  1.00 33.18 ? 11  GLY A O   1 
ATOM   13  N N   . PRO A 1 5  ? -4.177  7.871   18.364  1.00 20.91 ? 12  PRO A N   1 
ATOM   14  C CA  . PRO A 1 5  ? -2.735  8.007   18.129  1.00 16.53 ? 12  PRO A CA  1 
ATOM   15  C C   . PRO A 1 5  ? -2.341  7.460   16.785  1.00 12.78 ? 12  PRO A C   1 
ATOM   16  O O   . PRO A 1 5  ? -3.051  6.746   16.058  1.00 14.37 ? 12  PRO A O   1 
ATOM   17  C CB  . PRO A 1 5  ? -2.120  7.151   19.225  1.00 19.82 ? 12  PRO A CB  1 
ATOM   18  C CG  . PRO A 1 5  ? -3.153  6.122   19.458  1.00 23.04 ? 12  PRO A CG  1 
ATOM   19  C CD  . PRO A 1 5  ? -4.503  6.732   19.253  1.00 24.46 ? 12  PRO A CD  1 
ATOM   20  N N   . ILE A 1 6  ? -1.135  7.806   16.410  1.00 10.72 ? 13  ILE A N   1 
ATOM   21  C CA  . ILE A 1 6  ? -0.458  7.229   15.241  1.00 8.59  ? 13  ILE A CA  1 
ATOM   22  C C   . ILE A 1 6  ? -0.061  5.780   15.538  1.00 7.79  ? 13  ILE A C   1 
ATOM   23  O O   . ILE A 1 6  ? 0.564   5.501   16.564  1.00 9.98  ? 13  ILE A O   1 
ATOM   24  C CB  A ILE A 1 6  ? 0.819   8.034   14.898  0.76 10.49 ? 13  ILE A CB  1 
ATOM   25  C CB  B ILE A 1 6  ? 0.780   8.061   14.874  0.24 11.40 ? 13  ILE A CB  1 
ATOM   26  C CG1 A ILE A 1 6  ? 0.474   9.494   14.659  0.76 13.43 ? 13  ILE A CG1 1 
ATOM   27  C CG1 B ILE A 1 6  ? 0.459   9.417   14.271  0.24 11.42 ? 13  ILE A CG1 1 
ATOM   28  C CG2 A ILE A 1 6  ? 1.533   7.400   13.729  0.76 11.41 ? 13  ILE A CG2 1 
ATOM   29  C CG2 B ILE A 1 6  ? 1.674   7.237   13.960  0.24 10.10 ? 13  ILE A CG2 1 
ATOM   30  C CD1 A ILE A 1 6  ? 1.781   10.285  14.507  0.76 21.40 ? 13  ILE A CD1 1 
ATOM   31  C CD1 B ILE A 1 6  ? -0.963  9.781   13.955  0.24 14.22 ? 13  ILE A CD1 1 
ATOM   32  N N   . ILE A 1 7  ? -0.431  4.891   14.658  1.00 6.43  ? 14  ILE A N   1 
ATOM   33  C CA  . ILE A 1 7  ? -0.155  3.455   14.764  1.00 6.16  ? 14  ILE A CA  1 
ATOM   34  C C   . ILE A 1 7  ? 0.314   2.963   13.404  1.00 5.92  ? 14  ILE A C   1 
ATOM   35  O O   . ILE A 1 7  ? 0.288   3.656   12.409  1.00 6.40  ? 14  ILE A O   1 
ATOM   36  C CB  . ILE A 1 7  ? -1.390  2.694   15.248  1.00 6.72  ? 14  ILE A CB  1 
ATOM   37  C CG1 . ILE A 1 7  ? -2.592  2.926   14.375  1.00 8.56  ? 14  ILE A CG1 1 
ATOM   38  C CG2 . ILE A 1 7  ? -1.664  3.037   16.708  1.00 9.45  ? 14  ILE A CG2 1 
ATOM   39  C CD1 . ILE A 1 7  ? -3.721  1.948   14.659  1.00 14.16 ? 14  ILE A CD1 1 
ATOM   40  N N   . THR A 1 8  ? 0.769   1.689   13.417  1.00 7.20  ? 15  THR A N   1 
ATOM   41  C CA  . THR A 1 8  ? 1.240   1.023   12.206  1.00 7.27  ? 15  THR A CA  1 
ATOM   42  C C   . THR A 1 8  ? 0.454   -0.264  11.953  1.00 7.40  ? 15  THR A C   1 
ATOM   43  O O   . THR A 1 8  ? 0.190   -1.054  12.892  1.00 9.94  ? 15  THR A O   1 
ATOM   44  C CB  A THR A 1 8  ? 2.733   0.685   12.356  0.68 9.24  ? 15  THR A CB  1 
ATOM   45  C CB  B THR A 1 8  ? 2.750   0.770   12.242  0.32 8.78  ? 15  THR A CB  1 
ATOM   46  O OG1 A THR A 1 8  ? 3.431   1.959   12.491  0.68 10.44 ? 15  THR A OG1 1 
ATOM   47  O OG1 B THR A 1 8  ? 3.217   0.372   10.975  0.32 9.60  ? 15  THR A OG1 1 
ATOM   48  C CG2 A THR A 1 8  ? 3.276   -0.143  11.238  0.68 11.92 ? 15  THR A CG2 1 
ATOM   49  C CG2 B THR A 1 8  ? 2.972   -0.389  13.190  0.32 10.07 ? 15  THR A CG2 1 
ATOM   50  N N   . THR A 1 9  ? 0.198   -0.530  10.699  1.00 7.19  ? 16  THR A N   1 
ATOM   51  C CA  . THR A 1 9  ? -0.338  -1.798  10.266  1.00 7.69  ? 16  THR A CA  1 
ATOM   52  C C   . THR A 1 9  ? 0.389   -2.213  8.997   1.00 7.00  ? 16  THR A C   1 
ATOM   53  O O   . THR A 1 9  ? 0.835   -1.397  8.224   1.00 14.19 ? 16  THR A O   1 
ATOM   54  C CB  A THR A 1 9  ? -1.852  -1.497  9.931   0.51 11.64 ? 16  THR A CB  1 
ATOM   55  C CB  B THR A 1 9  ? -1.852  -1.908  10.028  0.49 9.58  ? 16  THR A CB  1 
ATOM   56  O OG1 A THR A 1 9  ? -2.576  -1.161  11.162  0.51 12.98 ? 16  THR A OG1 1 
ATOM   57  O OG1 B THR A 1 9  ? -2.139  -3.331  10.068  0.49 9.02  ? 16  THR A OG1 1 
ATOM   58  C CG2 A THR A 1 9  ? -2.626  -2.623  9.239   0.51 9.84  ? 16  THR A CG2 1 
ATOM   59  C CG2 B THR A 1 9  ? -2.179  -1.329  8.681   0.49 11.30 ? 16  THR A CG2 1 
ATOM   60  N N   . GLN A 1 10 ? 0.458   -3.498  8.786   1.00 7.33  ? 17  GLN A N   1 
ATOM   61  C CA  . GLN A 1 10 ? 1.002   -4.058  7.552   1.00 6.97  ? 17  GLN A CA  1 
ATOM   62  C C   . GLN A 1 10 ? -0.088  -4.794  6.796   1.00 7.78  ? 17  GLN A C   1 
ATOM   63  O O   . GLN A 1 10 ? -0.969  -5.425  7.381   1.00 9.10  ? 17  GLN A O   1 
ATOM   64  C CB  . GLN A 1 10 ? 2.171   -4.964  7.843   1.00 7.51  ? 17  GLN A CB  1 
ATOM   65  C CG  . GLN A 1 10 ? 3.340   -4.200  8.457   1.00 7.44  ? 17  GLN A CG  1 
ATOM   66  C CD  . GLN A 1 10 ? 4.538   -5.058  8.729   1.00 7.23  ? 17  GLN A CD  1 
ATOM   67  O OE1 . GLN A 1 10 ? 4.426   -6.193  9.206   1.00 8.39  ? 17  GLN A OE1 1 
ATOM   68  N NE2 . GLN A 1 10 ? 5.694   -4.520  8.393   1.00 8.28  ? 17  GLN A NE2 1 
ATOM   69  N N   . VAL A 1 11 ? 0.010   -4.791  5.472   1.00 7.81  ? 18  VAL A N   1 
ATOM   70  C CA  . VAL A 1 11 ? -0.813  -5.599  4.577   1.00 8.50  ? 18  VAL A CA  1 
ATOM   71  C C   . VAL A 1 11 ? 0.144   -6.301  3.609   1.00 7.42  ? 18  VAL A C   1 
ATOM   72  O O   . VAL A 1 11 ? 1.257   -5.864  3.369   1.00 8.48  ? 18  VAL A O   1 
ATOM   73  C CB  . VAL A 1 11 ? -1.879  -4.766  3.807   1.00 10.69 ? 18  VAL A CB  1 
ATOM   74  C CG1 . VAL A 1 11 ? -2.824  -4.031  4.789   1.00 14.04 ? 18  VAL A CG1 1 
ATOM   75  C CG2 . VAL A 1 11 ? -1.303  -3.760  2.868   1.00 11.68 ? 18  VAL A CG2 1 
ATOM   76  N N   . THR A 1 12 ? -0.337  -7.399  3.034   1.00 9.91  ? 19  THR A N   1 
ATOM   77  C CA  . THR A 1 12 ? 0.455   -8.157  2.062   1.00 8.72  ? 19  THR A CA  1 
ATOM   78  C C   . THR A 1 12 ? -0.204  -8.138  0.707   1.00 9.10  ? 19  THR A C   1 
ATOM   79  O O   . THR A 1 12 ? -1.423  -8.263  0.604   1.00 12.17 ? 19  THR A O   1 
ATOM   80  C CB  . THR A 1 12 ? 0.637   -9.601  2.568   1.00 11.97 ? 19  THR A CB  1 
ATOM   81  O OG1 . THR A 1 12 ? -0.611  -10.311 2.638   1.00 16.56 ? 19  THR A OG1 1 
ATOM   82  C CG2 . THR A 1 12 ? 1.273   -9.595  3.916   1.00 15.16 ? 19  THR A CG2 1 
ATOM   83  N N   . ILE A 1 13 ? 0.605   -7.979  -0.347  1.00 8.87  ? 20  ILE A N   1 
ATOM   84  C CA  . ILE A 1 13 ? 0.141   -7.950  -1.708  1.00 9.10  ? 20  ILE A CA  1 
ATOM   85  C C   . ILE A 1 13 ? 0.955   -8.962  -2.504  1.00 8.98  ? 20  ILE A C   1 
ATOM   86  O O   . ILE A 1 13 ? 2.189   -8.959  -2.404  1.00 9.83  ? 20  ILE A O   1 
ATOM   87  C CB  A ILE A 1 13 ? 0.192   -6.560  -2.363  0.71 9.42  ? 20  ILE A CB  1 
ATOM   88  C CB  B ILE A 1 13 ? 0.347   -6.588  -2.358  0.29 9.99  ? 20  ILE A CB  1 
ATOM   89  C CG1 A ILE A 1 13 ? -0.570  -5.517  -1.562  0.71 8.32  ? 20  ILE A CG1 1 
ATOM   90  C CG1 B ILE A 1 13 ? -0.315  -6.520  -3.739  0.29 14.83 ? 20  ILE A CG1 1 
ATOM   91  C CG2 A ILE A 1 13 ? -0.301  -6.613  -3.799  0.71 9.73  ? 20  ILE A CG2 1 
ATOM   92  C CG2 B ILE A 1 13 ? 1.822   -6.219  -2.417  0.29 15.75 ? 20  ILE A CG2 1 
ATOM   93  C CD1 A ILE A 1 13 ? -0.460  -4.098  -2.135  0.71 8.77  ? 20  ILE A CD1 1 
ATOM   94  C CD1 B ILE A 1 13 ? -0.467  -5.041  -4.048  0.29 21.36 ? 20  ILE A CD1 1 
ATOM   95  N N   . PRO A 1 14 ? 0.358   -9.853  -3.293  1.00 9.69  ? 21  PRO A N   1 
ATOM   96  C CA  . PRO A 1 14 ? 1.151   -10.789 -4.090  1.00 10.06 ? 21  PRO A CA  1 
ATOM   97  C C   . PRO A 1 14 ? 2.218   -10.061 -4.901  1.00 9.62  ? 21  PRO A C   1 
ATOM   98  O O   . PRO A 1 14 ? 1.962   -9.003  -5.460  1.00 9.69  ? 21  PRO A O   1 
ATOM   99  C CB  . PRO A 1 14 ? 0.110   -11.471 -4.970  1.00 11.63 ? 21  PRO A CB  1 
ATOM   100 C CG  . PRO A 1 14 ? -1.125  -11.461 -4.126  1.00 12.99 ? 21  PRO A CG  1 
ATOM   101 C CD  . PRO A 1 14 ? -1.082  -10.080 -3.456  1.00 11.30 ? 21  PRO A CD  1 
ATOM   102 N N   . LYS A 1 15 ? 3.402   -10.671 -4.982  1.00 9.49  ? 22  LYS A N   1 
ATOM   103 C CA  . LYS A 1 15 ? 4.506   -9.973  -5.658  1.00 9.61  ? 22  LYS A CA  1 
ATOM   104 C C   . LYS A 1 15 ? 4.203   -9.613  -7.087  1.00 9.44  ? 22  LYS A C   1 
ATOM   105 O O   . LYS A 1 15 ? 4.718   -8.577  -7.559  1.00 10.69 ? 22  LYS A O   1 
ATOM   106 C CB  . LYS A 1 15 ? 5.795   -10.827 -5.617  1.00 10.35 ? 22  LYS A CB  1 
ATOM   107 C CG  . LYS A 1 15 ? 6.424   -10.885 -4.246  1.00 10.48 ? 22  LYS A CG  1 
ATOM   108 C CD  . LYS A 1 15 ? 7.787   -11.505 -4.246  1.00 13.26 ? 22  LYS A CD  1 
ATOM   109 C CE  . LYS A 1 15 ? 8.456   -11.495 -2.898  1.00 12.09 ? 22  LYS A CE  1 
ATOM   110 N NZ  . LYS A 1 15 ? 9.687   -12.284 -2.866  1.00 23.61 ? 22  LYS A NZ  1 
ATOM   111 N N   . ASP A 1 16 ? 3.455   -10.450 -7.802  1.00 9.92  ? 23  ASP A N   1 
ATOM   112 C CA  . ASP A 1 16 ? 3.174   -10.164 -9.201  1.00 10.46 ? 23  ASP A CA  1 
ATOM   113 C C   . ASP A 1 16 ? 2.109   -9.082  -9.367  1.00 10.37 ? 23  ASP A C   1 
ATOM   114 O O   . ASP A 1 16 ? 1.902   -8.604  -10.506 1.00 13.87 ? 23  ASP A O   1 
ATOM   115 C CB  . ASP A 1 16 ? 2.790   -11.387 -10.029 1.00 12.22 ? 23  ASP A CB  1 
ATOM   116 C CG  . ASP A 1 16 ? 1.562   -12.104 -9.562  1.00 13.69 ? 23  ASP A CG  1 
ATOM   117 O OD1 . ASP A 1 16 ? 1.096   -11.868 -8.422  1.00 19.14 ? 23  ASP A OD1 1 
ATOM   118 O OD2 . ASP A 1 16 ? 1.105   -12.946 -10.344 1.00 19.47 ? 23  ASP A OD2 1 
ATOM   119 N N   . LEU A 1 17 ? 1.439   -8.664  -8.295  1.00 10.04 ? 24  LEU A N   1 
ATOM   120 C CA  . LEU A 1 17 ? 0.446   -7.561  -8.359  1.00 9.91  ? 24  LEU A CA  1 
ATOM   121 C C   . LEU A 1 17 ? 0.972   -6.276  -7.755  1.00 10.14 ? 24  LEU A C   1 
ATOM   122 O O   . LEU A 1 17 ? 0.369   -5.225  -7.922  1.00 11.81 ? 24  LEU A O   1 
ATOM   123 C CB  . LEU A 1 17 ? -0.825  -7.991  -7.626  1.00 11.50 ? 24  LEU A CB  1 
ATOM   124 C CG  . LEU A 1 17 ? -1.479  -9.256  -8.116  1.00 12.31 ? 24  LEU A CG  1 
ATOM   125 C CD1 . LEU A 1 17 ? -2.798  -9.520  -7.334  1.00 15.87 ? 24  LEU A CD1 1 
ATOM   126 C CD2 . LEU A 1 17 ? -1.748  -9.273  -9.614  1.00 16.16 ? 24  LEU A CD2 1 
ATOM   127 N N   . ALA A 1 18 ? 2.036   -6.341  -6.966  1.00 11.27 ? 25  ALA A N   1 
ATOM   128 C CA  . ALA A 1 18 ? 2.436   -5.213  -6.177  1.00 11.88 ? 25  ALA A CA  1 
ATOM   129 C C   . ALA A 1 18 ? 2.796   -4.002  -7.035  1.00 11.84 ? 25  ALA A C   1 
ATOM   130 O O   . ALA A 1 18 ? 2.635   -2.856  -6.531  1.00 13.97 ? 25  ALA A O   1 
ATOM   131 C CB  . ALA A 1 18 ? 3.539   -5.600  -5.221  1.00 15.28 ? 25  ALA A CB  1 
ATOM   132 N N   . GLY A 1 19 ? 3.266   -4.152  -8.271  1.00 14.74 ? 26  GLY A N   1 
ATOM   133 C CA  . GLY A 1 19 ? 3.475   -3.054  -9.175  1.00 16.11 ? 26  GLY A CA  1 
ATOM   134 C C   . GLY A 1 19 ? 2.254   -2.186  -9.354  1.00 13.89 ? 26  GLY A C   1 
ATOM   135 O O   . GLY A 1 19 ? 2.405   -0.960  -9.696  1.00 20.01 ? 26  GLY A O   1 
ATOM   136 N N   . SER A 1 20 ? 1.056   -2.683  -9.148  1.00 13.12 ? 27  SER A N   1 
ATOM   137 C CA  . SER A 1 20 ? -0.156  -1.871  -9.283  1.00 13.66 ? 27  SER A CA  1 
ATOM   138 C C   . SER A 1 20 ? -0.127  -0.624  -8.397  1.00 11.20 ? 27  SER A C   1 
ATOM   139 O O   . SER A 1 20 ? -0.791  0.352   -8.733  1.00 14.59 ? 27  SER A O   1 
ATOM   140 C CB  . SER A 1 20 ? -1.290  -2.791  -8.829  1.00 15.63 ? 27  SER A CB  1 
ATOM   141 O OG  A SER A 1 20 ? -1.772  -3.884  -9.434  0.58 11.91 ? 27  SER A OG  1 
ATOM   142 O OG  B SER A 1 20 ? -1.415  -3.064  -7.495  0.41 21.01 ? 27  SER A OG  1 
ATOM   143 N N   . ILE A 1 21 ? 0.584   -0.682  -7.277  1.00 9.80  ? 28  ILE A N   1 
ATOM   144 C CA  . ILE A 1 21 ? 0.529   0.407   -6.313  1.00 9.71  ? 28  ILE A CA  1 
ATOM   145 C C   . ILE A 1 21 ? 1.697   1.346   -6.420  1.00 10.72 ? 28  ILE A C   1 
ATOM   146 O O   . ILE A 1 21 ? 1.718   2.350   -5.712  1.00 12.97 ? 28  ILE A O   1 
ATOM   147 C CB  . ILE A 1 21 ? 0.344   -0.080  -4.858  1.00 10.82 ? 28  ILE A CB  1 
ATOM   148 C CG1 . ILE A 1 21 ? 1.605   -0.782  -4.337  1.00 16.07 ? 28  ILE A CG1 1 
ATOM   149 C CG2 . ILE A 1 21 ? -0.837  -0.976  -4.678  1.00 14.34 ? 28  ILE A CG2 1 
ATOM   150 C CD1 . ILE A 1 21 ? 1.809   -0.771  -2.884  1.00 14.07 ? 28  ILE A CD1 1 
ATOM   151 N N   . ILE A 1 22 ? 2.648   1.043   -7.289  1.00 13.05 ? 29  ILE A N   1 
ATOM   152 C CA  . ILE A 1 22 ? 3.857   1.850   -7.377  1.00 14.39 ? 29  ILE A CA  1 
ATOM   153 C C   . ILE A 1 22 ? 3.793   2.853   -8.489  1.00 15.06 ? 29  ILE A C   1 
ATOM   154 O O   . ILE A 1 22 ? 3.773   4.025   -8.153  1.00 14.75 ? 29  ILE A O   1 
ATOM   155 C CB  A ILE A 1 22 ? 5.123   0.973   -7.455  0.74 17.89 ? 29  ILE A CB  1 
ATOM   156 C CB  B ILE A 1 22 ? 5.082   0.933   -7.631  0.26 16.00 ? 29  ILE A CB  1 
ATOM   157 C CG1 A ILE A 1 22 ? 5.080   -0.010  -6.271  0.74 17.92 ? 29  ILE A CG1 1 
ATOM   158 C CG1 B ILE A 1 22 ? 5.444   0.091   -6.413  0.26 18.55 ? 29  ILE A CG1 1 
ATOM   159 C CG2 A ILE A 1 22 ? 6.411   1.798   -7.475  0.74 18.16 ? 29  ILE A CG2 1 
ATOM   160 C CG2 B ILE A 1 22 ? 6.274   1.749   -8.118  0.26 16.66 ? 29  ILE A CG2 1 
ATOM   161 C CD1 A ILE A 1 22 ? 5.256   0.696   -4.921  0.74 22.48 ? 29  ILE A CD1 1 
ATOM   162 C CD1 B ILE A 1 22 ? 5.705   -1.377  -6.650  0.26 23.30 ? 29  ILE A CD1 1 
ATOM   163 N N   . GLY A 1 23 ? 3.765   2.388   -9.734  1.00 18.76 ? 30  GLY A N   1 
ATOM   164 C CA  . GLY A 1 23 ? 3.688   3.302   -10.852 1.00 21.78 ? 30  GLY A CA  1 
ATOM   165 C C   . GLY A 1 23 ? 5.048   3.779   -11.298 1.00 19.62 ? 30  GLY A C   1 
ATOM   166 O O   . GLY A 1 23 ? 6.023   3.655   -10.564 1.00 18.40 ? 30  GLY A O   1 
ATOM   167 N N   . LYS A 1 24 ? 5.059   4.354   -12.515 1.00 23.05 ? 31  LYS A N   1 
ATOM   168 C CA  . LYS A 1 24 ? 6.341   4.913   -12.993 1.00 23.73 ? 31  LYS A CA  1 
ATOM   169 C C   . LYS A 1 24 ? 6.786   6.005   -12.044 1.00 21.07 ? 31  LYS A C   1 
ATOM   170 O O   . LYS A 1 24 ? 5.937   6.827   -11.684 1.00 22.40 ? 31  LYS A O   1 
ATOM   171 C CB  . LYS A 1 24 ? 6.153   5.351   -14.433 1.00 27.18 ? 31  LYS A CB  1 
ATOM   172 C CG  . LYS A 1 24 ? 7.234   6.233   -15.008 0.50 29.30 ? 31  LYS A CG  1 
ATOM   173 C CD  . LYS A 1 24 ? 8.580   5.534   -15.114 0.50 35.64 ? 31  LYS A CD  1 
ATOM   174 C CE  . LYS A 1 24 ? 9.471   6.277   -16.116 0.50 31.06 ? 31  LYS A CE  1 
ATOM   175 N NZ  . LYS A 1 24 ? 9.747   7.671   -15.693 0.50 38.42 ? 31  LYS A NZ  1 
ATOM   176 N N   . GLY A 1 25 ? 8.054   5.963   -11.638 1.00 23.61 ? 32  GLY A N   1 
ATOM   177 C CA  . GLY A 1 25 ? 8.570   6.995   -10.727 1.00 20.61 ? 32  GLY A CA  1 
ATOM   178 C C   . GLY A 1 25 ? 7.901   6.924   -9.377  1.00 17.73 ? 32  GLY A C   1 
ATOM   179 O O   . GLY A 1 25 ? 8.026   7.852   -8.538  1.00 18.65 ? 32  GLY A O   1 
ATOM   180 N N   . GLY A 1 26 ? 7.189   5.816   -9.083  1.00 17.08 ? 33  GLY A N   1 
ATOM   181 C CA  . GLY A 1 26 ? 6.479   5.710   -7.794  1.00 15.57 ? 33  GLY A CA  1 
ATOM   182 C C   . GLY A 1 26 ? 5.326   6.701   -7.749  1.00 14.28 ? 33  GLY A C   1 
ATOM   183 O O   . GLY A 1 26 ? 4.915   7.023   -6.653  1.00 14.71 ? 33  GLY A O   1 
ATOM   184 N N   . GLN A 1 27 ? 4.810   7.147   -8.883  1.00 14.42 ? 34  GLN A N   1 
ATOM   185 C CA  . GLN A 1 27 ? 3.783   8.176   -8.853  1.00 15.69 ? 34  GLN A CA  1 
ATOM   186 C C   . GLN A 1 27 ? 2.518   7.685   -8.143  1.00 13.09 ? 34  GLN A C   1 
ATOM   187 O O   . GLN A 1 27 ? 1.850   8.461   -7.478  1.00 13.80 ? 34  GLN A O   1 
ATOM   188 C CB  A GLN A 1 27 ? 3.425   8.651   -10.275 0.55 19.86 ? 34  GLN A CB  1 
ATOM   189 C CB  B GLN A 1 27 ? 3.464   8.677   -10.262 0.45 20.14 ? 34  GLN A CB  1 
ATOM   190 C CG  A GLN A 1 27 ? 2.866   7.604   -11.184 0.55 22.57 ? 34  GLN A CG  1 
ATOM   191 C CG  B GLN A 1 27 ? 4.593   9.548   -10.789 0.45 24.29 ? 34  GLN A CG  1 
ATOM   192 C CD  A GLN A 1 27 ? 2.227   7.910   -12.506 0.55 33.07 ? 34  GLN A CD  1 
ATOM   193 C CD  B GLN A 1 27 ? 4.994   10.676  -9.856  0.45 28.27 ? 34  GLN A CD  1 
ATOM   194 O OE1 A GLN A 1 27 ? 1.986   9.029   -12.953 0.55 43.56 ? 34  GLN A OE1 1 
ATOM   195 O OE1 B GLN A 1 27 ? 4.266   11.656  -9.649  0.45 29.41 ? 34  GLN A OE1 1 
ATOM   196 N NE2 A GLN A 1 27 ? 1.889   6.847   -13.250 0.55 44.00 ? 34  GLN A NE2 1 
ATOM   197 N NE2 B GLN A 1 27 ? 6.190   10.550  -9.291  0.45 31.32 ? 34  GLN A NE2 1 
ATOM   198 N N   . ARG A 1 28 ? 2.170   6.416   -8.308  1.00 12.35 ? 35  ARG A N   1 
ATOM   199 C CA  . ARG A 1 28 ? 0.938   5.931   -7.687  1.00 11.41 ? 35  ARG A CA  1 
ATOM   200 C C   . ARG A 1 28 ? 1.102   5.917   -6.161  1.00 9.80  ? 35  ARG A C   1 
ATOM   201 O O   . ARG A 1 28 ? 0.184   6.391   -5.465  1.00 10.04 ? 35  ARG A O   1 
ATOM   202 C CB  . ARG A 1 28 ? 0.528   4.598   -8.288  1.00 11.45 ? 35  ARG A CB  1 
ATOM   203 C CG  . ARG A 1 28 ? 0.196   4.611   -9.746  0.80 14.12 ? 35  ARG A CG  1 
ATOM   204 C CD  . ARG A 1 28 ? -0.119  3.187   -10.215 0.80 16.85 ? 35  ARG A CD  1 
ATOM   205 N NE  . ARG A 1 28 ? -0.019  3.134   -11.673 0.80 15.73 ? 35  ARG A NE  1 
ATOM   206 C CZ  . ARG A 1 28 ? 0.073   2.064   -12.435 0.80 16.28 ? 35  ARG A CZ  1 
ATOM   207 N NH1 . ARG A 1 28 ? 0.084   0.886   -11.780 0.80 17.24 ? 35  ARG A NH1 1 
ATOM   208 N NH2 . ARG A 1 28 ? 0.152   2.035   -13.736 0.80 23.41 ? 35  ARG A NH2 1 
ATOM   209 N N   . ILE A 1 29 ? 2.174   5.327   -5.649  1.00 10.03 ? 36  ILE A N   1 
ATOM   210 C CA  . ILE A 1 29 ? 2.304   5.221   -4.188  1.00 8.72  ? 36  ILE A CA  1 
ATOM   211 C C   . ILE A 1 29 ? 2.408   6.628   -3.605  1.00 8.34  ? 36  ILE A C   1 
ATOM   212 O O   . ILE A 1 29 ? 1.876   6.905   -2.528  1.00 8.05  ? 36  ILE A O   1 
ATOM   213 C CB  A ILE A 1 29 ? 3.429   4.278   -3.789  0.58 9.54  ? 36  ILE A CB  1 
ATOM   214 C CB  B ILE A 1 29 ? 3.451   4.336   -3.710  0.42 9.18  ? 36  ILE A CB  1 
ATOM   215 C CG1 A ILE A 1 29 ? 3.438   3.992   -2.283  0.58 12.16 ? 36  ILE A CG1 1 
ATOM   216 C CG1 B ILE A 1 29 ? 3.322   3.983   -2.224  0.42 7.05  ? 36  ILE A CG1 1 
ATOM   217 C CG2 A ILE A 1 29 ? 4.811   4.711   -4.267  0.58 9.90  ? 36  ILE A CG2 1 
ATOM   218 C CG2 B ILE A 1 29 ? 4.837   4.910   -3.972  0.42 9.47  ? 36  ILE A CG2 1 
ATOM   219 C CD1 A ILE A 1 29 ? 2.165   3.280   -1.841  0.58 13.47 ? 36  ILE A CD1 1 
ATOM   220 C CD1 B ILE A 1 29 ? 4.179   2.885   -1.692  0.42 8.82  ? 36  ILE A CD1 1 
ATOM   221 N N   . LYS A 1 30 ? 3.094   7.524   -4.300  1.00 9.23  ? 37  LYS A N   1 
ATOM   222 C CA  . LYS A 1 30 ? 3.182   8.910   -3.852  1.00 8.82  ? 37  LYS A CA  1 
ATOM   223 C C   . LYS A 1 30 ? 1.796   9.513   -3.734  1.00 8.86  ? 37  LYS A C   1 
ATOM   224 O O   . LYS A 1 30 ? 1.477   10.210  -2.770  1.00 9.23  ? 37  LYS A O   1 
ATOM   225 C CB  A LYS A 1 30 ? 4.123   9.681   -4.776  0.65 9.46  ? 37  LYS A CB  1 
ATOM   226 C CB  B LYS A 1 30 ? 3.908   9.785   -4.874  0.35 11.73 ? 37  LYS A CB  1 
ATOM   227 C CG  A LYS A 1 30 ? 5.593   9.240   -4.657  0.65 8.33  ? 37  LYS A CG  1 
ATOM   228 C CG  B LYS A 1 30 ? 3.849   11.299  -4.717  0.35 16.31 ? 37  LYS A CG  1 
ATOM   229 C CD  A LYS A 1 30 ? 6.395   9.990   -5.717  0.65 10.44 ? 37  LYS A CD  1 
ATOM   230 C CD  B LYS A 1 30 ? 4.737   11.981  -5.748  0.35 20.48 ? 37  LYS A CD  1 
ATOM   231 C CE  A LYS A 1 30 ? 7.884   9.817   -5.581  0.65 11.79 ? 37  LYS A CE  1 
ATOM   232 C CE  B LYS A 1 30 ? 4.905   13.439  -5.309  0.35 23.01 ? 37  LYS A CE  1 
ATOM   233 N NZ  A LYS A 1 30 ? 8.312   8.389   -5.772  0.65 11.61 ? 37  LYS A NZ  1 
ATOM   234 N NZ  B LYS A 1 30 ? 5.120   14.212  -6.573  0.35 33.69 ? 37  LYS A NZ  1 
ATOM   235 N N   . GLN A 1 31 ? 0.949   9.251   -4.732  1.00 9.20  ? 38  GLN A N   1 
ATOM   236 C CA  . GLN A 1 31 ? -0.414  9.782   -4.715  1.00 9.72  ? 38  GLN A CA  1 
ATOM   237 C C   . GLN A 1 31 ? -1.271  9.157   -3.608  1.00 8.72  ? 38  GLN A C   1 
ATOM   238 O O   . GLN A 1 31 ? -2.090  9.827   -3.005  1.00 10.06 ? 38  GLN A O   1 
ATOM   239 C CB  A GLN A 1 31 ? -1.077  9.404   -6.060  0.59 11.84 ? 38  GLN A CB  1 
ATOM   240 C CB  B GLN A 1 31 ? -1.102  9.663   -6.092  0.41 11.87 ? 38  GLN A CB  1 
ATOM   241 C CG  A GLN A 1 31 ? -0.508  10.141  -7.229  0.59 19.23 ? 38  GLN A CG  1 
ATOM   242 C CG  B GLN A 1 31 ? -2.472  10.318  -6.145  0.41 13.72 ? 38  GLN A CG  1 
ATOM   243 C CD  A GLN A 1 31 ? -1.013  9.802   -8.616  0.59 26.33 ? 38  GLN A CD  1 
ATOM   244 C CD  B GLN A 1 31 ? -2.475  11.824  -6.112  0.41 19.95 ? 38  GLN A CD  1 
ATOM   245 O OE1 A GLN A 1 31 ? -1.623  8.788   -8.990  0.59 36.15 ? 38  GLN A OE1 1 
ATOM   246 O OE1 B GLN A 1 31 ? -1.423  12.463  -6.227  0.41 24.90 ? 38  GLN A OE1 1 
ATOM   247 N NE2 A GLN A 1 31 ? -0.699  10.738  -9.496  0.59 34.63 ? 38  GLN A NE2 1 
ATOM   248 N NE2 B GLN A 1 31 ? -3.669  12.385  -5.936  0.41 21.10 ? 38  GLN A NE2 1 
ATOM   249 N N   . ILE A 1 32 ? -1.097  7.856   -3.355  1.00 8.29  ? 39  ILE A N   1 
ATOM   250 C CA  . ILE A 1 32 ? -1.854  7.157   -2.316  1.00 8.13  ? 39  ILE A CA  1 
ATOM   251 C C   . ILE A 1 32 ? -1.483  7.705   -0.932  1.00 7.30  ? 39  ILE A C   1 
ATOM   252 O O   . ILE A 1 32 ? -2.362  7.904   -0.076  1.00 7.43  ? 39  ILE A O   1 
ATOM   253 C CB  . ILE A 1 32 ? -1.674  5.642   -2.415  1.00 7.96  ? 39  ILE A CB  1 
ATOM   254 C CG1 . ILE A 1 32 ? -2.260  5.138   -3.736  1.00 9.42  ? 39  ILE A CG1 1 
ATOM   255 C CG2 . ILE A 1 32 ? -2.251  4.937   -1.246  1.00 8.55  ? 39  ILE A CG2 1 
ATOM   256 C CD1 . ILE A 1 32 ? -1.966  3.718   -4.103  1.00 13.09 ? 39  ILE A CD1 1 
ATOM   257 N N   . ARG A 1 33 ? -0.179  7.944   -0.695  1.00 7.09  ? 40  ARG A N   1 
ATOM   258 C CA  . ARG A 1 33 ? 0.222   8.618   0.557   1.00 7.03  ? 40  ARG A CA  1 
ATOM   259 C C   . ARG A 1 33 ? -0.473  9.972   0.680   1.00 7.35  ? 40  ARG A C   1 
ATOM   260 O O   . ARG A 1 33 ? -0.983  10.366  1.723   1.00 8.08  ? 40  ARG A O   1 
ATOM   261 C CB  . ARG A 1 33 ? 1.736   8.790   0.597   1.00 6.92  ? 40  ARG A CB  1 
ATOM   262 C CG  . ARG A 1 33 ? 2.563   7.540   0.642   1.00 6.99  ? 40  ARG A CG  1 
ATOM   263 C CD  . ARG A 1 33 ? 4.008   7.851   0.454   1.00 7.85  ? 40  ARG A CD  1 
ATOM   264 N NE  . ARG A 1 33 ? 4.828   6.662   0.275   1.00 7.87  ? 40  ARG A NE  1 
ATOM   265 C CZ  . ARG A 1 33 ? 5.779   6.496   -0.643  1.00 7.17  ? 40  ARG A CZ  1 
ATOM   266 N NH1 . ARG A 1 33 ? 6.071   7.460   -1.528  1.00 8.30  ? 40  ARG A NH1 1 
ATOM   267 N NH2 . ARG A 1 33 ? 6.427   5.367   -0.687  1.00 7.51  ? 40  ARG A NH2 1 
ATOM   268 N N   . HIS A 1 34 ? -0.409  10.775  -0.399  1.00 8.64  ? 41  HIS A N   1 
ATOM   269 C CA  . HIS A 1 34 ? -0.975  12.107  -0.363  1.00 9.45  ? 41  HIS A CA  1 
ATOM   270 C C   . HIS A 1 34 ? -2.463  12.090  -0.050  1.00 9.63  ? 41  HIS A C   1 
ATOM   271 O O   . HIS A 1 34 ? -3.006  12.873  0.744   1.00 11.34 ? 41  HIS A O   1 
ATOM   272 C CB  . HIS A 1 34 ? -0.639  12.812  -1.688  1.00 12.16 ? 41  HIS A CB  1 
ATOM   273 C CG  . HIS A 1 34 ? -1.202  14.180  -1.772  1.00 20.56 ? 41  HIS A CG  1 
ATOM   274 N ND1 . HIS A 1 34 ? -0.767  15.300  -1.102  1.00 32.44 ? 41  HIS A ND1 1 
ATOM   275 C CD2 . HIS A 1 34 ? -2.297  14.545  -2.426  1.00 26.18 ? 41  HIS A CD2 1 
ATOM   276 C CE1 . HIS A 1 34 ? -1.522  16.347  -1.367  1.00 40.80 ? 41  HIS A CE1 1 
ATOM   277 N NE2 . HIS A 1 34 ? -2.473  15.910  -2.192  1.00 39.92 ? 41  HIS A NE2 1 
ATOM   278 N N   . GLU A 1 35 ? -3.184  11.189  -0.724  1.00 8.75  ? 42  GLU A N   1 
ATOM   279 C CA  . GLU A 1 35 ? -4.640  11.138  -0.553  1.00 9.27  ? 42  GLU A CA  1 
ATOM   280 C C   . GLU A 1 35 ? -5.073  10.661  0.810   1.00 8.91  ? 42  GLU A C   1 
ATOM   281 O O   . GLU A 1 35 ? -6.046  11.123  1.402   1.00 11.20 ? 42  GLU A O   1 
ATOM   282 C CB  A GLU A 1 35 ? -5.294  10.231  -1.612  0.47 12.86 ? 42  GLU A CB  1 
ATOM   283 C CB  B GLU A 1 35 ? -5.220  10.262  -1.664  0.53 9.95  ? 42  GLU A CB  1 
ATOM   284 C CG  A GLU A 1 35 ? -5.630  10.967  -2.888  0.47 16.50 ? 42  GLU A CG  1 
ATOM   285 C CG  B GLU A 1 35 ? -6.719  10.155  -1.648  0.53 12.21 ? 42  GLU A CG  1 
ATOM   286 C CD  A GLU A 1 35 ? -6.877  11.847  -2.806  0.47 21.68 ? 42  GLU A CD  1 
ATOM   287 C CD  B GLU A 1 35 ? -7.490  11.406  -1.906  0.53 12.82 ? 42  GLU A CD  1 
ATOM   288 O OE1 A GLU A 1 35 ? -6.931  12.749  -1.934  0.47 27.83 ? 42  GLU A OE1 1 
ATOM   289 O OE1 B GLU A 1 35 ? -7.055  12.491  -2.292  0.53 16.96 ? 42  GLU A OE1 1 
ATOM   290 O OE2 A GLU A 1 35 ? -7.864  11.677  -3.561  0.47 26.41 ? 42  GLU A OE2 1 
ATOM   291 O OE2 B GLU A 1 35 ? -8.697  11.266  -1.526  0.53 14.90 ? 42  GLU A OE2 1 
ATOM   292 N N   . SER A 1 36 ? -4.354  9.660   1.358   1.00 7.70  ? 43  SER A N   1 
ATOM   293 C CA  . SER A 1 36 ? -4.684  9.100   2.654   1.00 7.44  ? 43  SER A CA  1 
ATOM   294 C C   . SER A 1 36 ? -4.129  9.892   3.825   1.00 7.15  ? 43  SER A C   1 
ATOM   295 O O   . SER A 1 36 ? -4.671  9.853   4.924   1.00 8.47  ? 43  SER A O   1 
ATOM   296 C CB  . SER A 1 36 ? -4.185  7.667   2.778   1.00 7.28  ? 43  SER A CB  1 
ATOM   297 O OG  . SER A 1 36 ? -2.758  7.582   2.722   1.00 6.81  ? 43  SER A OG  1 
ATOM   298 N N   . GLY A 1 37 ? -3.005  10.574  3.601   1.00 7.05  ? 44  GLY A N   1 
ATOM   299 C CA  . GLY A 1 37 ? -2.269  11.200  4.689   1.00 7.25  ? 44  GLY A CA  1 
ATOM   300 C C   . GLY A 1 37 ? -1.350  10.282  5.456   1.00 6.34  ? 44  GLY A C   1 
ATOM   301 O O   . GLY A 1 37 ? -0.689  10.739  6.408   1.00 7.58  ? 44  GLY A O   1 
ATOM   302 N N   . ALA A 1 38 ? -1.291  8.995   5.092   1.00 6.26  ? 45  ALA A N   1 
ATOM   303 C CA  . ALA A 1 38 ? -0.476  8.025   5.776   1.00 5.97  ? 45  ALA A CA  1 
ATOM   304 C C   . ALA A 1 38 ? 0.910   7.915   5.126   1.00 5.33  ? 45  ALA A C   1 
ATOM   305 O O   . ALA A 1 38 ? 1.083   8.116   3.915   1.00 6.52  ? 45  ALA A O   1 
ATOM   306 C CB  . ALA A 1 38 ? -1.138  6.645   5.712   1.00 6.70  ? 45  ALA A CB  1 
ATOM   307 N N   . SER A 1 39 ? 1.885   7.528   5.965   1.00 5.21  ? 46  SER A N   1 
ATOM   308 C CA  . SER A 1 39 ? 3.179   7.071   5.462   1.00 5.16  ? 46  SER A CA  1 
ATOM   309 C C   . SER A 1 39 ? 3.020   5.620   5.011   1.00 5.31  ? 46  SER A C   1 
ATOM   310 O O   . SER A 1 39 ? 2.343   4.830   5.693   1.00 6.78  ? 46  SER A O   1 
ATOM   311 C CB  A SER A 1 39 ? 4.219   7.270   6.543   0.78 5.73  ? 46  SER A CB  1 
ATOM   312 C CB  B SER A 1 39 ? 4.199   7.044   6.600   0.22 4.22  ? 46  SER A CB  1 
ATOM   313 O OG  A SER A 1 39 ? 4.244   8.624   6.972   0.78 6.01  ? 46  SER A OG  1 
ATOM   314 O OG  B SER A 1 39 ? 5.390   6.289   6.370   0.22 7.62  ? 46  SER A OG  1 
ATOM   315 N N   . ILE A 1 40 ? 3.581   5.290   3.845   1.00 5.06  ? 47  ILE A N   1 
ATOM   316 C CA  . ILE A 1 40 ? 3.390   3.966   3.263   1.00 5.48  ? 47  ILE A CA  1 
ATOM   317 C C   . ILE A 1 40 ? 4.720   3.538   2.660   1.00 5.47  ? 47  ILE A C   1 
ATOM   318 O O   . ILE A 1 40 ? 5.278   4.225   1.795   1.00 6.17  ? 47  ILE A O   1 
ATOM   319 C CB  . ILE A 1 40 ? 2.296   3.937   2.178   1.00 5.75  ? 47  ILE A CB  1 
ATOM   320 C CG1 . ILE A 1 40 ? 0.999   4.548   2.664   1.00 6.23  ? 47  ILE A CG1 1 
ATOM   321 C CG2 . ILE A 1 40 ? 2.122   2.470   1.711   1.00 7.10  ? 47  ILE A CG2 1 
ATOM   322 C CD1 . ILE A 1 40 ? -0.061  4.711   1.580   1.00 7.89  ? 47  ILE A CD1 1 
ATOM   323 N N   A LYS A 1 41 ? 5.316   2.486   3.231   0.45 6.33  ? 48  LYS A N   1 
ATOM   324 N N   B LYS A 1 41 ? 5.209   2.377   3.044   0.55 6.44  ? 48  LYS A N   1 
ATOM   325 C CA  A LYS A 1 41 ? 6.640   1.947   2.885   0.45 7.13  ? 48  LYS A CA  1 
ATOM   326 C CA  B LYS A 1 41 ? 6.435   1.894   2.401   0.55 7.19  ? 48  LYS A CA  1 
ATOM   327 C C   A LYS A 1 41 ? 6.499   0.540   2.334   0.45 7.12  ? 48  LYS A C   1 
ATOM   328 C C   B LYS A 1 41 ? 6.145   0.454   2.010   0.55 6.37  ? 48  LYS A C   1 
ATOM   329 O O   A LYS A 1 41 ? 5.861   -0.280  3.010   0.45 8.53  ? 48  LYS A O   1 
ATOM   330 O O   B LYS A 1 41 ? 5.245   -0.228  2.486   0.55 6.13  ? 48  LYS A O   1 
ATOM   331 C CB  A LYS A 1 41 ? 7.558   2.058   4.131   0.45 8.25  ? 48  LYS A CB  1 
ATOM   332 C CB  B LYS A 1 41 ? 7.641   2.046   3.295   0.55 7.95  ? 48  LYS A CB  1 
ATOM   333 C CG  A LYS A 1 41 ? 8.944   1.517   3.877   0.45 11.13 ? 48  LYS A CG  1 
ATOM   334 C CG  B LYS A 1 41 ? 7.514   1.326   4.607   0.55 8.33  ? 48  LYS A CG  1 
ATOM   335 C CD  A LYS A 1 41 ? 9.793   1.405   5.136   0.45 20.06 ? 48  LYS A CD  1 
ATOM   336 C CD  B LYS A 1 41 ? 8.748   1.578   5.518   0.55 14.22 ? 48  LYS A CD  1 
ATOM   337 C CE  A LYS A 1 41 ? 9.670   0.055   5.805   0.45 28.14 ? 48  LYS A CE  1 
ATOM   338 C CE  B LYS A 1 41 ? 8.379   1.046   6.901   0.55 13.04 ? 48  LYS A CE  1 
ATOM   339 N NZ  A LYS A 1 41 ? 8.678   -0.096  6.907   0.45 29.77 ? 48  LYS A NZ  1 
ATOM   340 N NZ  B LYS A 1 41 ? 7.518   2.030   7.578   0.55 15.27 ? 48  LYS A NZ  1 
ATOM   341 N N   A ILE A 1 42 ? 7.033   0.152   1.168   0.53 9.77  ? 49  ILE A N   1 
ATOM   342 N N   B ILE A 1 42 ? 6.997   0.088   1.063   0.47 9.07  ? 49  ILE A N   1 
ATOM   343 C CA  A ILE A 1 42 ? 7.033   -1.244  0.728   0.53 9.78  ? 49  ILE A CA  1 
ATOM   344 C CA  B ILE A 1 42 ? 6.998   -1.233  0.491   0.47 10.25 ? 49  ILE A CA  1 
ATOM   345 C C   A ILE A 1 42 ? 8.383   -1.845  1.060   0.53 10.05 ? 49  ILE A C   1 
ATOM   346 C C   B ILE A 1 42 ? 8.309   -1.916  0.810   0.47 9.58  ? 49  ILE A C   1 
ATOM   347 O O   A ILE A 1 42 ? 9.464   -1.253  1.148   0.53 12.09 ? 49  ILE A O   1 
ATOM   348 O O   B ILE A 1 42 ? 9.328   -1.235  0.583   0.47 10.82 ? 49  ILE A O   1 
ATOM   349 C CB  A ILE A 1 42 ? 6.623   -1.486  -0.752  0.53 12.19 ? 49  ILE A CB  1 
ATOM   350 C CB  B ILE A 1 42 ? 6.769   -1.053  -1.033  0.47 13.38 ? 49  ILE A CB  1 
ATOM   351 C CG1 A ILE A 1 42 ? 6.284   -2.938  -1.099  0.53 10.77 ? 49  ILE A CG1 1 
ATOM   352 C CG1 B ILE A 1 42 ? 5.694   -0.054  -1.456  0.47 19.51 ? 49  ILE A CG1 1 
ATOM   353 C CG2 A ILE A 1 42 ? 7.658   -0.907  -1.730  0.53 14.23 ? 49  ILE A CG2 1 
ATOM   354 C CG2 B ILE A 1 42 ? 6.597   -2.455  -1.625  0.47 16.46 ? 49  ILE A CG2 1 
ATOM   355 C CD1 A ILE A 1 42 ? 5.721   -3.048  -2.525  0.53 10.39 ? 49  ILE A CD1 1 
ATOM   356 C CD1 B ILE A 1 42 ? 5.660   0.049   -3.001  0.47 27.26 ? 49  ILE A CD1 1 
ATOM   357 N N   . ASP A 1 43 ? 8.312   -3.148  1.299   1.00 10.08 ? 50  ASP A N   1 
ATOM   358 C CA  . ASP A 1 43 ? 9.528   -3.900  1.569   1.00 11.14 ? 50  ASP A CA  1 
ATOM   359 C C   . ASP A 1 43 ? 10.406  -4.107  0.362   1.00 12.90 ? 50  ASP A C   1 
ATOM   360 O O   . ASP A 1 43 ? 9.996   -3.814  -0.762  1.00 21.91 ? 50  ASP A O   1 
ATOM   361 C CB  . ASP A 1 43 ? 9.213   -5.230  2.298   1.00 13.90 ? 50  ASP A CB  1 
ATOM   362 C CG  . ASP A 1 43 ? 8.503   -6.258  1.418   1.00 18.85 ? 50  ASP A CG  1 
ATOM   363 O OD1 . ASP A 1 43 ? 8.365   -7.416  1.903   1.00 25.10 ? 50  ASP A OD1 1 
ATOM   364 O OD2 . ASP A 1 43 ? 8.072   -5.913  0.311   1.00 25.79 ? 50  ASP A OD2 1 
ATOM   365 N N   . GLU A 1 44 ? 11.613  -4.634  0.606   1.00 14.04 ? 51  GLU A N   1 
ATOM   366 C CA  . GLU A 1 44 ? 12.509  -4.892  -0.547  1.00 19.34 ? 51  GLU A CA  1 
ATOM   367 C C   . GLU A 1 44 ? 11.950  -6.037  -1.340  1.00 16.05 ? 51  GLU A C   1 
ATOM   368 O O   . GLU A 1 44 ? 11.268  -6.893  -0.801  1.00 14.33 ? 51  GLU A O   1 
ATOM   369 C CB  . GLU A 1 44 ? 13.940  -5.121  -0.065  0.52 21.27 ? 51  GLU A CB  1 
ATOM   370 C CG  . GLU A 1 44 ? 14.551  -3.871  0.588   0.52 22.73 ? 51  GLU A CG  1 
ATOM   371 C CD  . GLU A 1 44 ? 14.637  -2.691  -0.377  0.52 23.41 ? 51  GLU A CD  1 
ATOM   372 O OE1 . GLU A 1 44 ? 15.356  -2.897  -1.378  0.52 35.75 ? 51  GLU A OE1 1 
ATOM   373 O OE2 . GLU A 1 44 ? 14.008  -1.644  -0.129  0.52 21.28 ? 51  GLU A OE2 1 
ATOM   374 N N   . PRO A 1 45 ? 12.242  -6.086  -2.668  1.00 18.78 ? 52  PRO A N   1 
ATOM   375 C CA  . PRO A 1 45 ? 11.519  -6.992  -3.550  1.00 16.34 ? 52  PRO A CA  1 
ATOM   376 C C   . PRO A 1 45 ? 11.794  -8.481  -3.404  1.00 14.24 ? 52  PRO A C   1 
ATOM   377 O O   . PRO A 1 45 ? 11.008  -9.276  -3.865  1.00 15.71 ? 52  PRO A O   1 
ATOM   378 C CB  . PRO A 1 45 ? 11.948  -6.547  -4.918  1.00 18.78 ? 52  PRO A CB  1 
ATOM   379 C CG  . PRO A 1 45 ? 13.131  -5.660  -4.758  1.00 25.67 ? 52  PRO A CG  1 
ATOM   380 C CD  . PRO A 1 45 ? 13.141  -5.148  -3.375  1.00 23.08 ? 52  PRO A CD  1 
ATOM   381 N N   . LEU A 1 46 ? 12.940  -8.863  -2.852  1.00 17.42 ? 53  LEU A N   1 
ATOM   382 C CA  . LEU A 1 46 ? 13.311  -10.287 -2.740  1.00 16.61 ? 53  LEU A CA  1 
ATOM   383 C C   . LEU A 1 46 ? 13.153  -10.792 -1.321  1.00 23.12 ? 53  LEU A C   1 
ATOM   384 O O   . LEU A 1 46 ? 13.661  -11.895 -0.960  1.00 34.83 ? 53  LEU A O   1 
ATOM   385 C CB  . LEU A 1 46 ? 14.772  -10.479 -3.159  1.00 17.46 ? 53  LEU A CB  1 
ATOM   386 C CG  . LEU A 1 46 ? 15.178  -9.876  -4.482  1.00 14.07 ? 53  LEU A CG  1 
ATOM   387 C CD1 . LEU A 1 46 ? 16.653  -10.137 -4.741  1.00 16.88 ? 53  LEU A CD1 1 
ATOM   388 C CD2 . LEU A 1 46 ? 14.324  -10.478 -5.585  1.00 17.24 ? 53  LEU A CD2 1 
ATOM   389 N N   . GLU A 1 47 ? 12.450  -10.008 -0.535  1.00 21.14 ? 54  GLU A N   1 
ATOM   390 C CA  . GLU A 1 47 ? 12.258  -10.498 0.844   1.00 26.34 ? 54  GLU A CA  1 
ATOM   391 C C   . GLU A 1 47 ? 11.291  -11.660 0.744   1.00 34.95 ? 54  GLU A C   1 
ATOM   392 O O   . GLU A 1 47 ? 10.564  -12.113 1.616   1.00 41.84 ? 54  GLU A O   1 
ATOM   393 C CB  . GLU A 1 47 ? 11.857  -9.444  1.834   1.00 23.95 ? 54  GLU A CB  1 
ATOM   394 C CG  . GLU A 1 47 ? 12.675  -8.168  1.906   1.00 42.12 ? 54  GLU A CG  1 
ATOM   395 C CD  . GLU A 1 47 ? 14.143  -8.537  1.995   1.00 45.75 ? 54  GLU A CD  1 
ATOM   396 O OE1 . GLU A 1 47 ? 14.408  -9.511  2.738   1.00 58.17 ? 54  GLU A OE1 1 
ATOM   397 O OE2 . GLU A 1 47 ? 14.989  -7.901  1.344   1.00 80.06 ? 54  GLU A OE2 1 
ATOM   398 N N   . GLY A 1 48 ? 11.301  -12.292 -0.437  0.00 34.52 ? 55  GLY A N   1 
ATOM   399 C CA  . GLY A 1 48 ? 10.674  -13.581 -0.402  1.00 28.99 ? 55  GLY A CA  1 
ATOM   400 C C   . GLY A 1 48 ? 9.180   -13.708 -0.307  0.00 37.05 ? 55  GLY A C   1 
ATOM   401 O O   . GLY A 1 48 ? 8.413   -12.932 -0.871  0.00 37.05 ? 55  GLY A O   1 
ATOM   402 N N   . SER A 1 49 ? 8.768   -14.744 0.423   1.00 38.78 ? 56  SER A N   1 
ATOM   403 C CA  . SER A 1 49 ? 7.387   -15.202 0.454   1.00 36.39 ? 56  SER A CA  1 
ATOM   404 C C   . SER A 1 49 ? 6.827   -14.964 -0.952  1.00 27.48 ? 56  SER A C   1 
ATOM   405 O O   . SER A 1 49 ? 7.555   -14.439 -1.826  1.00 32.91 ? 56  SER A O   1 
ATOM   406 C CB  . SER A 1 49 ? 6.717   -14.512 1.620   1.00 32.56 ? 56  SER A CB  1 
ATOM   407 O OG  . SER A 1 49 ? 5.739   -13.573 1.476   1.00 26.63 ? 56  SER A OG  1 
ATOM   408 N N   . GLU A 1 50 ? 5.583   -15.335 -1.205  1.00 19.79 ? 57  GLU A N   1 
ATOM   409 C CA  . GLU A 1 50 ? 4.874   -14.992 -2.400  1.00 16.61 ? 57  GLU A CA  1 
ATOM   410 C C   . GLU A 1 50 ? 4.376   -13.554 -2.369  1.00 12.30 ? 57  GLU A C   1 
ATOM   411 O O   . GLU A 1 50 ? 3.835   -13.112 -3.404  1.00 13.18 ? 57  GLU A O   1 
ATOM   412 C CB  . GLU A 1 50 ? 3.672   -15.914 -2.509  1.00 23.37 ? 57  GLU A CB  1 
ATOM   413 C CG  . GLU A 1 50 ? 4.007   -17.404 -2.724  1.00 28.86 ? 57  GLU A CG  1 
ATOM   414 C CD  . GLU A 1 50 ? 2.960   -18.089 -3.579  0.00 27.26 ? 57  GLU A CD  1 
ATOM   415 O OE1 . GLU A 1 50 ? 1.802   -18.205 -3.126  0.00 26.89 ? 57  GLU A OE1 1 
ATOM   416 O OE2 . GLU A 1 50 ? 3.295   -18.510 -4.706  0.00 27.27 ? 57  GLU A OE2 1 
ATOM   417 N N   . ASP A 1 51 ? 4.521   -12.836 -1.268  1.00 12.20 ? 58  ASP A N   1 
ATOM   418 C CA  . ASP A 1 51 ? 3.952   -11.545 -1.072  1.00 11.57 ? 58  ASP A CA  1 
ATOM   419 C C   . ASP A 1 51 ? 4.968   -10.454 -0.732  1.00 10.98 ? 58  ASP A C   1 
ATOM   420 O O   . ASP A 1 51 ? 5.987   -10.754 -0.131  1.00 14.18 ? 58  ASP A O   1 
ATOM   421 C CB  . ASP A 1 51 ? 2.928   -11.546 0.060   1.00 14.53 ? 58  ASP A CB  1 
ATOM   422 C CG  . ASP A 1 51 ? 1.842   -12.532 -0.096  1.00 18.73 ? 58  ASP A CG  1 
ATOM   423 O OD1 . ASP A 1 51 ? 1.220   -12.595 -1.162  1.00 20.61 ? 58  ASP A OD1 1 
ATOM   424 O OD2 . ASP A 1 51 ? 1.539   -13.314 0.830   1.00 30.44 ? 58  ASP A OD2 1 
ATOM   425 N N   . ARG A 1 52 ? 4.634   -9.239  -1.061  1.00 11.21 ? 59  ARG A N   1 
ATOM   426 C CA  . ARG A 1 52 ? 5.316   -8.069  -0.587  1.00 10.24 ? 59  ARG A CA  1 
ATOM   427 C C   . ARG A 1 52 ? 4.580   -7.528  0.621   1.00 8.25  ? 59  ARG A C   1 
ATOM   428 O O   . ARG A 1 52 ? 3.361   -7.567  0.677   1.00 12.29 ? 59  ARG A O   1 
ATOM   429 C CB  . ARG A 1 52 ? 5.371   -6.941  -1.662  1.00 12.82 ? 59  ARG A CB  1 
ATOM   430 C CG  . ARG A 1 52 ? 5.983   -7.105  -2.959  1.00 12.78 ? 59  ARG A CG  1 
ATOM   431 C CD  . ARG A 1 52 ? 7.471   -7.242  -2.885  1.00 16.65 ? 59  ARG A CD  1 
ATOM   432 N NE  . ARG A 1 52 ? 8.174   -5.942  -2.726  1.00 16.27 ? 59  ARG A NE  1 
ATOM   433 C CZ  . ARG A 1 52 ? 8.490   -5.078  -3.689  1.00 17.83 ? 59  ARG A CZ  1 
ATOM   434 N NH1 . ARG A 1 52 ? 8.109   -5.262  -4.955  1.00 20.30 ? 59  ARG A NH1 1 
ATOM   435 N NH2 . ARG A 1 52 ? 9.181   -3.958  -3.420  1.00 19.60 ? 59  ARG A NH2 1 
ATOM   436 N N   . ILE A 1 53 ? 5.314   -7.037  1.601   1.00 7.56  ? 60  ILE A N   1 
ATOM   437 C CA  . ILE A 1 53 ? 4.737   -6.436  2.809   1.00 6.70  ? 60  ILE A CA  1 
ATOM   438 C C   . ILE A 1 53 ? 4.776   -4.919  2.690   1.00 6.22  ? 60  ILE A C   1 
ATOM   439 O O   . ILE A 1 53 ? 5.804   -4.318  2.423   1.00 8.16  ? 60  ILE A O   1 
ATOM   440 C CB  . ILE A 1 53 ? 5.495   -6.893  4.071   1.00 7.52  ? 60  ILE A CB  1 
ATOM   441 C CG1 . ILE A 1 53 ? 5.372   -8.449  4.244   1.00 11.65 ? 60  ILE A CG1 1 
ATOM   442 C CG2 . ILE A 1 53 ? 4.961   -6.206  5.289   1.00 10.24 ? 60  ILE A CG2 1 
ATOM   443 C CD1 . ILE A 1 53 ? 6.257   -8.951  5.381   1.00 15.16 ? 60  ILE A CD1 1 
ATOM   444 N N   . ILE A 1 54 ? 3.600   -4.297  2.864   1.00 6.18  ? 61  ILE A N   1 
ATOM   445 C CA  . ILE A 1 54 ? 3.406   -2.852  2.814   1.00 6.44  ? 61  ILE A CA  1 
ATOM   446 C C   . ILE A 1 54 ? 3.121   -2.394  4.241   1.00 6.40  ? 61  ILE A C   1 
ATOM   447 O O   . ILE A 1 54 ? 2.225   -2.937  4.899   1.00 7.97  ? 61  ILE A O   1 
ATOM   448 C CB  . ILE A 1 54 ? 2.238   -2.519  1.871   1.00 7.38  ? 61  ILE A CB  1 
ATOM   449 C CG1 . ILE A 1 54 ? 2.535   -2.873  0.439   1.00 13.43 ? 61  ILE A CG1 1 
ATOM   450 C CG2 . ILE A 1 54 ? 1.906   -1.033  1.976   1.00 8.70  ? 61  ILE A CG2 1 
ATOM   451 C CD1 . ILE A 1 54 ? 2.968   -4.050  -0.183  1.00 19.51 ? 61  ILE A CD1 1 
ATOM   452 N N   . THR A 1 55 ? 3.877   -1.401  4.702   1.00 6.00  ? 62  THR A N   1 
ATOM   453 C CA  . THR A 1 55 ? 3.729   -0.880  6.064   1.00 5.60  ? 62  THR A CA  1 
ATOM   454 C C   . THR A 1 55 ? 3.097   0.505   5.998   1.00 5.72  ? 62  THR A C   1 
ATOM   455 O O   . THR A 1 55 ? 3.621   1.416   5.331   1.00 7.52  ? 62  THR A O   1 
ATOM   456 C CB  . THR A 1 55 ? 5.087   -0.788  6.741   1.00 6.13  ? 62  THR A CB  1 
ATOM   457 O OG1 . THR A 1 55 ? 5.714   -2.093  6.758   1.00 6.79  ? 62  THR A OG1 1 
ATOM   458 C CG2 . THR A 1 55 ? 4.960   -0.348  8.182   1.00 7.07  ? 62  THR A CG2 1 
ATOM   459 N N   . ILE A 1 56 ? 1.979   0.661   6.710   1.00 5.26  ? 63  ILE A N   1 
ATOM   460 C CA  . ILE A 1 56 ? 1.148   1.890   6.663   1.00 5.45  ? 63  ILE A CA  1 
ATOM   461 C C   . ILE A 1 56 ? 1.140   2.473   8.078   1.00 5.41  ? 63  ILE A C   1 
ATOM   462 O O   . ILE A 1 56 ? 0.782   1.788   9.028   1.00 6.66  ? 63  ILE A O   1 
ATOM   463 C CB  . ILE A 1 56 ? -0.283  1.559   6.222   1.00 5.71  ? 63  ILE A CB  1 
ATOM   464 C CG1 . ILE A 1 56 ? -0.358  0.696   4.951   1.00 6.78  ? 63  ILE A CG1 1 
ATOM   465 C CG2 . ILE A 1 56 ? -1.046  2.871   6.043   1.00 6.26  ? 63  ILE A CG2 1 
ATOM   466 C CD1 . ILE A 1 56 ? -1.733  0.175   4.666   1.00 8.52  ? 63  ILE A CD1 1 
ATOM   467 N N   . THR A 1 57 ? 1.518   3.754   8.197   1.00 5.55  ? 64  THR A N   1 
ATOM   468 C CA  . THR A 1 57 ? 1.611   4.405   9.505   1.00 5.58  ? 64  THR A CA  1 
ATOM   469 C C   . THR A 1 57 ? 0.851   5.721   9.498   1.00 5.48  ? 64  THR A C   1 
ATOM   470 O O   . THR A 1 57 ? 1.089   6.581   8.632   1.00 6.33  ? 64  THR A O   1 
ATOM   471 C CB  . THR A 1 57 ? 3.079   4.638   9.892   1.00 7.46  ? 64  THR A CB  1 
ATOM   472 O OG1 . THR A 1 57 ? 3.741   3.351   9.879   1.00 11.18 ? 64  THR A OG1 1 
ATOM   473 C CG2 . THR A 1 57 ? 3.221   5.270   11.251  1.00 8.54  ? 64  THR A CG2 1 
ATOM   474 N N   . GLY A 1 58 ? -0.071  5.884   10.435  1.00 5.81  ? 65  GLY A N   1 
ATOM   475 C CA  . GLY A 1 58 ? -0.887  7.071   10.514  1.00 6.28  ? 65  GLY A CA  1 
ATOM   476 C C   . GLY A 1 58 ? -1.973  6.857   11.563  1.00 5.97  ? 65  GLY A C   1 
ATOM   477 O O   . GLY A 1 58 ? -1.885  5.898   12.348  1.00 6.72  ? 65  GLY A O   1 
ATOM   478 N N   . THR A 1 59 ? -2.982  7.701   11.579  1.00 6.44  ? 66  THR A N   1 
ATOM   479 C CA  . THR A 1 59 ? -4.120  7.422   12.419  1.00 6.53  ? 66  THR A CA  1 
ATOM   480 C C   . THR A 1 59 ? -4.868  6.206   11.862  1.00 6.55  ? 66  THR A C   1 
ATOM   481 O O   . THR A 1 59 ? -4.719  5.857   10.680  1.00 6.41  ? 66  THR A O   1 
ATOM   482 C CB  . THR A 1 59 ? -5.105  8.605   12.499  1.00 8.73  ? 66  THR A CB  1 
ATOM   483 O OG1 . THR A 1 59 ? -5.768  8.700   11.209  1.00 8.95  ? 66  THR A OG1 1 
ATOM   484 C CG2 . THR A 1 59 ? -4.423  9.908   12.861  1.00 9.55  ? 66  THR A CG2 1 
ATOM   485 N N   . GLN A 1 60 ? -5.736  5.618   12.669  1.00 7.33  ? 67  GLN A N   1 
ATOM   486 C CA  . GLN A 1 60 ? -6.531  4.491   12.175  1.00 8.09  ? 67  GLN A CA  1 
ATOM   487 C C   . GLN A 1 60 ? -7.335  4.856   10.964  1.00 7.40  ? 67  GLN A C   1 
ATOM   488 O O   . GLN A 1 60 ? -7.508  4.052   10.026  1.00 7.81  ? 67  GLN A O   1 
ATOM   489 C CB  A GLN A 1 60 ? -7.321  3.860   13.314  0.55 8.71  ? 67  GLN A CB  1 
ATOM   490 C CB  B GLN A 1 60 ? -7.606  4.144   13.226  0.45 13.28 ? 67  GLN A CB  1 
ATOM   491 C CG  A GLN A 1 60 ? -8.137  2.645   12.867  0.55 12.64 ? 67  GLN A CG  1 
ATOM   492 C CG  B GLN A 1 60 ? -7.130  3.369   14.387  0.45 21.93 ? 67  GLN A CG  1 
ATOM   493 C CD  A GLN A 1 60 ? -7.424  1.640   11.974  0.55 19.93 ? 67  GLN A CD  1 
ATOM   494 C CD  B GLN A 1 60 ? -7.810  2.146   14.922  0.45 24.66 ? 67  GLN A CD  1 
ATOM   495 O OE1 A GLN A 1 60 ? -7.452  1.309   10.768  0.55 17.43 ? 67  GLN A OE1 1 
ATOM   496 O OE1 B GLN A 1 60 ? -8.993  1.954   14.583  0.45 39.17 ? 67  GLN A OE1 1 
ATOM   497 N NE2 A GLN A 1 60 ? -6.553  0.991   12.740  0.55 27.79 ? 67  GLN A NE2 1 
ATOM   498 N NE2 B GLN A 1 60 ? -7.130  1.358   15.769  0.45 21.76 ? 67  GLN A NE2 1 
ATOM   499 N N   . ASP A 1 61 ? -7.890  6.063   10.919  1.00 7.24  ? 68  ASP A N   1 
ATOM   500 C CA  . ASP A 1 61 ? -8.662  6.479   9.741   1.00 7.21  ? 68  ASP A CA  1 
ATOM   501 C C   . ASP A 1 61 ? -7.807  6.616   8.485   1.00 6.13  ? 68  ASP A C   1 
ATOM   502 O O   . ASP A 1 61 ? -8.197  6.206   7.416   1.00 6.50  ? 68  ASP A O   1 
ATOM   503 C CB  A ASP A 1 61 ? -9.300  7.844   10.050  0.67 6.96  ? 68  ASP A CB  1 
ATOM   504 C CB  B ASP A 1 61 ? -9.605  7.633   10.027  0.33 12.35 ? 68  ASP A CB  1 
ATOM   505 C CG  A ASP A 1 61 ? -10.405 7.665   11.110  0.67 8.31  ? 68  ASP A CG  1 
ATOM   506 C CG  B ASP A 1 61 ? -8.654  8.673   10.498  0.33 15.20 ? 68  ASP A CG  1 
ATOM   507 O OD1 A ASP A 1 61 ? -11.364 6.886   10.929  0.67 8.73  ? 68  ASP A OD1 1 
ATOM   508 O OD1 B ASP A 1 61 ? -8.090  9.218   9.520   0.33 35.84 ? 68  ASP A OD1 1 
ATOM   509 O OD2 A ASP A 1 61 ? -10.246 8.285   12.208  0.67 11.55 ? 68  ASP A OD2 1 
ATOM   510 O OD2 B ASP A 1 61 ? -8.467  8.852   11.704  0.33 31.33 ? 68  ASP A OD2 1 
ATOM   511 N N   . GLN A 1 62 ? -6.591  7.208   8.641   1.00 6.18  ? 69  GLN A N   1 
ATOM   512 C CA  . GLN A 1 62 ? -5.684  7.305   7.512   1.00 5.57  ? 69  GLN A CA  1 
ATOM   513 C C   . GLN A 1 62 ? -5.293  5.937   6.997   1.00 5.57  ? 69  GLN A C   1 
ATOM   514 O O   . GLN A 1 62 ? -5.187  5.711   5.781   1.00 6.07  ? 69  GLN A O   1 
ATOM   515 C CB  . GLN A 1 62 ? -4.437  8.107   7.906   1.00 6.17  ? 69  GLN A CB  1 
ATOM   516 C CG  . GLN A 1 62 ? -4.733  9.568   8.202   1.00 6.55  ? 69  GLN A CG  1 
ATOM   517 C CD  . GLN A 1 62 ? -3.531  10.258  8.797   1.00 6.40  ? 69  GLN A CD  1 
ATOM   518 O OE1 . GLN A 1 62 ? -2.732  9.679   9.521   1.00 7.46  ? 69  GLN A OE1 1 
ATOM   519 N NE2 . GLN A 1 62 ? -3.381  11.532  8.485   1.00 7.94  ? 69  GLN A NE2 1 
ATOM   520 N N   . ILE A 1 63 ? -5.027  5.014   7.912   1.00 5.78  ? 70  ILE A N   1 
ATOM   521 C CA  . ILE A 1 63 ? -4.664  3.652   7.532   1.00 5.82  ? 70  ILE A CA  1 
ATOM   522 C C   . ILE A 1 63 ? -5.791  2.997   6.757   1.00 5.69  ? 70  ILE A C   1 
ATOM   523 O O   . ILE A 1 63 ? -5.556  2.355   5.719   1.00 6.66  ? 70  ILE A O   1 
ATOM   524 C CB  . ILE A 1 63 ? -4.287  2.817   8.771   1.00 6.49  ? 70  ILE A CB  1 
ATOM   525 C CG1 . ILE A 1 63 ? -2.956  3.271   9.359   1.00 7.55  ? 70  ILE A CG1 1 
ATOM   526 C CG2 . ILE A 1 63 ? -4.275  1.311   8.470   1.00 8.26  ? 70  ILE A CG2 1 
ATOM   527 C CD1 . ILE A 1 63 ? -2.701  2.781   10.785  1.00 8.54  ? 70  ILE A CD1 1 
ATOM   528 N N   . GLN A 1 64 ? -7.024  3.136   7.233   1.00 6.14  ? 71  GLN A N   1 
ATOM   529 C CA  . GLN A 1 64 ? -8.166  2.534   6.519   1.00 6.53  ? 71  GLN A CA  1 
ATOM   530 C C   . GLN A 1 64 ? -8.274  3.122   5.129   1.00 5.85  ? 71  GLN A C   1 
ATOM   531 O O   . GLN A 1 64 ? -8.445  2.390   4.123   1.00 6.42  ? 71  GLN A O   1 
ATOM   532 C CB  A GLN A 1 64 ? -9.429  2.725   7.337   0.71 7.09  ? 71  GLN A CB  1 
ATOM   533 C CB  B GLN A 1 64 ? -9.471  2.832   7.229   0.28 7.14  ? 71  GLN A CB  1 
ATOM   534 C CG  A GLN A 1 64 ? -10.621 1.992   6.711   0.71 7.12  ? 71  GLN A CG  1 
ATOM   535 C CG  B GLN A 1 64 ? -9.780  2.278   8.566   0.28 10.88 ? 71  GLN A CG  1 
ATOM   536 C CD  A GLN A 1 64 ? -11.917 2.254   7.473   0.71 7.13  ? 71  GLN A CD  1 
ATOM   537 C CD  B GLN A 1 64 ? -9.599  0.859   9.005   0.28 21.92 ? 71  GLN A CD  1 
ATOM   538 O OE1 A GLN A 1 64 ? -12.060 3.196   8.241   0.71 6.88  ? 71  GLN A OE1 1 
ATOM   539 O OE1 B GLN A 1 64 ? -9.056  -0.092  8.416   0.28 28.71 ? 71  GLN A OE1 1 
ATOM   540 N NE2 A GLN A 1 64 ? -12.935 1.402   7.230   0.71 7.29  ? 71  GLN A NE2 1 
ATOM   541 N NE2 B GLN A 1 64 ? -10.109 0.660   10.233  0.28 34.44 ? 71  GLN A NE2 1 
ATOM   542 N N   . ASN A 1 65 ? -8.156  4.461   5.013   1.00 5.91  ? 72  ASN A N   1 
ATOM   543 C CA  . ASN A 1 65 ? -8.245  5.081   3.695   1.00 5.55  ? 72  ASN A CA  1 
ATOM   544 C C   . ASN A 1 65 ? -7.118  4.586   2.786   1.00 5.53  ? 72  ASN A C   1 
ATOM   545 O O   . ASN A 1 65 ? -7.355  4.356   1.586   1.00 6.44  ? 72  ASN A O   1 
ATOM   546 C CB  . ASN A 1 65 ? -8.231  6.600   3.829   1.00 5.92  ? 72  ASN A CB  1 
ATOM   547 C CG  . ASN A 1 65 ? -9.597  7.109   4.272   1.00 5.63  ? 72  ASN A CG  1 
ATOM   548 O OD1 . ASN A 1 65 ? -10.622 6.498   3.959   1.00 5.92  ? 72  ASN A OD1 1 
ATOM   549 N ND2 . ASN A 1 65 ? -9.599  8.248   4.954   1.00 6.69  ? 72  ASN A ND2 1 
ATOM   550 N N   . ALA A 1 66 ? -5.916  4.446   3.304   1.00 5.51  ? 73  ALA A N   1 
ATOM   551 C CA  . ALA A 1 66 ? -4.807  3.922   2.507   1.00 5.63  ? 73  ALA A CA  1 
ATOM   552 C C   . ALA A 1 66 ? -5.105  2.480   2.058   1.00 5.63  ? 73  ALA A C   1 
ATOM   553 O O   . ALA A 1 66 ? -4.845  2.141   0.903   1.00 6.34  ? 73  ALA A O   1 
ATOM   554 C CB  . ALA A 1 66 ? -3.505  3.962   3.299   1.00 6.37  ? 73  ALA A CB  1 
ATOM   555 N N   . GLN A 1 67 ? -5.614  1.646   2.971   1.00 6.11  ? 74  GLN A N   1 
ATOM   556 C CA  . GLN A 1 67 ? -5.910  0.274   2.607   1.00 6.80  ? 74  GLN A CA  1 
ATOM   557 C C   . GLN A 1 67 ? -6.898  0.190   1.442   1.00 6.51  ? 74  GLN A C   1 
ATOM   558 O O   . GLN A 1 67 ? -6.732  -0.619  0.524   1.00 7.43  ? 74  GLN A O   1 
ATOM   559 C CB  . GLN A 1 67 ? -6.464  -0.497  3.789   1.00 7.79  ? 74  GLN A CB  1 
ATOM   560 C CG  A GLN A 1 67 ? -5.422  -0.825  4.824   0.51 7.98  ? 74  GLN A CG  1 
ATOM   561 C CG  B GLN A 1 67 ? -5.453  -0.656  4.884   0.49 10.84 ? 74  GLN A CG  1 
ATOM   562 C CD  A GLN A 1 67 ? -6.001  -1.354  6.127   0.51 12.14 ? 74  GLN A CD  1 
ATOM   563 C CD  B GLN A 1 67 ? -5.868  -1.672  5.926   0.49 15.31 ? 74  GLN A CD  1 
ATOM   564 O OE1 A GLN A 1 67 ? -7.015  -0.872  6.622   0.51 15.55 ? 74  GLN A OE1 1 
ATOM   565 O OE1 B GLN A 1 67 ? -5.832  -1.379  7.110   0.49 26.50 ? 74  GLN A OE1 1 
ATOM   566 N NE2 A GLN A 1 67 ? -5.343  -2.361  6.694   0.51 18.18 ? 74  GLN A NE2 1 
ATOM   567 N NE2 B GLN A 1 67 ? -6.290  -2.868  5.575   0.49 17.77 ? 74  GLN A NE2 1 
ATOM   568 N N   . TYR A 1 68 ? -7.959  1.009   1.482   1.00 6.90  ? 75  TYR A N   1 
ATOM   569 C CA  . TYR A 1 68 ? -8.940  0.956   0.396   1.00 6.93  ? 75  TYR A CA  1 
ATOM   570 C C   . TYR A 1 68 ? -8.351  1.481   -0.897  1.00 6.26  ? 75  TYR A C   1 
ATOM   571 O O   . TYR A 1 68 ? -8.626  0.946   -1.981  1.00 7.32  ? 75  TYR A O   1 
ATOM   572 C CB  A TYR A 1 68 ? -10.226 1.581   0.870   0.55 6.91  ? 75  TYR A CB  1 
ATOM   573 C CB  B TYR A 1 68 ? -10.235 1.815   0.638   0.45 8.73  ? 75  TYR A CB  1 
ATOM   574 C CG  A TYR A 1 68 ? -10.804 0.818   2.078   0.55 7.96  ? 75  TYR A CG  1 
ATOM   575 C CG  B TYR A 1 68 ? -11.110 1.215   1.729   0.45 8.14  ? 75  TYR A CG  1 
ATOM   576 C CD1 A TYR A 1 68 ? -10.311 -0.338  2.702   0.55 9.20  ? 75  TYR A CD1 1 
ATOM   577 C CD1 B TYR A 1 68 ? -11.166 1.811   2.981   0.45 9.79  ? 75  TYR A CD1 1 
ATOM   578 C CD2 A TYR A 1 68 ? -11.955 1.337   2.613   0.55 7.07  ? 75  TYR A CD2 1 
ATOM   579 C CD2 B TYR A 1 68 ? -11.843 0.069   1.538   0.45 10.04 ? 75  TYR A CD2 1 
ATOM   580 C CE1 A TYR A 1 68 ? -10.927 -0.899  3.768   0.55 8.82  ? 75  TYR A CE1 1 
ATOM   581 C CE1 B TYR A 1 68 ? -11.929 1.293   3.981   0.45 9.39  ? 75  TYR A CE1 1 
ATOM   582 C CE2 A TYR A 1 68 ? -12.585 0.758   3.685   0.55 8.14  ? 75  TYR A CE2 1 
ATOM   583 C CE2 B TYR A 1 68 ? -12.629 -0.469  2.566   0.45 12.29 ? 75  TYR A CE2 1 
ATOM   584 C CZ  A TYR A 1 68 ? -12.081 -0.374  4.262   0.55 9.05  ? 75  TYR A CZ  1 
ATOM   585 C CZ  B TYR A 1 68 ? -12.659 0.156   3.789   0.45 10.45 ? 75  TYR A CZ  1 
ATOM   586 O OH  A TYR A 1 68 ? -12.741 -0.871  5.335   0.55 10.94 ? 75  TYR A OH  1 
ATOM   587 O OH  B TYR A 1 68 ? -13.413 -0.345  4.812   0.45 16.22 ? 75  TYR A OH  1 
ATOM   588 N N   . LEU A 1 69 ? -7.505  2.528   -0.828  1.00 6.35  ? 76  LEU A N   1 
ATOM   589 C CA  . LEU A 1 69 ? -6.845  2.996   -2.040  1.00 6.62  ? 76  LEU A CA  1 
ATOM   590 C C   . LEU A 1 69 ? -5.934  1.922   -2.612  1.00 6.12  ? 76  LEU A C   1 
ATOM   591 O O   . LEU A 1 69 ? -5.873  1.767   -3.853  1.00 6.84  ? 76  LEU A O   1 
ATOM   592 C CB  A LEU A 1 69 ? -6.007  4.241   -1.725  0.80 7.51  ? 76  LEU A CB  1 
ATOM   593 C CB  B LEU A 1 69 ? -6.216  4.349   -1.739  0.20 7.43  ? 76  LEU A CB  1 
ATOM   594 C CG  A LEU A 1 69 ? -6.739  5.555   -1.562  0.80 8.62  ? 76  LEU A CG  1 
ATOM   595 C CG  B LEU A 1 69 ? -6.005  5.107   -3.047  0.20 7.84  ? 76  LEU A CG  1 
ATOM   596 C CD1 A LEU A 1 69 ? -5.954  6.562   -0.727  0.80 10.03 ? 76  LEU A CD1 1 
ATOM   597 C CD1 B LEU A 1 69 ? -7.136  4.978   -4.045  0.20 9.21  ? 76  LEU A CD1 1 
ATOM   598 C CD2 A LEU A 1 69 ? -7.134  6.138   -2.895  0.80 12.28 ? 76  LEU A CD2 1 
ATOM   599 C CD2 B LEU A 1 69 ? -5.701  6.571   -2.731  0.20 11.05 ? 76  LEU A CD2 1 
ATOM   600 N N   . LEU A 1 70 ? -5.202  1.222   -1.782  1.00 6.08  ? 77  LEU A N   1 
ATOM   601 C CA  . LEU A 1 70 ? -4.334  0.124   -2.255  1.00 6.14  ? 77  LEU A CA  1 
ATOM   602 C C   . LEU A 1 70 ? -5.172  -0.979  -2.933  1.00 6.39  ? 77  LEU A C   1 
ATOM   603 O O   . LEU A 1 70 ? -4.823  -1.439  -4.021  1.00 7.05  ? 77  LEU A O   1 
ATOM   604 C CB  . LEU A 1 70 ? -3.513  -0.420  -1.111  1.00 7.07  ? 77  LEU A CB  1 
ATOM   605 C CG  . LEU A 1 70 ? -2.446  0.542   -0.571  1.00 7.99  ? 77  LEU A CG  1 
ATOM   606 C CD1 . LEU A 1 70 ? -1.967  0.055   0.835   1.00 10.18 ? 77  LEU A CD1 1 
ATOM   607 C CD2 . LEU A 1 70 ? -1.293  0.687   -1.435  1.00 9.47  ? 77  LEU A CD2 1 
ATOM   608 N N   . GLN A 1 71 ? -6.241  -1.406  -2.283  1.00 6.49  ? 78  GLN A N   1 
ATOM   609 C CA  . GLN A 1 71 ? -7.119  -2.428  -2.851  1.00 6.67  ? 78  GLN A CA  1 
ATOM   610 C C   . GLN A 1 71 ? -7.689  -1.982  -4.171  1.00 6.53  ? 78  GLN A C   1 
ATOM   611 O O   . GLN A 1 71 ? -7.710  -2.746  -5.166  1.00 7.12  ? 78  GLN A O   1 
ATOM   612 C CB  . GLN A 1 71 ? -8.253  -2.761  -1.881  1.00 7.92  ? 78  GLN A CB  1 
ATOM   613 C CG  . GLN A 1 71 ? -7.811  -3.621  -0.723  1.00 9.49  ? 78  GLN A CG  1 
ATOM   614 C CD  . GLN A 1 71 ? -7.667  -5.056  -1.097  1.00 10.27 ? 78  GLN A CD  1 
ATOM   615 O OE1 . GLN A 1 71 ? -7.785  -5.463  -2.267  1.00 11.41 ? 78  GLN A OE1 1 
ATOM   616 N NE2 . GLN A 1 71 ? -7.429  -5.901  -0.122  1.00 15.30 ? 78  GLN A NE2 1 
ATOM   617 N N   . ASN A 1 72 ? -8.222  -0.753  -4.220  1.00 6.52  ? 79  ASN A N   1 
ATOM   618 C CA  . ASN A 1 72 ? -8.848  -0.286  -5.440  1.00 6.46  ? 79  ASN A CA  1 
ATOM   619 C C   . ASN A 1 72 ? -7.825  -0.156  -6.557  1.00 7.17  ? 79  ASN A C   1 
ATOM   620 O O   . ASN A 1 72 ? -8.155  -0.398  -7.715  1.00 8.24  ? 79  ASN A O   1 
ATOM   621 C CB  . ASN A 1 72 ? -9.592  1.020   -5.174  1.00 7.25  ? 79  ASN A CB  1 
ATOM   622 C CG  . ASN A 1 72 ? -10.853 0.796   -4.329  1.00 7.43  ? 79  ASN A CG  1 
ATOM   623 O OD1 . ASN A 1 72 ? -11.514 -0.251  -4.462  1.00 8.43  ? 79  ASN A OD1 1 
ATOM   624 N ND2 . ASN A 1 72 ? -11.192 1.750   -3.505  1.00 7.88  ? 79  ASN A ND2 1 
ATOM   625 N N   . SER A 1 73 ? -6.569  0.202   -6.210  1.00 7.01  ? 80  SER A N   1 
ATOM   626 C CA  . SER A 1 73 ? -5.509  0.274   -7.216  1.00 7.61  ? 80  SER A CA  1 
ATOM   627 C C   . SER A 1 73 ? -5.166  -1.101  -7.774  1.00 7.47  ? 80  SER A C   1 
ATOM   628 O O   . SER A 1 73 ? -5.006  -1.263  -8.994  1.00 8.77  ? 80  SER A O   1 
ATOM   629 C CB  . SER A 1 73 ? -4.263  0.911   -6.610  1.00 8.60  ? 80  SER A CB  1 
ATOM   630 O OG  . SER A 1 73 ? -4.496  2.278   -6.260  1.00 10.17 ? 80  SER A OG  1 
ATOM   631 N N   . VAL A 1 74 ? -5.016  -2.102  -6.898  1.00 7.22  ? 81  VAL A N   1 
ATOM   632 C CA  . VAL A 1 74 ? -4.762  -3.465  -7.390  1.00 7.79  ? 81  VAL A CA  1 
ATOM   633 C C   . VAL A 1 74 ? -5.896  -3.923  -8.272  1.00 8.27  ? 81  VAL A C   1 
ATOM   634 O O   . VAL A 1 74 ? -5.657  -4.536  -9.315  1.00 10.17 ? 81  VAL A O   1 
ATOM   635 C CB  . VAL A 1 74 ? -4.449  -4.395  -6.215  1.00 8.48  ? 81  VAL A CB  1 
ATOM   636 C CG1 . VAL A 1 74 ? -4.375  -5.870  -6.670  1.00 10.74 ? 81  VAL A CG1 1 
ATOM   637 C CG2 . VAL A 1 74 ? -3.171  -3.982  -5.500  1.00 9.97  ? 81  VAL A CG2 1 
ATOM   638 N N   . LYS A 1 75 ? -7.143  -3.646  -7.882  1.00 8.45  ? 82  LYS A N   1 
ATOM   639 C CA  . LYS A 1 75 ? -8.261  -4.046  -8.726  1.00 9.71  ? 82  LYS A CA  1 
ATOM   640 C C   . LYS A 1 75 ? -8.250  -3.323  -10.083 1.00 10.00 ? 82  LYS A C   1 
ATOM   641 O O   . LYS A 1 75 ? -8.506  -3.968  -11.121 1.00 11.68 ? 82  LYS A O   1 
ATOM   642 C CB  . LYS A 1 75 ? -9.578  -3.750  -7.976  1.00 11.20 ? 82  LYS A CB  1 
ATOM   643 C CG  . LYS A 1 75 ? -10.816 -4.047  -8.825  1.00 14.21 ? 82  LYS A CG  1 
ATOM   644 C CD  A LYS A 1 75 ? -11.182 -5.465  -8.926  0.56 14.79 ? 82  LYS A CD  1 
ATOM   645 C CD  B LYS A 1 75 ? -12.137 -4.404  -8.352  0.45 15.44 ? 82  LYS A CD  1 
ATOM   646 C CE  A LYS A 1 75 ? -12.547 -5.654  -9.514  0.56 15.31 ? 82  LYS A CE  1 
ATOM   647 C CE  B LYS A 1 75 ? -13.100 -4.736  -9.471  0.45 17.43 ? 82  LYS A CE  1 
ATOM   648 N NZ  A LYS A 1 75 ? -12.791 -7.027  -9.984  0.56 18.20 ? 82  LYS A NZ  1 
ATOM   649 N NZ  B LYS A 1 75 ? -12.335 -5.334  -10.607 0.45 22.94 ? 82  LYS A NZ  1 
ATOM   650 N N   . GLN A 1 76 ? -7.939  -2.011  -10.084 1.00 9.58  ? 83  GLN A N   1 
ATOM   651 C CA  . GLN A 1 76 ? -7.852  -1.243  -11.369 1.00 10.96 ? 83  GLN A CA  1 
ATOM   652 C C   . GLN A 1 76 ? -6.857  -1.871  -12.319 1.00 10.87 ? 83  GLN A C   1 
ATOM   653 O O   . GLN A 1 76 ? -7.137  -1.960  -13.521 1.00 14.04 ? 83  GLN A O   1 
ATOM   654 C CB  . GLN A 1 76 ? -7.502  0.241   -11.066 1.00 11.80 ? 83  GLN A CB  1 
ATOM   655 C CG  . GLN A 1 76 ? -7.334  1.083   -12.312 1.00 14.43 ? 83  GLN A CG  1 
ATOM   656 C CD  . GLN A 1 76 ? -7.321  2.591   -12.035 1.00 17.47 ? 83  GLN A CD  1 
ATOM   657 O OE1 . GLN A 1 76 ? -7.957  2.998   -11.084 1.00 32.07 ? 83  GLN A OE1 1 
ATOM   658 N NE2 . GLN A 1 76 ? -6.661  3.360   -12.915 1.00 25.60 ? 83  GLN A NE2 1 
ATOM   659 N N   . TYR A 1 77 ? -5.699  -2.276  -11.829 1.00 10.10 ? 84  TYR A N   1 
ATOM   660 C CA  . TYR A 1 77 ? -4.625  -2.631  -12.715 1.00 11.05 ? 84  TYR A CA  1 
ATOM   661 C C   . TYR A 1 77 ? -4.597  -4.120  -12.963 1.00 11.71 ? 84  TYR A C   1 
ATOM   662 O O   . TYR A 1 77 ? -4.056  -4.611  -13.984 1.00 18.62 ? 84  TYR A O   1 
ATOM   663 C CB  . TYR A 1 77 ? -3.286  -2.039  -12.244 1.00 13.18 ? 84  TYR A CB  1 
ATOM   664 C CG  . TYR A 1 77 ? -3.270  -0.504  -12.311 1.00 15.34 ? 84  TYR A CG  1 
ATOM   665 C CD1 . TYR A 1 77 ? -3.236  0.166   -13.513 1.00 20.99 ? 84  TYR A CD1 1 
ATOM   666 C CD2 . TYR A 1 77 ? -3.369  0.290   -11.181 1.00 15.36 ? 84  TYR A CD2 1 
ATOM   667 C CE1 . TYR A 1 77 ? -3.245  1.513   -13.613 1.00 25.84 ? 84  TYR A CE1 1 
ATOM   668 C CE2 . TYR A 1 77 ? -3.366  1.673   -11.256 1.00 18.54 ? 84  TYR A CE2 1 
ATOM   669 C CZ  . TYR A 1 77 ? -3.316  2.291   -12.498 1.00 22.65 ? 84  TYR A CZ  1 
ATOM   670 O OH  . TYR A 1 77 ? -3.318  3.642   -12.632 1.00 28.85 ? 84  TYR A OH  1 
ATOM   671 N N   . SER A 1 78 ? -5.179  -4.960  -12.086 1.00 11.10 ? 85  SER A N   1 
ATOM   672 C CA  . SER A 1 78 ? -5.127  -6.396  -12.208 1.00 11.34 ? 85  SER A CA  1 
ATOM   673 C C   . SER A 1 78 ? -6.472  -7.104  -12.433 1.00 11.38 ? 85  SER A C   1 
ATOM   674 O O   . SER A 1 78 ? -6.504  -8.264  -12.807 1.00 13.86 ? 85  SER A O   1 
ATOM   675 C CB  . SER A 1 78 ? -4.525  -7.112  -10.976 1.00 13.22 ? 85  SER A CB  1 
ATOM   676 O OG  . SER A 1 78 ? -5.447  -7.205  -9.887  1.00 13.29 ? 85  SER A OG  1 
ATOM   677 N N   . GLY A 1 79 ? -7.579  -6.460  -12.136 1.00 12.14 ? 86  GLY A N   1 
ATOM   678 C CA  . GLY A 1 79 ? -8.890  -7.060  -12.208 1.00 14.47 ? 86  GLY A CA  1 
ATOM   679 C C   . GLY A 1 79 ? -9.363  -7.781  -10.969 1.00 15.47 ? 86  GLY A C   1 
ATOM   680 O O   . GLY A 1 79 ? -10.529 -8.207  -10.960 1.00 16.83 ? 86  GLY A O   1 
ATOM   681 N N   . LYS A 1 80 ? -8.554  -7.850  -9.920  1.00 15.40 ? 87  LYS A N   1 
ATOM   682 C CA  . LYS A 1 80 ? -8.970  -8.463  -8.682  1.00 18.09 ? 87  LYS A CA  1 
ATOM   683 C C   . LYS A 1 80 ? -8.445  -7.674  -7.474  1.00 13.63 ? 87  LYS A C   1 
ATOM   684 O O   . LYS A 1 80 ? -7.495  -6.898  -7.552  1.00 12.76 ? 87  LYS A O   1 
ATOM   685 C CB  . LYS A 1 80 ? -8.436  -9.905  -8.565  1.00 23.81 ? 87  LYS A CB  1 
ATOM   686 C CG  . LYS A 1 80 ? -6.894  -9.811  -8.527  1.00 26.06 ? 87  LYS A CG  1 
ATOM   687 C CD  . LYS A 1 80 ? -6.295  -11.204 -8.407  0.00 26.14 ? 87  LYS A CD  1 
ATOM   688 C CE  . LYS A 1 80 ? -4.811  -11.140 -8.084  0.00 25.53 ? 87  LYS A CE  1 
ATOM   689 N NZ  . LYS A 1 80 ? -4.239  -12.492 -7.832  0.00 25.57 ? 87  LYS A NZ  1 
ATOM   690 N N   . PHE A 1 81 ? -9.096  -7.913  -6.368  1.00 14.77 ? 88  PHE A N   1 
ATOM   691 C CA  . PHE A 1 81 ? -8.648  -7.438  -5.042  1.00 12.56 ? 88  PHE A CA  1 
ATOM   692 C C   . PHE A 1 81 ? -7.596  -8.395  -4.517  1.00 13.61 ? 88  PHE A C   1 
ATOM   693 O O   . PHE A 1 81 ? -7.451  -9.493  -5.022  1.00 20.24 ? 88  PHE A O   1 
ATOM   694 C CB  . PHE A 1 81 ? -9.846  -7.324  -4.110  1.00 11.84 ? 88  PHE A CB  1 
ATOM   695 C CG  . PHE A 1 81 ? -10.795 -6.240  -4.472  1.00 11.79 ? 88  PHE A CG  1 
ATOM   696 C CD1 . PHE A 1 81 ? -10.399 -4.888  -4.405  1.00 11.68 ? 88  PHE A CD1 1 
ATOM   697 C CD2 . PHE A 1 81 ? -12.116 -6.526  -4.845  1.00 16.42 ? 88  PHE A CD2 1 
ATOM   698 C CE1 . PHE A 1 81 ? -11.257 -3.845  -4.711  1.00 12.28 ? 88  PHE A CE1 1 
ATOM   699 C CE2 . PHE A 1 81 ? -12.962 -5.499  -5.179  1.00 18.93 ? 88  PHE A CE2 1 
ATOM   700 C CZ  . PHE A 1 81 ? -12.546 -4.183  -5.106  1.00 17.70 ? 88  PHE A CZ  1 
ATOM   701 N N   . PHE A 1 82 ? -6.890  -7.991  -3.452  1.00 14.22 ? 89  PHE A N   1 
ATOM   702 C CA  . PHE A 1 82 ? -5.939  -8.880  -2.837  1.00 16.03 ? 89  PHE A CA  1 
ATOM   703 C C   . PHE A 1 82 ? -6.323  -9.303  -1.412  1.00 19.47 ? 89  PHE A C   1 
ATOM   704 O O   . PHE A 1 82 ? -5.657  -10.244 -0.916  1.00 27.16 ? 89  PHE A O   1 
ATOM   705 C CB  . PHE A 1 82 ? -4.517  -8.292  -2.790  1.00 18.29 ? 89  PHE A CB  1 
ATOM   706 C CG  . PHE A 1 82 ? -4.353  -6.983  -2.013  1.00 14.30 ? 89  PHE A CG  1 
ATOM   707 C CD1 . PHE A 1 82 ? -4.147  -6.971  -0.632  1.00 20.40 ? 89  PHE A CD1 1 
ATOM   708 C CD2 . PHE A 1 82 ? -4.455  -5.752  -2.627  1.00 12.38 ? 89  PHE A CD2 1 
ATOM   709 C CE1 . PHE A 1 82 ? -4.026  -5.810  0.105   1.00 23.08 ? 89  PHE A CE1 1 
ATOM   710 C CE2 . PHE A 1 82 ? -4.268  -4.580  -1.920  1.00 12.40 ? 89  PHE A CE2 1 
ATOM   711 C CZ  . PHE A 1 82 ? -4.047  -4.587  -0.561  1.00 19.04 ? 89  PHE A CZ  1 
ATOM   712 O OXT . PHE A 1 82 ? -7.216  -8.717  -0.815  1.00 18.01 ? 89  PHE A OXT 1 
HETATM 713 O O   . HOH B 2 .  ? 7.004   -2.611  4.464   1.00 11.71 ? 101 HOH A O   1 
HETATM 714 O O   . HOH B 2 .  ? -7.362  9.900   5.452   1.00 10.28 ? 102 HOH A O   1 
HETATM 715 O O   . HOH B 2 .  ? 2.374   9.108   9.108   1.00 8.47  ? 103 HOH A O   1 
HETATM 716 O O   . HOH B 2 .  ? -5.558  6.150   15.543  1.00 13.71 ? 104 HOH A O   1 
HETATM 717 O O   . HOH B 2 .  ? -7.175  10.980  10.615  1.00 13.04 ? 105 HOH A O   1 
HETATM 718 O O   . HOH B 2 .  ? -12.434 -1.196  -6.985  1.00 14.07 ? 106 HOH A O   1 
HETATM 719 O O   . HOH B 2 .  ? 8.630   2.438   -0.048  1.00 21.78 ? 107 HOH A O   1 
HETATM 720 O O   . HOH B 2 .  ? -10.420 10.280  0.066   1.00 14.28 ? 108 HOH A O   1 
HETATM 721 O O   . HOH B 2 .  ? -10.761 -0.011  -8.761  1.00 17.95 ? 109 HOH A O   1 
HETATM 722 O O   . HOH B 2 .  ? -12.416 -1.165  -1.883  1.00 16.69 ? 110 HOH A O   1 
HETATM 723 O O   . HOH B 2 .  ? 6.918   -7.462  -6.319  1.00 21.56 ? 111 HOH A O   1 
HETATM 724 O O   . HOH B 2 .  ? 1.613   7.068   18.643  1.00 23.57 ? 112 HOH A O   1 
HETATM 725 O O   . HOH B 2 .  ? -8.272  7.615   13.651  1.00 24.73 ? 113 HOH A O   1 
HETATM 726 O O   . HOH B 2 .  ? 8.265   3.775   -2.366  1.00 18.29 ? 114 HOH A O   1 
HETATM 727 O O   . HOH B 2 .  ? -2.312  14.505  2.800   1.00 24.39 ? 115 HOH A O   1 
HETATM 728 O O   . HOH B 2 .  ? -1.215  -11.758 4.799   1.00 24.63 ? 116 HOH A O   1 
HETATM 729 O O   . HOH B 2 .  ? 2.267   -13.701 -12.668 1.00 23.97 ? 117 HOH A O   1 
HETATM 730 O O   . HOH B 2 .  ? -0.007  -14.624 -2.073  1.00 28.99 ? 118 HOH A O   1 
HETATM 731 O O   . HOH B 2 .  ? 9.416   -8.867  -0.787  1.00 26.52 ? 119 HOH A O   1 
HETATM 732 O O   . HOH B 2 .  ? 3.429   -8.334  -12.900 1.00 24.68 ? 120 HOH A O   1 
HETATM 733 O O   . HOH B 2 .  ? 4.598   -6.432  -9.362  1.00 17.29 ? 121 HOH A O   1 
HETATM 734 O O   . HOH B 2 .  ? -5.931  -0.965  14.105  1.00 25.64 ? 122 HOH A O   1 
HETATM 735 O O   . HOH B 2 .  ? -9.449  10.897  12.070  1.00 30.70 ? 123 HOH A O   1 
HETATM 736 O O   . HOH B 2 .  ? -5.832  13.271  10.725  1.00 16.83 ? 124 HOH A O   1 
HETATM 737 O O   . HOH B 2 .  ? -8.102  11.311  7.853   1.00 15.23 ? 125 HOH A O   1 
HETATM 738 O O   . HOH B 2 .  ? 7.374   5.157   6.374   1.00 20.70 ? 126 HOH A O   1 
HETATM 739 O O   . HOH B 2 .  ? -5.049  -2.780  1.841   1.00 23.47 ? 127 HOH A O   1 
HETATM 740 O O   . HOH B 2 .  ? -12.328 -9.405  -9.380  1.00 31.48 ? 128 HOH A O   1 
HETATM 741 O O   . HOH B 2 .  ? 0.280   -1.542  -13.250 1.00 28.87 ? 129 HOH A O   1 
HETATM 742 O O   . HOH B 2 .  ? 12.185  -0.942  1.617   1.00 23.53 ? 130 HOH A O   1 
HETATM 743 O O   . HOH B 2 .  ? -12.378 8.981   13.816  1.00 29.97 ? 131 HOH A O   1 
HETATM 744 O O   . HOH B 2 .  ? 11.001  8.827   -6.500  1.00 30.15 ? 132 HOH A O   1 
HETATM 745 O O   . HOH B 2 .  ? 8.077   2.868   -4.879  1.00 32.70 ? 133 HOH A O   1 
HETATM 746 O O   . HOH B 2 .  ? 15.087  -7.694  -1.283  1.00 32.08 ? 134 HOH A O   1 
HETATM 747 O O   . HOH B 2 .  ? -10.998 -5.197  -14.648 1.00 25.32 ? 135 HOH A O   1 
HETATM 748 O O   . HOH B 2 .  ? -6.573  13.755  8.030   1.00 26.46 ? 136 HOH A O   1 
HETATM 749 O O   . HOH B 2 .  ? -4.782  13.187  6.408   1.00 28.91 ? 137 HOH A O   1 
HETATM 750 O O   . HOH B 2 .  ? -0.950  -11.100 -0.135  1.00 27.14 ? 138 HOH A O   1 
HETATM 751 O O   . HOH B 2 .  ? -5.364  -0.637  11.306  1.00 30.79 ? 139 HOH A O   1 
HETATM 752 O O   . HOH B 2 .  ? -11.423 -9.832  -6.628  1.00 23.70 ? 140 HOH A O   1 
HETATM 753 O O   . HOH B 2 .  ? 9.628   -2.479  4.637   1.00 37.92 ? 141 HOH A O   1 
HETATM 754 O O   . HOH B 2 .  ? 19.138  -8.001  -2.822  1.00 34.97 ? 142 HOH A O   1 
HETATM 755 O O   . HOH B 2 .  ? 6.624   -8.130  8.933   1.00 27.15 ? 143 HOH A O   1 
HETATM 756 O O   . HOH B 2 .  ? -3.255  -11.477 -1.990  1.00 46.23 ? 144 HOH A O   1 
HETATM 757 O O   . HOH B 2 .  ? -3.364  11.535  16.330  1.00 36.43 ? 145 HOH A O   1 
HETATM 758 O O   . HOH B 2 .  ? 12.688  -5.215  3.179   1.00 38.08 ? 146 HOH A O   1 
HETATM 759 O O   . HOH B 2 .  ? -8.026  -0.082  17.563  1.00 26.06 ? 147 HOH A O   1 
HETATM 760 O O   . HOH B 2 .  ? -3.129  14.629  5.416   1.00 30.80 ? 148 HOH A O   1 
HETATM 761 O O   . HOH B 2 .  ? -5.613  -6.949  3.415   1.00 34.40 ? 149 HOH A O   1 
HETATM 762 O O   . HOH B 2 .  ? -3.645  -9.687  1.891   1.00 36.69 ? 150 HOH A O   1 
HETATM 763 O O   . HOH B 2 .  ? -11.517 -3.026  6.706   1.00 35.89 ? 151 HOH A O   1 
HETATM 764 O O   . HOH B 2 .  ? -4.438  -9.455  -13.676 1.00 30.03 ? 152 HOH A O   1 
HETATM 765 O O   . HOH B 2 .  ? 4.911   -0.279  -11.165 1.00 37.95 ? 153 HOH A O   1 
HETATM 766 O O   . HOH B 2 .  ? -6.646  -4.418  2.869   1.00 35.29 ? 154 HOH A O   1 
HETATM 767 O O   . HOH B 2 .  ? 7.929   -9.546  1.229   1.00 40.93 ? 155 HOH A O   1 
HETATM 768 O O   . HOH B 2 .  ? 6.814   -11.635 2.832   1.00 46.99 ? 156 HOH A O   1 
HETATM 769 O O   . HOH B 2 .  ? -6.309  -2.951  -15.943 1.00 37.47 ? 157 HOH A O   1 
HETATM 770 O O   . HOH B 2 .  ? 9.548   -7.831  4.111   1.00 34.01 ? 158 HOH A O   1 
# 
loop_
_atom_site_anisotrop.id 
_atom_site_anisotrop.type_symbol 
_atom_site_anisotrop.pdbx_label_atom_id 
_atom_site_anisotrop.pdbx_label_alt_id 
_atom_site_anisotrop.pdbx_label_comp_id 
_atom_site_anisotrop.pdbx_label_asym_id 
_atom_site_anisotrop.pdbx_label_seq_id 
_atom_site_anisotrop.pdbx_PDB_ins_code 
_atom_site_anisotrop.U[1][1] 
_atom_site_anisotrop.U[2][2] 
_atom_site_anisotrop.U[3][3] 
_atom_site_anisotrop.U[1][2] 
_atom_site_anisotrop.U[1][3] 
_atom_site_anisotrop.U[2][3] 
_atom_site_anisotrop.pdbx_auth_seq_id 
_atom_site_anisotrop.pdbx_auth_comp_id 
_atom_site_anisotrop.pdbx_auth_asym_id 
_atom_site_anisotrop.pdbx_auth_atom_id 
1   N N   . MET A 3  ? 0.6804 0.3559 0.6097 0.0117  0.1988  -0.0811 10  MET A N   
2   C CA  . MET A 3  ? 0.3009 0.5863 0.4765 0.0852  0.0292  -0.0849 10  MET A CA  
3   C C   . MET A 3  ? 0.3029 0.5614 0.3977 0.0381  -0.0072 -0.0647 10  MET A C   
4   O O   . MET A 3  ? 0.4232 0.6792 0.2359 0.2293  -0.0774 -0.0196 10  MET A O   
5   C CB  . MET A 3  ? 0.3362 0.5806 0.5152 0.1392  0.0300  -0.0439 10  MET A CB  
6   C CG  . MET A 3  ? 0.2706 0.5146 0.4488 0.1191  -0.0320 -0.0129 10  MET A CG  
7   S SD  . MET A 3  ? 0.7474 0.4905 0.6374 0.0143  0.3787  -0.1703 10  MET A SD  
8   C CE  . MET A 3  ? 1.7561 0.5438 0.4709 -0.6721 0.5084  -0.3805 10  MET A CE  
9   N N   . GLY A 4  ? 0.3723 0.5436 0.3651 0.0237  0.0158  -0.0898 11  GLY A N   
10  C CA  . GLY A 4  ? 0.3698 0.5917 0.1799 0.0776  0.0527  -0.1555 11  GLY A CA  
11  C C   . GLY A 4  ? 0.3776 0.2730 0.1979 -0.0046 0.0293  -0.0996 11  GLY A C   
12  O O   . GLY A 4  ? 0.5303 0.4445 0.2857 0.1009  0.0542  0.0547  11  GLY A O   
13  N N   . PRO A 5  ? 0.3634 0.2367 0.1945 0.0153  0.1549  -0.0416 12  PRO A N   
14  C CA  . PRO A 5  ? 0.3552 0.1393 0.1336 -0.0251 0.0993  -0.0472 12  PRO A CA  
15  C C   . PRO A 5  ? 0.2355 0.1384 0.1116 -0.0070 0.0484  -0.0371 12  PRO A C   
16  O O   . PRO A 5  ? 0.1998 0.2090 0.1373 -0.0264 0.0533  -0.0726 12  PRO A O   
17  C CB  . PRO A 5  ? 0.4122 0.2233 0.1177 -0.0167 0.0946  -0.0175 12  PRO A CB  
18  C CG  . PRO A 5  ? 0.4827 0.1625 0.2305 -0.0206 0.1341  -0.0202 12  PRO A CG  
19  C CD  . PRO A 5  ? 0.4201 0.2192 0.2902 -0.0275 0.2323  -0.0447 12  PRO A CD  
20  N N   . ILE A 6  ? 0.2180 0.0976 0.0916 0.0031  0.0109  -0.0314 13  ILE A N   
21  C CA  . ILE A 6  ? 0.1691 0.0909 0.0665 -0.0039 -0.0015 -0.0163 13  ILE A CA  
22  C C   . ILE A 6  ? 0.1524 0.0897 0.0541 -0.0112 -0.0068 -0.0100 13  ILE A C   
23  O O   . ILE A 6  ? 0.1998 0.0975 0.0820 -0.0088 -0.0263 -0.0199 13  ILE A O   
24  C CB  A ILE A 6  ? 0.2244 0.0943 0.0797 -0.0466 -0.0030 -0.0078 13  ILE A CB  
25  C CB  B ILE A 6  ? 0.2321 0.1153 0.0856 -0.0529 -0.0002 0.0057  13  ILE A CB  
26  C CG1 A ILE A 6  ? 0.2896 0.1081 0.1126 -0.0388 -0.0350 0.0114  13  ILE A CG1 
27  C CG1 B ILE A 6  ? 0.2032 0.1008 0.1299 -0.0606 -0.0614 -0.0102 13  ILE A CG1 
28  C CG2 A ILE A 6  ? 0.1588 0.1848 0.0899 -0.0299 -0.0107 -0.0211 13  ILE A CG2 
29  C CG2 B ILE A 6  ? 0.1754 0.0826 0.1259 -0.0832 0.0191  0.0214  13  ILE A CG2 
30  C CD1 A ILE A 6  ? 0.4069 0.1452 0.2610 -0.1646 -0.1684 0.0672  13  ILE A CD1 
31  C CD1 B ILE A 6  ? 0.1655 0.0976 0.2773 -0.0709 -0.0061 -0.0020 13  ILE A CD1 
32  N N   . ILE A 7  ? 0.1052 0.0806 0.0586 0.0023  -0.0024 -0.0039 14  ILE A N   
33  C CA  . ILE A 7  ? 0.1012 0.0751 0.0577 0.0029  0.0010  -0.0029 14  ILE A CA  
34  C C   . ILE A 7  ? 0.0821 0.0867 0.0559 -0.0039 -0.0061 -0.0037 14  ILE A C   
35  O O   . ILE A 7  ? 0.1026 0.0874 0.0532 0.0092  0.0030  -0.0028 14  ILE A O   
36  C CB  . ILE A 7  ? 0.1027 0.0878 0.0646 0.0009  0.0114  0.0024  14  ILE A CB  
37  C CG1 . ILE A 7  ? 0.0970 0.1421 0.0862 -0.0234 0.0139  0.0218  14  ILE A CG1 
38  C CG2 . ILE A 7  ? 0.1350 0.1500 0.0739 0.0004  0.0323  0.0041  14  ILE A CG2 
39  C CD1 . ILE A 7  ? 0.1161 0.2092 0.2125 -0.0510 -0.0290 0.0333  14  ILE A CD1 
40  N N   . THR A 8  ? 0.1353 0.0808 0.0574 0.0150  0.0120  -0.0054 15  THR A N   
41  C CA  . THR A 8  ? 0.1205 0.0979 0.0579 0.0138  0.0110  -0.0021 15  THR A CA  
42  C C   . THR A 8  ? 0.1410 0.0817 0.0583 0.0140  0.0209  0.0013  15  THR A C   
43  O O   . THR A 8  ? 0.2256 0.0903 0.0618 -0.0071 0.0256  -0.0026 15  THR A O   
44  C CB  A THR A 8  ? 0.1151 0.1336 0.1022 0.0196  0.0288  0.0104  15  THR A CB  
45  C CB  B THR A 8  ? 0.1242 0.1035 0.1059 0.0284  0.0102  -0.0111 15  THR A CB  
46  O OG1 A THR A 8  ? 0.1028 0.1680 0.1258 -0.0059 0.0072  0.0215  15  THR A OG1 
47  O OG1 B THR A 8  ? 0.1473 0.0993 0.1183 0.0152  0.0374  -0.0006 15  THR A OG1 
48  C CG2 A THR A 8  ? 0.1641 0.1833 0.1057 0.0662  0.0245  0.0085  15  THR A CG2 
49  C CG2 B THR A 8  ? 0.1189 0.1558 0.1081 0.0319  0.0177  0.0161  15  THR A CG2 
50  N N   . THR A 9  ? 0.1241 0.0861 0.0629 -0.0009 0.0179  0.0070  16  THR A N   
51  C CA  . THR A 9  ? 0.1258 0.0990 0.0673 -0.0167 0.0273  -0.0034 16  THR A CA  
52  C C   . THR A 9  ? 0.1123 0.0845 0.0690 -0.0042 0.0228  0.0015  16  THR A C   
53  O O   . THR A 9  ? 0.3396 0.0770 0.1226 -0.0381 0.1312  -0.0144 16  THR A O   
54  C CB  A THR A 9  ? 0.1038 0.1855 0.1529 -0.0326 0.0593  -0.0516 16  THR A CB  
55  C CB  B THR A 9  ? 0.1295 0.1449 0.0896 -0.0455 0.0501  -0.0219 16  THR A CB  
56  O OG1 A THR A 9  ? 0.1467 0.1862 0.1603 0.0078  0.0719  -0.0535 16  THR A OG1 
57  O OG1 B THR A 9  ? 0.1134 0.1306 0.0988 -0.0197 0.0190  0.0158  16  THR A OG1 
58  C CG2 A THR A 9  ? 0.0945 0.1683 0.1110 -0.0022 0.0135  -0.0139 16  THR A CG2 
59  C CG2 B THR A 9  ? 0.1291 0.1325 0.1675 0.0191  -0.0030 0.0330  16  THR A CG2 
60  N N   . GLN A 10 ? 0.1066 0.0846 0.0872 0.0094  0.0303  0.0163  17  GLN A N   
61  C CA  . GLN A 10 ? 0.0962 0.0776 0.0913 0.0030  0.0254  -0.0028 17  GLN A CA  
62  C C   . GLN A 10 ? 0.0938 0.0834 0.1183 -0.0097 0.0373  -0.0119 17  GLN A C   
63  O O   . GLN A 10 ? 0.1091 0.1109 0.1256 -0.0185 0.0287  -0.0126 17  GLN A O   
64  C CB  . GLN A 10 ? 0.0970 0.0763 0.1119 -0.0030 0.0306  -0.0004 17  GLN A CB  
65  C CG  . GLN A 10 ? 0.0955 0.0812 0.1059 -0.0058 0.0208  -0.0002 17  GLN A CG  
66  C CD  . GLN A 10 ? 0.1012 0.0857 0.0876 -0.0074 0.0276  -0.0003 17  GLN A CD  
67  O OE1 . GLN A 10 ? 0.1158 0.0892 0.1137 -0.0013 0.0318  0.0203  17  GLN A OE1 
68  N NE2 . GLN A 10 ? 0.0966 0.0909 0.1270 0.0052  0.0172  0.0169  17  GLN A NE2 
69  N N   . VAL A 11 ? 0.0954 0.0894 0.1118 -0.0118 0.0293  -0.0213 18  VAL A N   
70  C CA  . VAL A 11 ? 0.0868 0.1049 0.1312 -0.0110 0.0163  -0.0276 18  VAL A CA  
71  C C   . VAL A 11 ? 0.0852 0.0997 0.0970 -0.0015 0.0101  -0.0097 18  VAL A C   
72  O O   . VAL A 11 ? 0.0861 0.1081 0.1278 -0.0091 0.0275  -0.0213 18  VAL A O   
73  C CB  . VAL A 11 ? 0.0864 0.1325 0.1872 0.0106  0.0063  -0.0317 18  VAL A CB  
74  C CG1 . VAL A 11 ? 0.1341 0.1944 0.2048 0.0557  0.0351  -0.0166 18  VAL A CG1 
75  C CG2 . VAL A 11 ? 0.1062 0.1481 0.1895 0.0108  -0.0111 0.0004  18  VAL A CG2 
76  N N   . THR A 12 ? 0.0994 0.1297 0.1474 -0.0219 0.0411  -0.0504 19  THR A N   
77  C CA  . THR A 12 ? 0.1008 0.1269 0.1035 -0.0020 0.0260  -0.0329 19  THR A CA  
78  C C   . THR A 12 ? 0.0921 0.1368 0.1170 -0.0130 0.0143  -0.0076 19  THR A C   
79  O O   . THR A 12 ? 0.1052 0.2100 0.1473 -0.0187 0.0090  0.0236  19  THR A O   
80  C CB  . THR A 12 ? 0.1869 0.1630 0.1049 0.0491  0.0114  -0.0245 19  THR A CB  
81  O OG1 . THR A 12 ? 0.3368 0.1513 0.1411 -0.0777 -0.0014 -0.0012 19  THR A OG1 
82  C CG2 . THR A 12 ? 0.2366 0.2366 0.1030 0.0448  0.0060  0.0045  19  THR A CG2 
83  N N   . ILE A 13 ? 0.1040 0.1359 0.0974 -0.0039 0.0078  -0.0273 20  ILE A N   
84  C CA  . ILE A 13 ? 0.1120 0.1334 0.1003 0.0137  0.0017  -0.0286 20  ILE A CA  
85  C C   . ILE A 13 ? 0.1125 0.1301 0.0988 0.0014  -0.0021 -0.0285 20  ILE A C   
86  O O   . ILE A 13 ? 0.1063 0.1497 0.1174 0.0120  -0.0007 -0.0365 20  ILE A O   
87  C CB  A ILE A 13 ? 0.1134 0.1290 0.1156 0.0108  0.0116  -0.0252 20  ILE A CB  
88  C CB  B ILE A 13 ? 0.1154 0.1406 0.1238 0.0079  0.0325  -0.0117 20  ILE A CB  
89  C CG1 A ILE A 13 ? 0.1116 0.1129 0.0917 0.0065  0.0097  -0.0125 20  ILE A CG1 
90  C CG1 B ILE A 13 ? 0.1920 0.2495 0.1220 0.0312  0.0219  0.0299  20  ILE A CG1 
91  C CG2 A ILE A 13 ? 0.1105 0.1496 0.1095 0.0203  0.0122  -0.0229 20  ILE A CG2 
92  C CG2 B ILE A 13 ? 0.1073 0.2102 0.2811 0.0124  0.0469  0.0442  20  ILE A CG2 
93  C CD1 A ILE A 13 ? 0.1091 0.1107 0.1134 0.0132  -0.0003 -0.0028 20  ILE A CD1 
94  C CD1 B ILE A 13 ? 0.2095 0.2892 0.3129 0.0963  -0.0027 0.1102  20  ILE A CD1 
95  N N   . PRO A 14 ? 0.1193 0.1287 0.1200 0.0106  -0.0036 -0.0372 21  PRO A N   
96  C CA  . PRO A 14 ? 0.1350 0.1399 0.1074 0.0052  0.0029  -0.0410 21  PRO A CA  
97  C C   . PRO A 14 ? 0.1327 0.1306 0.1022 0.0228  -0.0030 -0.0408 21  PRO A C   
98  O O   . PRO A 14 ? 0.1399 0.1294 0.0989 0.0271  0.0041  -0.0256 21  PRO A O   
99  C CB  . PRO A 14 ? 0.1389 0.1604 0.1425 -0.0012 -0.0009 -0.0544 21  PRO A CB  
100 C CG  . PRO A 14 ? 0.1418 0.1811 0.1707 -0.0182 0.0032  -0.0641 21  PRO A CG  
101 C CD  . PRO A 14 ? 0.1231 0.1651 0.1413 -0.0096 -0.0032 -0.0441 21  PRO A CD  
102 N N   . LYS A 15 ? 0.1263 0.1226 0.1115 0.0212  -0.0018 -0.0302 22  LYS A N   
103 C CA  . LYS A 15 ? 0.1301 0.1197 0.1152 0.0168  -0.0091 -0.0167 22  LYS A CA  
104 C C   . LYS A 15 ? 0.1291 0.1320 0.0976 0.0251  0.0031  -0.0320 22  LYS A C   
105 O O   . LYS A 15 ? 0.1592 0.1405 0.1066 0.0101  0.0076  -0.0263 22  LYS A O   
106 C CB  . LYS A 15 ? 0.1214 0.1715 0.1004 0.0158  0.0006  -0.0265 22  LYS A CB  
107 C CG  . LYS A 15 ? 0.1412 0.1662 0.0908 0.0374  0.0082  -0.0135 22  LYS A CG  
108 C CD  . LYS A 15 ? 0.1502 0.2568 0.0970 0.0665  0.0147  0.0070  22  LYS A CD  
109 C CE  . LYS A 15 ? 0.1275 0.2207 0.1113 0.0259  0.0065  -0.0068 22  LYS A CE  
110 N NZ  . LYS A 15 ? 0.1907 0.5566 0.1498 0.1861  0.0181  0.0157  22  LYS A NZ  
111 N N   . ASP A 16 ? 0.1447 0.1226 0.1096 0.0363  -0.0164 -0.0335 23  ASP A N   
112 C CA  . ASP A 16 ? 0.1589 0.1451 0.0935 0.0368  -0.0094 -0.0404 23  ASP A CA  
113 C C   . ASP A 16 ? 0.1525 0.1363 0.1054 0.0319  -0.0086 -0.0315 23  ASP A C   
114 O O   . ASP A 16 ? 0.2396 0.1883 0.0993 0.0754  -0.0019 -0.0220 23  ASP A O   
115 C CB  . ASP A 16 ? 0.1675 0.1657 0.1310 0.0337  -0.0149 -0.0645 23  ASP A CB  
116 C CG  . ASP A 16 ? 0.1892 0.1588 0.1722 0.0184  -0.0153 -0.0558 23  ASP A CG  
117 O OD1 . ASP A 16 ? 0.2540 0.2487 0.2244 -0.0718 0.0603  -0.1025 23  ASP A OD1 
118 O OD2 . ASP A 16 ? 0.2521 0.2636 0.2241 -0.0481 -0.0341 -0.1007 23  ASP A OD2 
119 N N   . LEU A 17 ? 0.1493 0.1355 0.0965 0.0406  -0.0125 -0.0318 24  LEU A N   
120 C CA  . LEU A 17 ? 0.1450 0.1403 0.0912 0.0451  -0.0193 -0.0232 24  LEU A CA  
121 C C   . LEU A 17 ? 0.1478 0.1380 0.0996 0.0339  -0.0052 -0.0213 24  LEU A C   
122 O O   . LEU A 17 ? 0.1988 0.1357 0.1140 0.0484  0.0022  -0.0221 24  LEU A O   
123 C CB  . LEU A 17 ? 0.1378 0.1500 0.1493 0.0374  -0.0131 -0.0387 24  LEU A CB  
124 C CG  . LEU A 17 ? 0.1657 0.1424 0.1595 0.0245  -0.0421 -0.0154 24  LEU A CG  
125 C CD1 . LEU A 17 ? 0.1552 0.1998 0.2479 0.0104  -0.0259 -0.0233 24  LEU A CD1 
126 C CD2 . LEU A 17 ? 0.2302 0.2124 0.1711 0.0173  -0.0855 -0.0309 24  LEU A CD2 
127 N N   . ALA A 18 ? 0.1751 0.1281 0.1251 0.0268  -0.0108 -0.0330 25  ALA A N   
128 C CA  . ALA A 18 ? 0.1624 0.1467 0.1422 0.0196  -0.0283 -0.0424 25  ALA A CA  
129 C C   . ALA A 18 ? 0.1604 0.1355 0.1540 0.0203  0.0034  -0.0498 25  ALA A C   
130 O O   . ALA A 18 ? 0.1941 0.1478 0.1891 0.0217  -0.0176 -0.0681 25  ALA A O   
131 C CB  . ALA A 18 ? 0.2111 0.1591 0.2102 0.0417  -0.0756 -0.0586 25  ALA A CB  
132 N N   . GLY A 19 ? 0.2029 0.1580 0.1991 0.0152  0.0597  -0.0512 26  GLY A N   
133 C CA  . GLY A 19 ? 0.1944 0.2329 0.1849 -0.0081 0.0645  -0.0275 26  GLY A CA  
134 C C   . GLY A 19 ? 0.2348 0.1689 0.1244 0.0063  0.0322  -0.0551 26  GLY A C   
135 O O   . GLY A 19 ? 0.3717 0.1784 0.2101 -0.0133 0.1097  -0.0382 26  GLY A O   
136 N N   . SER A 20 ? 0.2085 0.1772 0.1126 0.0261  0.0072  -0.0488 27  SER A N   
137 C CA  . SER A 20 ? 0.2324 0.1440 0.1427 0.0182  -0.0330 -0.0458 27  SER A CA  
138 C C   . SER A 20 ? 0.2009 0.1089 0.1156 -0.0061 -0.0443 -0.0225 27  SER A C   
139 O O   . SER A 20 ? 0.2771 0.1340 0.1435 0.0290  -0.0795 -0.0267 27  SER A O   
140 C CB  . SER A 20 ? 0.1740 0.1385 0.2812 -0.0124 -0.0964 -0.0748 27  SER A CB  
141 O OG  A SER A 20 ? 0.1398 0.1746 0.1381 0.0176  -0.0197 -0.0711 27  SER A OG  
142 O OG  B SER A 20 ? 0.1949 0.2458 0.3575 -0.0240 -0.0333 0.0890  27  SER A OG  
143 N N   . ILE A 21 ? 0.1525 0.1159 0.1039 -0.0016 -0.0165 -0.0273 28  ILE A N   
144 C CA  . ILE A 21 ? 0.1326 0.1239 0.1124 0.0024  -0.0247 -0.0375 28  ILE A CA  
145 C C   . ILE A 21 ? 0.1332 0.1514 0.1227 -0.0079 -0.0211 -0.0466 28  ILE A C   
146 O O   . ILE A 21 ? 0.1488 0.1561 0.1879 -0.0345 0.0182  -0.0704 28  ILE A O   
147 C CB  . ILE A 21 ? 0.1565 0.1443 0.1103 0.0156  -0.0234 -0.0306 28  ILE A CB  
148 C CG1 . ILE A 21 ? 0.2288 0.2463 0.1356 0.1095  -0.0316 -0.0455 28  ILE A CG1 
149 C CG2 . ILE A 21 ? 0.2406 0.1685 0.1356 -0.0437 -0.0062 -0.0147 28  ILE A CG2 
150 C CD1 . ILE A 21 ? 0.1510 0.2381 0.1455 0.0634  -0.0252 0.0126  28  ILE A CD1 
151 N N   . ILE A 22 ? 0.1430 0.1570 0.1957 -0.0095 0.0172  -0.0662 29  ILE A N   
152 C CA  . ILE A 22 ? 0.1388 0.1749 0.2330 -0.0065 0.0226  -0.0492 29  ILE A CA  
153 C C   . ILE A 22 ? 0.1563 0.1935 0.2224 -0.0194 0.0144  -0.0429 29  ILE A C   
154 O O   . ILE A 22 ? 0.1713 0.1769 0.2123 -0.0352 0.0619  -0.0279 29  ILE A O   
155 C CB  A ILE A 22 ? 0.1400 0.2175 0.3219 0.0109  0.0178  -0.0252 29  ILE A CB  
156 C CB  B ILE A 22 ? 0.1287 0.1987 0.2807 -0.0017 -0.0124 -0.0726 29  ILE A CB  
157 C CG1 A ILE A 22 ? 0.1371 0.2212 0.3228 0.0302  0.0551  -0.0158 29  ILE A CG1 
158 C CG1 B ILE A 22 ? 0.1807 0.2076 0.3165 0.0472  0.0653  -0.0209 29  ILE A CG1 
159 C CG2 A ILE A 22 ? 0.1302 0.3175 0.2421 -0.0056 0.0413  0.0081  29  ILE A CG2 
160 C CG2 B ILE A 22 ? 0.1077 0.2247 0.3006 0.0346  -0.0182 0.0095  29  ILE A CG2 
161 C CD1 A ILE A 22 ? 0.2779 0.2514 0.3247 -0.0745 0.0269  -0.0046 29  ILE A CD1 
162 C CD1 B ILE A 22 ? 0.3178 0.1838 0.3836 -0.0230 0.1874  0.0010  29  ILE A CD1 
163 N N   . GLY A 23 ? 0.2318 0.2572 0.2237 -0.0541 -0.0262 -0.0657 30  GLY A N   
164 C CA  . GLY A 23 ? 0.2678 0.3360 0.2238 -0.0831 -0.0119 -0.0311 30  GLY A CA  
165 C C   . GLY A 23 ? 0.2584 0.3066 0.1804 -0.0493 0.0169  -0.0801 30  GLY A C   
166 O O   . GLY A 23 ? 0.2334 0.2728 0.1929 -0.0185 0.0391  -0.0638 30  GLY A O   
167 N N   . LYS A 24 ? 0.3103 0.4212 0.1442 -0.0864 0.0145  -0.0820 31  LYS A N   
168 C CA  . LYS A 24 ? 0.3212 0.3548 0.2254 -0.0525 0.0601  -0.0518 31  LYS A CA  
169 C C   . LYS A 24 ? 0.2613 0.3187 0.2208 -0.0472 0.0906  -0.0384 31  LYS A C   
170 O O   . LYS A 24 ? 0.3335 0.3131 0.2047 0.0014  0.1284  0.0247  31  LYS A O   
171 C CB  . LYS A 24 ? 0.4304 0.3984 0.2039 -0.0278 0.1104  -0.0646 31  LYS A CB  
172 C CG  . LYS A 24 ? 0.4754 0.4256 0.2124 -0.0561 0.1215  -0.0567 31  LYS A CG  
173 C CD  . LYS A 24 ? 0.4383 0.6245 0.2912 -0.0350 0.1320  -0.0071 31  LYS A CD  
174 C CE  . LYS A 24 ? 0.4669 0.5132 0.1999 0.0460  0.1126  0.0054  31  LYS A CE  
175 N NZ  . LYS A 24 ? 0.5709 0.3841 0.5047 0.1971  0.2274  0.0559  31  LYS A NZ  
176 N N   . GLY A 25 ? 0.2621 0.4694 0.1653 -0.0479 0.1024  -0.0737 32  GLY A N   
177 C CA  . GLY A 25 ? 0.2719 0.3782 0.1328 -0.0446 0.0740  0.0031  32  GLY A CA  
178 C C   . GLY A 25 ? 0.1988 0.3146 0.1601 -0.0645 0.0863  -0.0352 32  GLY A C   
179 O O   . GLY A 25 ? 0.2554 0.2951 0.1582 -0.0889 0.0612  -0.0191 32  GLY A O   
180 N N   . GLY A 26 ? 0.1872 0.3080 0.1538 -0.0686 0.0658  -0.0646 33  GLY A N   
181 C CA  . GLY A 26 ? 0.1585 0.2882 0.1448 -0.0618 0.0448  -0.0254 33  GLY A CA  
182 C C   . GLY A 26 ? 0.2032 0.2402 0.0991 -0.0491 0.0450  -0.0326 33  GLY A C   
183 O O   . GLY A 26 ? 0.1981 0.2642 0.0967 -0.0477 0.0243  -0.0278 33  GLY A O   
184 N N   . GLN A 27 ? 0.1974 0.2516 0.0989 -0.0715 0.0417  -0.0240 34  GLN A N   
185 C CA  . GLN A 27 ? 0.2484 0.2391 0.1087 -0.0551 0.0482  0.0136  34  GLN A CA  
186 C C   . GLN A 27 ? 0.1944 0.2053 0.0976 -0.0564 0.0151  -0.0306 34  GLN A C   
187 O O   . GLN A 27 ? 0.2183 0.1964 0.1096 -0.0514 0.0122  -0.0201 34  GLN A O   
188 C CB  A GLN A 27 ? 0.3465 0.2839 0.1243 -0.0689 0.0173  0.0415  34  GLN A CB  
189 C CB  B GLN A 27 ? 0.3464 0.3034 0.1156 -0.0517 0.0255  0.0368  34  GLN A CB  
190 C CG  A GLN A 27 ? 0.4152 0.3201 0.1222 0.0307  0.0265  -0.0563 34  GLN A CG  
191 C CG  B GLN A 27 ? 0.4733 0.2471 0.2025 -0.0923 0.0108  0.1242  34  GLN A CG  
192 C CD  A GLN A 27 ? 0.4651 0.5818 0.2097 -0.0089 -0.0901 -0.0437 34  GLN A CD  
193 C CD  B GLN A 27 ? 0.4998 0.3206 0.2536 -0.1271 -0.0060 0.0752  34  GLN A CD  
194 O OE1 A GLN A 27 ? 0.6306 0.8043 0.2204 0.3284  0.0153  0.0749  34  GLN A OE1 
195 O OE1 B GLN A 27 ? 0.4511 0.3941 0.2723 -0.1183 -0.0528 -0.0453 34  GLN A OE1 
196 N NE2 A GLN A 27 ? 0.4968 0.9168 0.2581 -0.3706 0.0194  -0.1767 34  GLN A NE2 
197 N NE2 B GLN A 27 ? 0.5657 0.3451 0.2794 -0.0536 -0.0688 0.0421  34  GLN A NE2 
198 N N   . ARG A 28 ? 0.1810 0.2046 0.0839 -0.0329 0.0089  -0.0250 35  ARG A N   
199 C CA  . ARG A 28 ? 0.1566 0.1877 0.0892 -0.0357 -0.0136 -0.0292 35  ARG A CA  
200 C C   . ARG A 28 ? 0.1381 0.1494 0.0847 -0.0303 -0.0106 -0.0266 35  ARG A C   
201 O O   . ARG A 28 ? 0.1415 0.1538 0.0863 -0.0214 -0.0075 -0.0280 35  ARG A O   
202 C CB  . ARG A 28 ? 0.1726 0.1704 0.0921 -0.0095 -0.0338 -0.0305 35  ARG A CB  
203 C CG  . ARG A 28 ? 0.2517 0.1736 0.1113 -0.0371 -0.0435 -0.0258 35  ARG A CG  
204 C CD  . ARG A 28 ? 0.3253 0.1851 0.1298 -0.0480 -0.0616 -0.0427 35  ARG A CD  
205 N NE  . ARG A 28 ? 0.2460 0.2091 0.1425 -0.0468 -0.0507 -0.0472 35  ARG A NE  
206 C CZ  . ARG A 28 ? 0.2636 0.2176 0.1375 -0.0623 0.0023  -0.0459 35  ARG A CZ  
207 N NH1 . ARG A 28 ? 0.2710 0.1996 0.1846 -0.0614 0.0048  -0.0518 35  ARG A NH1 
208 N NH2 . ARG A 28 ? 0.4302 0.3221 0.1373 -0.0943 -0.0225 -0.0651 35  ARG A NH2 
209 N N   . ILE A 29 ? 0.1123 0.1826 0.0860 -0.0403 -0.0012 -0.0368 36  ILE A N   
210 C CA  . ILE A 29 ? 0.1107 0.1403 0.0802 -0.0306 0.0064  -0.0282 36  ILE A CA  
211 C C   . ILE A 29 ? 0.1038 0.1432 0.0699 -0.0312 -0.0058 -0.0156 36  ILE A C   
212 O O   . ILE A 29 ? 0.1086 0.1265 0.0708 -0.0266 0.0076  -0.0118 36  ILE A O   
213 C CB  A ILE A 29 ? 0.0998 0.1578 0.1050 -0.0220 0.0006  -0.0459 36  ILE A CB  
214 C CB  B ILE A 29 ? 0.1241 0.1462 0.0782 -0.0239 0.0132  -0.0246 36  ILE A CB  
215 C CG1 A ILE A 29 ? 0.1091 0.2201 0.1328 -0.0073 0.0055  0.0242  36  ILE A CG1 
216 C CG1 B ILE A 29 ? 0.0930 0.1028 0.0721 -0.0332 0.0052  -0.0417 36  ILE A CG1 
217 C CG2 A ILE A 29 ? 0.1100 0.1670 0.0990 -0.0284 0.0232  -0.0657 36  ILE A CG2 
218 C CG2 B ILE A 29 ? 0.1150 0.1724 0.0723 -0.0039 0.0152  0.0210  36  ILE A CG2 
219 C CD1 A ILE A 29 ? 0.1612 0.1927 0.1579 -0.0629 -0.0153 0.0208  36  ILE A CD1 
220 C CD1 B ILE A 29 ? 0.1071 0.1313 0.0969 -0.0200 0.0035  -0.0161 36  ILE A CD1 
221 N N   . LYS A 30 ? 0.1290 0.1469 0.0748 -0.0426 0.0155  -0.0201 37  LYS A N   
222 C CA  . LYS A 30 ? 0.1162 0.1457 0.0733 -0.0356 0.0010  -0.0107 37  LYS A CA  
223 C C   . LYS A 30 ? 0.1302 0.1337 0.0730 -0.0403 0.0026  -0.0004 37  LYS A C   
224 O O   . LYS A 30 ? 0.1408 0.1316 0.0781 -0.0334 0.0052  -0.0154 37  LYS A O   
225 C CB  A LYS A 30 ? 0.1260 0.1430 0.0904 -0.0354 0.0032  -0.0038 37  LYS A CB  
226 C CB  B LYS A 30 ? 0.1659 0.1719 0.1080 -0.0836 0.0325  -0.0284 37  LYS A CB  
227 C CG  A LYS A 30 ? 0.1145 0.1314 0.0705 -0.0354 0.0057  0.0055  37  LYS A CG  
228 C CG  B LYS A 30 ? 0.2973 0.1614 0.1610 -0.0528 -0.0429 0.0292  37  LYS A CG  
229 C CD  A LYS A 30 ? 0.1407 0.1495 0.1063 -0.0374 0.0281  0.0063  37  LYS A CD  
230 C CD  B LYS A 30 ? 0.4264 0.2037 0.1481 -0.1356 -0.0397 0.0284  37  LYS A CD  
231 C CE  A LYS A 30 ? 0.1314 0.1782 0.1383 -0.0596 0.0280  0.0202  37  LYS A CE  
232 C CE  B LYS A 30 ? 0.4773 0.1834 0.2135 -0.1117 -0.0637 0.0382  37  LYS A CE  
233 N NZ  A LYS A 30 ? 0.1221 0.2009 0.1181 -0.0252 0.0294  0.0177  37  LYS A NZ  
234 N NZ  B LYS A 30 ? 0.7074 0.2485 0.3241 -0.1615 0.0756  0.0956  37  LYS A NZ  
235 N N   . GLN A 31 ? 0.1277 0.1463 0.0755 -0.0308 -0.0043 0.0155  38  GLN A N   
236 C CA  . GLN A 31 ? 0.1468 0.1431 0.0796 -0.0169 -0.0223 0.0207  38  GLN A CA  
237 C C   . GLN A 31 ? 0.1196 0.1321 0.0797 -0.0091 -0.0155 -0.0050 38  GLN A C   
238 O O   . GLN A 31 ? 0.1447 0.1388 0.0988 0.0061  -0.0073 0.0063  38  GLN A O   
239 C CB  A GLN A 31 ? 0.1347 0.2257 0.0894 -0.0230 -0.0166 0.0032  38  GLN A CB  
240 C CB  B GLN A 31 ? 0.1582 0.2076 0.0852 0.0058  -0.0295 0.0217  38  GLN A CB  
241 C CG  A GLN A 31 ? 0.2640 0.3660 0.1006 0.0376  0.0186  0.0825  38  GLN A CG  
242 C CG  B GLN A 31 ? 0.1606 0.2459 0.1147 0.0203  -0.0387 -0.0149 38  GLN A CG  
243 C CD  A GLN A 31 ? 0.4414 0.4523 0.1070 -0.0095 0.0058  0.0449  38  GLN A CD  
244 C CD  B GLN A 31 ? 0.2396 0.2425 0.2758 0.0593  0.0055  0.0095  38  GLN A CD  
245 O OE1 A GLN A 31 ? 0.5572 0.5728 0.2437 -0.1327 -0.1438 0.0809  38  GLN A OE1 
246 O OE1 B GLN A 31 ? 0.2951 0.2018 0.4491 0.0456  0.0579  0.1215  38  GLN A OE1 
247 N NE2 A GLN A 31 ? 0.7371 0.4713 0.1075 -0.0300 -0.0393 0.0785  38  GLN A NE2 
248 N NE2 B GLN A 31 ? 0.2725 0.3122 0.2171 0.1226  -0.0239 0.0384  38  GLN A NE2 
249 N N   . ILE A 32 ? 0.1067 0.1295 0.0787 -0.0137 -0.0030 -0.0081 39  ILE A N   
250 C CA  . ILE A 32 ? 0.0925 0.1185 0.0978 -0.0146 -0.0127 -0.0077 39  ILE A CA  
251 C C   . ILE A 32 ? 0.0833 0.1163 0.0779 -0.0058 -0.0166 0.0074  39  ILE A C   
252 O O   . ILE A 32 ? 0.0781 0.1132 0.0910 -0.0047 -0.0095 -0.0041 39  ILE A O   
253 C CB  . ILE A 32 ? 0.0802 0.1181 0.1043 -0.0193 -0.0133 -0.0133 39  ILE A CB  
254 C CG1 . ILE A 32 ? 0.1121 0.1375 0.1084 -0.0299 -0.0217 -0.0159 39  ILE A CG1 
255 C CG2 . ILE A 32 ? 0.0918 0.1263 0.1068 -0.0214 -0.0227 0.0016  39  ILE A CG2 
256 C CD1 . ILE A 32 ? 0.1893 0.1508 0.1572 -0.0346 -0.0389 -0.0527 39  ILE A CD1 
257 N N   . ARG A 33 ? 0.0888 0.1103 0.0700 -0.0149 -0.0048 -0.0032 40  ARG A N   
258 C CA  . ARG A 33 ? 0.0880 0.1133 0.0656 -0.0150 -0.0054 -0.0050 40  ARG A CA  
259 C C   . ARG A 33 ? 0.0872 0.1105 0.0815 -0.0159 -0.0083 0.0005  40  ARG A C   
260 O O   . ARG A 33 ? 0.0882 0.1295 0.0894 -0.0068 -0.0020 -0.0132 40  ARG A O   
261 C CB  . ARG A 33 ? 0.0847 0.1088 0.0693 -0.0239 0.0016  -0.0052 40  ARG A CB  
262 C CG  . ARG A 33 ? 0.0845 0.1147 0.0663 -0.0180 -0.0019 0.0010  40  ARG A CG  
263 C CD  . ARG A 33 ? 0.0844 0.1200 0.0938 -0.0143 0.0031  0.0184  40  ARG A CD  
264 N NE  . ARG A 33 ? 0.0782 0.1318 0.0889 -0.0128 0.0088  0.0034  40  ARG A NE  
265 C CZ  . ARG A 33 ? 0.0793 0.1217 0.0713 -0.0269 -0.0087 0.0008  40  ARG A CZ  
266 N NH1 . ARG A 33 ? 0.1093 0.1253 0.0809 -0.0138 0.0158  0.0070  40  ARG A NH1 
267 N NH2 . ARG A 33 ? 0.0790 0.1251 0.0813 -0.0230 0.0085  -0.0007 40  ARG A NH2 
268 N N   . HIS A 34 ? 0.1230 0.1112 0.0939 -0.0167 -0.0088 0.0008  41  HIS A N   
269 C CA  . HIS A 34 ? 0.1412 0.1012 0.1164 -0.0194 -0.0217 0.0012  41  HIS A CA  
270 C C   . HIS A 34 ? 0.1466 0.1213 0.0980 0.0026  -0.0240 -0.0025 41  HIS A C   
271 O O   . HIS A 34 ? 0.1643 0.1253 0.1411 0.0188  -0.0269 -0.0261 41  HIS A O   
272 C CB  . HIS A 34 ? 0.2018 0.1345 0.1256 -0.0289 -0.0068 0.0307  41  HIS A CB  
273 C CG  . HIS A 34 ? 0.3939 0.1320 0.2553 -0.0083 -0.0215 0.0862  41  HIS A CG  
274 N ND1 . HIS A 34 ? 0.6834 0.1314 0.4176 -0.0060 -0.0978 0.0364  41  HIS A ND1 
275 C CD2 . HIS A 34 ? 0.4146 0.2223 0.3578 0.0915  -0.0190 0.1039  41  HIS A CD2 
276 C CE1 . HIS A 34 ? 0.7673 0.1397 0.6432 0.0485  -0.0219 0.0621  41  HIS A CE1 
277 N NE2 . HIS A 34 ? 0.6851 0.2113 0.6204 0.1376  -0.0538 0.1411  41  HIS A NE2 
278 N N   . GLU A 35 ? 0.1231 0.1123 0.0970 0.0039  -0.0260 0.0032  42  GLU A N   
279 C CA  . GLU A 35 ? 0.1429 0.0997 0.1095 0.0171  -0.0290 0.0061  42  GLU A CA  
280 C C   . GLU A 35 ? 0.1109 0.1215 0.1062 0.0197  -0.0261 -0.0056 42  GLU A C   
281 O O   . GLU A 35 ? 0.1210 0.1565 0.1481 0.0405  -0.0124 0.0104  42  GLU A O   
282 C CB  A GLU A 35 ? 0.1845 0.2006 0.1037 -0.0479 -0.0677 0.0221  42  GLU A CB  
283 C CB  B GLU A 35 ? 0.1300 0.1310 0.1169 0.0094  -0.0334 -0.0102 42  GLU A CB  
284 C CG  A GLU A 35 ? 0.2920 0.1838 0.1511 -0.0159 -0.0971 0.0521  42  GLU A CG  
285 C CG  B GLU A 35 ? 0.1284 0.1549 0.1806 0.0098  -0.0235 -0.0020 42  GLU A CG  
286 C CD  A GLU A 35 ? 0.3639 0.2466 0.2132 0.0619  -0.1109 0.0143  42  GLU A CD  
287 C CD  B GLU A 35 ? 0.1218 0.1642 0.2012 0.0020  -0.0153 0.0283  42  GLU A CD  
288 O OE1 A GLU A 35 ? 0.3698 0.2528 0.4347 -0.0809 0.0453  -0.0971 42  GLU A OE1 
289 O OE1 B GLU A 35 ? 0.1828 0.2009 0.2609 -0.0386 -0.1178 0.0983  42  GLU A OE1 
290 O OE2 A GLU A 35 ? 0.3348 0.4261 0.2424 0.0924  -0.1146 0.0385  42  GLU A OE2 
291 O OE2 B GLU A 35 ? 0.1053 0.2546 0.2063 0.0123  -0.0175 -0.0143 42  GLU A OE2 
292 N N   . SER A 36 ? 0.0945 0.1160 0.0819 0.0069  -0.0130 -0.0045 43  SER A N   
293 C CA  . SER A 36 ? 0.0723 0.1206 0.0897 0.0019  -0.0026 -0.0036 43  SER A CA  
294 C C   . SER A 36 ? 0.0836 0.1001 0.0881 0.0136  -0.0046 0.0018  43  SER A C   
295 O O   . SER A 36 ? 0.0815 0.1449 0.0954 0.0069  0.0022  -0.0125 43  SER A O   
296 C CB  . SER A 36 ? 0.0760 0.1121 0.0886 -0.0114 -0.0095 -0.0103 43  SER A CB  
297 O OG  . SER A 36 ? 0.0746 0.0980 0.0861 -0.0038 -0.0059 -0.0049 43  SER A OG  
298 N N   . GLY A 37 ? 0.0892 0.0952 0.0835 0.0090  -0.0033 -0.0064 44  GLY A N   
299 C CA  . GLY A 37 ? 0.0965 0.0898 0.0889 0.0082  -0.0110 -0.0144 44  GLY A CA  
300 C C   . GLY A 37 ? 0.0782 0.0849 0.0779 -0.0031 0.0033  -0.0141 44  GLY A C   
301 O O   . GLY A 37 ? 0.1077 0.0965 0.0837 -0.0064 -0.0123 -0.0183 44  GLY A O   
302 N N   . ALA A 38 ? 0.0678 0.0887 0.0812 0.0069  -0.0051 -0.0130 45  ALA A N   
303 C CA  . ALA A 38 ? 0.0658 0.0861 0.0749 -0.0007 0.0009  -0.0065 45  ALA A CA  
304 C C   . ALA A 38 ? 0.0645 0.0719 0.0660 -0.0022 -0.0004 -0.0020 45  ALA A C   
305 O O   . ALA A 38 ? 0.0799 0.1041 0.0636 0.0081  0.0067  0.0000  45  ALA A O   
306 C CB  . ALA A 38 ? 0.0627 0.0928 0.0991 -0.0124 0.0017  0.0007  45  ALA A CB  
307 N N   . SER A 39 ? 0.0550 0.0831 0.0601 -0.0110 0.0081  -0.0055 46  SER A N   
308 C CA  . SER A 39 ? 0.0637 0.0670 0.0656 -0.0081 0.0085  -0.0113 46  SER A CA  
309 C C   . SER A 39 ? 0.0667 0.0766 0.0584 -0.0144 0.0049  -0.0109 46  SER A C   
310 O O   . SER A 39 ? 0.1131 0.0760 0.0687 -0.0242 0.0309  -0.0141 46  SER A O   
311 C CB  A SER A 39 ? 0.0577 0.0882 0.0720 -0.0104 0.0062  -0.0146 46  SER A CB  
312 C CB  B SER A 39 ? 0.0585 0.0457 0.0562 -0.0302 0.0172  0.0046  46  SER A CB  
313 O OG  A SER A 39 ? 0.0564 0.0888 0.0831 -0.0113 0.0071  -0.0325 46  SER A OG  
314 O OG  B SER A 39 ? 0.0730 0.1427 0.0738 0.0015  0.0094  0.0078  46  SER A OG  
315 N N   . ILE A 40 ? 0.0691 0.0667 0.0565 -0.0078 0.0084  -0.0078 47  ILE A N   
316 C CA  . ILE A 40 ? 0.0688 0.0726 0.0668 -0.0107 0.0084  -0.0132 47  ILE A CA  
317 C C   . ILE A 40 ? 0.0656 0.0826 0.0595 -0.0130 0.0138  -0.0132 47  ILE A C   
318 O O   . ILE A 40 ? 0.0781 0.0890 0.0672 -0.0160 0.0195  -0.0122 47  ILE A O   
319 C CB  . ILE A 40 ? 0.0740 0.0782 0.0662 -0.0145 0.0039  -0.0104 47  ILE A CB  
320 C CG1 . ILE A 40 ? 0.0723 0.0884 0.0759 -0.0145 0.0080  -0.0055 47  ILE A CG1 
321 C CG2 . ILE A 40 ? 0.0972 0.0890 0.0836 -0.0229 0.0036  -0.0280 47  ILE A CG2 
322 C CD1 . ILE A 40 ? 0.0742 0.1258 0.0997 -0.0142 -0.0114 -0.0123 47  ILE A CD1 
323 N N   A LYS A 41 ? 0.0769 0.0792 0.0845 -0.0027 0.0269  -0.0091 48  LYS A N   
324 N N   B LYS A 41 ? 0.0702 0.0813 0.0934 -0.0045 0.0160  -0.0122 48  LYS A N   
325 C CA  A LYS A 41 ? 0.0683 0.0915 0.1109 0.0045  0.0151  0.0037  48  LYS A CA  
326 C CA  B LYS A 41 ? 0.0644 0.1014 0.1074 0.0069  0.0159  -0.0070 48  LYS A CA  
327 C C   A LYS A 41 ? 0.0747 0.0934 0.1024 0.0216  0.0210  0.0103  48  LYS A C   
328 C C   B LYS A 41 ? 0.0558 0.1099 0.0764 0.0097  0.0060  -0.0136 48  LYS A C   
329 O O   A LYS A 41 ? 0.1281 0.0817 0.1141 0.0035  0.0389  0.0004  48  LYS A O   
330 O O   B LYS A 41 ? 0.0772 0.0900 0.0656 0.0024  0.0214  -0.0094 48  LYS A O   
331 C CB  A LYS A 41 ? 0.0976 0.1325 0.0835 0.0318  0.0201  0.0160  48  LYS A CB  
332 C CB  B LYS A 41 ? 0.0774 0.1191 0.1055 -0.0177 0.0110  -0.0128 48  LYS A CB  
333 C CG  A LYS A 41 ? 0.0692 0.1859 0.1679 0.0205  0.0042  0.0011  48  LYS A CG  
334 C CG  B LYS A 41 ? 0.0774 0.1110 0.1283 -0.0118 0.0049  0.0089  48  LYS A CG  
335 C CD  A LYS A 41 ? 0.1161 0.4601 0.1861 0.0521  -0.0270 0.0208  48  LYS A CD  
336 C CD  B LYS A 41 ? 0.1068 0.2315 0.2020 0.0169  -0.0649 0.0423  48  LYS A CD  
337 C CE  A LYS A 41 ? 0.3467 0.5418 0.1808 0.0805  -0.0471 0.1115  48  LYS A CE  
338 C CE  B LYS A 41 ? 0.1882 0.1302 0.1773 -0.0091 -0.0925 0.0116  48  LYS A CE  
339 N NZ  A LYS A 41 ? 0.5103 0.3238 0.2970 -0.1078 0.0870  -0.0644 48  LYS A NZ  
340 N NZ  B LYS A 41 ? 0.1261 0.1749 0.2792 -0.0466 -0.0043 0.0266  48  LYS A NZ  
341 N N   A ILE A 42 ? 0.1002 0.1662 0.1048 -0.0095 0.0307  -0.0256 49  ILE A N   
342 N N   B ILE A 42 ? 0.0916 0.1460 0.1069 -0.0043 0.0455  -0.0217 49  ILE A N   
343 C CA  A ILE A 42 ? 0.0947 0.1805 0.0964 0.0002  0.0343  -0.0404 49  ILE A CA  
344 C CA  B ILE A 42 ? 0.1109 0.1746 0.1038 0.0093  0.0247  -0.0568 49  ILE A CA  
345 C C   A ILE A 42 ? 0.0877 0.1698 0.1241 -0.0146 0.0441  -0.0254 49  ILE A C   
346 C C   B ILE A 42 ? 0.1040 0.1642 0.0958 0.0013  0.0421  -0.0536 49  ILE A C   
347 O O   A ILE A 42 ? 0.0866 0.1999 0.1731 -0.0188 0.0362  -0.0330 49  ILE A O   
348 O O   B ILE A 42 ? 0.1089 0.1704 0.1319 0.0179  0.0415  0.0048  49  ILE A O   
349 C CB  A ILE A 42 ? 0.1625 0.2017 0.0990 -0.0129 0.0201  -0.0402 49  ILE A CB  
350 C CB  B ILE A 42 ? 0.1073 0.3010 0.1002 0.0055  0.0318  -0.0492 49  ILE A CB  
351 C CG1 A ILE A 42 ? 0.1283 0.1655 0.1155 0.0371  0.0097  -0.0435 49  ILE A CG1 
352 C CG1 B ILE A 42 ? 0.2496 0.2838 0.2078 0.0218  -0.0789 -0.0084 49  ILE A CG1 
353 C CG2 A ILE A 42 ? 0.2201 0.2214 0.0991 -0.0010 0.0335  0.0106  49  ILE A CG2 
354 C CG2 B ILE A 42 ? 0.2052 0.3225 0.0975 0.0420  -0.0007 -0.0892 49  ILE A CG2 
355 C CD1 A ILE A 42 ? 0.1461 0.1044 0.1445 -0.0042 -0.0246 -0.0053 49  ILE A CD1 
356 C CD1 B ILE A 42 ? 0.3985 0.4189 0.2184 -0.0331 -0.0747 0.0824  49  ILE A CD1 
357 N N   . ASP A 43 ? 0.0936 0.1636 0.1259 -0.0067 0.0292  -0.0442 50  ASP A N   
358 C CA  . ASP A 43 ? 0.1031 0.1835 0.1368 0.0075  0.0267  -0.0409 50  ASP A CA  
359 C C   . ASP A 43 ? 0.1346 0.1821 0.1733 0.0185  0.0529  -0.0593 50  ASP A C   
360 O O   . ASP A 43 ? 0.2613 0.4037 0.1673 0.1773  0.0862  -0.0153 50  ASP A O   
361 C CB  . ASP A 43 ? 0.1349 0.1848 0.2085 -0.0037 0.0344  -0.0150 50  ASP A CB  
362 C CG  . ASP A 43 ? 0.1469 0.2463 0.3229 -0.0394 0.0740  -0.0978 50  ASP A CG  
363 O OD1 . ASP A 43 ? 0.1942 0.2341 0.5253 -0.0350 0.1406  -0.1022 50  ASP A OD1 
364 O OD2 . ASP A 43 ? 0.2428 0.3248 0.4124 0.0899  -0.1202 -0.2004 50  ASP A OD2 
365 N N   . GLU A 44 ? 0.1138 0.1695 0.2503 0.0049  0.0530  -0.0566 51  GLU A N   
366 C CA  . GLU A 44 ? 0.1199 0.2530 0.3620 -0.0466 0.1014  -0.1613 51  GLU A CA  
367 C C   . GLU A 44 ? 0.1595 0.1761 0.2742 -0.0300 0.0730  -0.0773 51  GLU A C   
368 O O   . GLU A 44 ? 0.1512 0.1793 0.2138 -0.0187 0.0349  -0.0472 51  GLU A O   
369 C CB  . GLU A 44 ? 0.1060 0.2150 0.4871 -0.0191 0.0916  -0.2173 51  GLU A CB  
370 C CG  . GLU A 44 ? 0.1198 0.2139 0.5301 -0.0322 0.0741  -0.2114 51  GLU A CG  
371 C CD  . GLU A 44 ? 0.1541 0.2385 0.4969 -0.0499 0.1262  -0.2152 51  GLU A CD  
372 O OE1 . GLU A 44 ? 0.3158 0.2510 0.7916 -0.1080 0.4056  -0.2070 51  GLU A OE1 
373 O OE2 . GLU A 44 ? 0.1207 0.2360 0.4519 -0.0465 0.1044  -0.1715 51  GLU A OE2 
374 N N   . PRO A 45 ? 0.1860 0.2296 0.2980 -0.0578 0.1337  -0.0962 52  PRO A N   
375 C CA  . PRO A 45 ? 0.1958 0.1925 0.2324 -0.0097 0.1112  -0.0640 52  PRO A CA  
376 C C   . PRO A 45 ? 0.1914 0.1987 0.1508 -0.0187 0.0784  -0.0677 52  PRO A C   
377 O O   . PRO A 45 ? 0.2436 0.2075 0.1459 -0.0116 0.0143  -0.0561 52  PRO A O   
378 C CB  . PRO A 45 ? 0.2041 0.2512 0.2582 -0.0009 0.0979  0.0080  52  PRO A CB  
379 C CG  . PRO A 45 ? 0.3203 0.3096 0.3452 -0.1039 0.2059  -0.1031 52  PRO A CG  
380 C CD  . PRO A 45 ? 0.2745 0.2335 0.3690 -0.0748 0.2049  -0.1104 52  PRO A CD  
381 N N   . LEU A 46 ? 0.1634 0.2016 0.2971 -0.0053 0.0681  -0.1084 53  LEU A N   
382 C CA  . LEU A 46 ? 0.2083 0.2017 0.2211 0.0011  0.1135  -0.0699 53  LEU A CA  
383 C C   . LEU A 46 ? 0.2639 0.3746 0.2398 0.0395  0.1535  -0.0125 53  LEU A C   
384 O O   . LEU A 46 ? 0.7200 0.3123 0.2908 0.1011  0.2985  0.0400  53  LEU A O   
385 C CB  . LEU A 46 ? 0.2009 0.2978 0.1647 0.0671  0.0826  -0.0048 53  LEU A CB  
386 C CG  . LEU A 46 ? 0.1947 0.1719 0.1682 0.0271  0.0692  -0.0393 53  LEU A CG  
387 C CD1 . LEU A 46 ? 0.1951 0.2516 0.1946 0.0564  0.0755  -0.0435 53  LEU A CD1 
388 C CD2 . LEU A 46 ? 0.2122 0.2834 0.1594 -0.0348 0.0845  -0.0529 53  LEU A CD2 
389 N N   . GLU A 47 ? 0.2160 0.4378 0.1492 0.0570  0.0252  -0.0862 54  GLU A N   
390 C CA  . GLU A 47 ? 0.3256 0.5039 0.1712 0.1301  0.0437  -0.0345 54  GLU A CA  
391 C C   . GLU A 47 ? 0.6138 0.5624 0.1516 -0.0372 0.0503  0.0096  54  GLU A C   
392 O O   . GLU A 47 ? 0.5746 0.7597 0.2554 -0.0755 0.0721  0.0506  54  GLU A O   
393 C CB  . GLU A 47 ? 0.2722 0.5070 0.1307 0.1439  0.0508  -0.0043 54  GLU A CB  
394 C CG  . GLU A 47 ? 0.6268 0.5324 0.4413 0.0137  -0.1131 -0.0612 54  GLU A CG  
395 C CD  . GLU A 47 ? 0.5368 0.5538 0.6478 -0.1695 -0.1261 -0.0106 54  GLU A CD  
396 O OE1 . GLU A 47 ? 0.6058 0.9411 0.6635 -0.0366 -0.2994 0.1686  54  GLU A OE1 
397 O OE2 . GLU A 47 ? 0.7769 1.5033 0.7620 -0.2812 0.0996  0.2942  54  GLU A OE2 
398 N N   . GLY A 48 ? 0.5421 0.5465 0.2228 0.0839  -0.0217 -0.0532 55  GLY A N   
399 C CA  . GLY A 48 ? 0.4370 0.4637 0.2009 0.2000  0.0768  -0.0425 55  GLY A CA  
400 C C   . GLY A 48 ? 0.4403 0.6975 0.2700 0.1108  0.0103  -0.1036 55  GLY A C   
401 O O   . GLY A 48 ? 0.3830 0.7495 0.2754 0.1240  0.0156  -0.1167 55  GLY A O   
402 N N   . SER A 49 ? 0.4032 0.7457 0.3243 0.0247  -0.0413 -0.0852 56  SER A N   
403 C CA  . SER A 49 ? 0.3247 0.6135 0.4442 0.1651  -0.0976 -0.0400 56  SER A CA  
404 C C   . SER A 49 ? 0.2685 0.3122 0.4636 0.0455  -0.0333 0.1560  56  SER A C   
405 O O   . SER A 49 ? 0.3036 0.3567 0.5901 0.0742  0.1448  0.0747  56  SER A O   
406 C CB  . SER A 49 ? 0.3512 0.3631 0.5227 0.0562  -0.0299 -0.0305 56  SER A CB  
407 O OG  . SER A 49 ? 0.2954 0.4636 0.2527 0.0596  0.0155  0.0820  56  SER A OG  
408 N N   . GLU A 50 ? 0.2539 0.1828 0.3152 0.0766  0.0003  0.0587  57  GLU A N   
409 C CA  . GLU A 50 ? 0.2948 0.1522 0.1843 0.0540  0.0598  0.0024  57  GLU A CA  
410 C C   . GLU A 50 ? 0.1994 0.1400 0.1280 0.0356  0.0183  -0.0063 57  GLU A C   
411 O O   . GLU A 50 ? 0.2253 0.1420 0.1337 0.0182  -0.0003 -0.0306 57  GLU A O   
412 C CB  . GLU A 50 ? 0.4530 0.1614 0.2736 -0.0414 -0.0667 0.0137  57  GLU A CB  
413 C CG  . GLU A 50 ? 0.4827 0.1748 0.4389 0.0076  -0.0379 0.0264  57  GLU A CG  
414 C CD  . GLU A 50 ? 0.4992 0.0696 0.4671 0.0053  -0.0195 0.0084  57  GLU A CD  
415 O OE1 . GLU A 50 ? 0.4962 0.0662 0.4591 0.0053  -0.0244 0.0031  57  GLU A OE1 
416 O OE2 . GLU A 50 ? 0.4999 0.0642 0.4718 0.0165  -0.0170 0.0085  57  GLU A OE2 
417 N N   . ASP A 51 ? 0.1766 0.1602 0.1270 0.0222  0.0162  -0.0088 58  ASP A N   
418 C CA  . ASP A 51 ? 0.1528 0.1712 0.1156 0.0147  0.0216  -0.0349 58  ASP A CA  
419 C C   . ASP A 51 ? 0.1266 0.1698 0.1210 0.0203  0.0061  -0.0266 58  ASP A C   
420 O O   . ASP A 51 ? 0.1434 0.2019 0.1934 0.0186  -0.0263 0.0078  58  ASP A O   
421 C CB  . ASP A 51 ? 0.1608 0.2573 0.1342 -0.0167 0.0412  -0.0649 58  ASP A CB  
422 C CG  . ASP A 51 ? 0.2567 0.3115 0.1435 -0.1027 0.0436  -0.0488 58  ASP A CG  
423 O OD1 . ASP A 51 ? 0.2353 0.3023 0.2457 -0.0877 -0.0519 0.0494  58  ASP A OD1 
424 O OD2 . ASP A 51 ? 0.4345 0.5297 0.1923 -0.2499 -0.0205 0.0613  58  ASP A OD2 
425 N N   . ARG A 52 ? 0.1295 0.1578 0.1388 0.0344  -0.0125 -0.0716 59  ARG A N   
426 C CA  . ARG A 52 ? 0.1093 0.1671 0.1127 0.0111  0.0179  -0.0610 59  ARG A CA  
427 C C   . ARG A 52 ? 0.0941 0.1199 0.0994 0.0062  0.0163  -0.0405 59  ARG A C   
428 O O   . ARG A 52 ? 0.0906 0.2540 0.1221 0.0020  0.0110  -0.0827 59  ARG A O   
429 C CB  . ARG A 52 ? 0.1498 0.2241 0.1133 -0.0167 0.0367  -0.0326 59  ARG A CB  
430 C CG  . ARG A 52 ? 0.1565 0.2056 0.1236 -0.0220 0.0248  -0.0520 59  ARG A CG  
431 C CD  . ARG A 52 ? 0.1568 0.2474 0.2283 0.0198  0.0659  -0.0608 59  ARG A CD  
432 N NE  . ARG A 52 ? 0.1271 0.3202 0.1711 -0.0350 0.0472  -0.0885 59  ARG A NE  
433 C CZ  . ARG A 52 ? 0.1794 0.3221 0.1758 -0.0775 0.0905  -0.1124 59  ARG A CZ  
434 N NH1 . ARG A 52 ? 0.2225 0.3860 0.1627 -0.1004 0.0823  -0.0673 59  ARG A NH1 
435 N NH2 . ARG A 52 ? 0.2055 0.2500 0.2891 -0.0212 0.0878  -0.1393 59  ARG A NH2 
436 N N   . ILE A 53 ? 0.0875 0.1153 0.0845 0.0084  0.0118  -0.0277 60  ILE A N   
437 C CA  . ILE A 53 ? 0.0870 0.0876 0.0799 0.0116  0.0165  -0.0099 60  ILE A CA  
438 C C   . ILE A 53 ? 0.0721 0.0880 0.0762 0.0021  0.0106  -0.0095 60  ILE A C   
439 O O   . ILE A 53 ? 0.0840 0.0978 0.1281 0.0053  0.0223  -0.0087 60  ILE A O   
440 C CB  . ILE A 53 ? 0.1008 0.0952 0.0898 0.0150  0.0123  -0.0078 60  ILE A CB  
441 C CG1 . ILE A 53 ? 0.1823 0.1181 0.1422 0.0385  0.0299  0.0361  60  ILE A CG1 
442 C CG2 . ILE A 53 ? 0.1579 0.1496 0.0817 0.0446  0.0040  -0.0016 60  ILE A CG2 
443 C CD1 . ILE A 53 ? 0.1861 0.1963 0.1935 0.0813  0.0338  0.0786  60  ILE A CD1 
444 N N   . ILE A 54 ? 0.0809 0.0782 0.0756 -0.0011 0.0124  -0.0073 61  ILE A N   
445 C CA  . ILE A 54 ? 0.0905 0.0787 0.0756 0.0089  0.0076  -0.0016 61  ILE A CA  
446 C C   . ILE A 54 ? 0.0766 0.0821 0.0844 0.0005  0.0198  -0.0068 61  ILE A C   
447 O O   . ILE A 54 ? 0.1037 0.1056 0.0935 -0.0206 0.0319  -0.0227 61  ILE A O   
448 C CB  . ILE A 54 ? 0.0961 0.0906 0.0936 0.0138  -0.0079 -0.0216 61  ILE A CB  
449 C CG1 . ILE A 54 ? 0.1923 0.2256 0.0924 0.1001  -0.0519 -0.0542 61  ILE A CG1 
450 C CG2 . ILE A 54 ? 0.1133 0.1051 0.1122 0.0293  -0.0109 -0.0058 61  ILE A CG2 
451 C CD1 . ILE A 54 ? 0.3290 0.2968 0.1155 0.1813  -0.0346 -0.0618 61  ILE A CD1 
452 N N   . THR A 55 ? 0.0730 0.0835 0.0714 0.0040  0.0092  -0.0078 62  THR A N   
453 C CA  . THR A 55 ? 0.0730 0.0751 0.0646 0.0055  0.0107  -0.0035 62  THR A CA  
454 C C   . THR A 55 ? 0.0728 0.0789 0.0656 0.0026  0.0087  0.0041  62  THR A C   
455 O O   . THR A 55 ? 0.0973 0.0801 0.1081 0.0120  0.0457  0.0133  62  THR A O   
456 C CB  . THR A 55 ? 0.0722 0.0768 0.0841 -0.0050 0.0116  0.0043  62  THR A CB  
457 O OG1 . THR A 55 ? 0.0774 0.0858 0.0948 0.0119  0.0072  0.0080  62  THR A OG1 
458 C CG2 . THR A 55 ? 0.0878 0.0949 0.0857 -0.0072 -0.0003 -0.0033 62  THR A CG2 
459 N N   . ILE A 56 ? 0.0696 0.0715 0.0588 0.0072  0.0077  0.0019  63  ILE A N   
460 C CA  . ILE A 56 ? 0.0722 0.0741 0.0607 0.0068  0.0117  -0.0029 63  ILE A CA  
461 C C   . ILE A 56 ? 0.0645 0.0796 0.0613 0.0075  0.0121  0.0013  63  ILE A C   
462 O O   . ILE A 56 ? 0.1089 0.0861 0.0583 -0.0001 0.0173  0.0050  63  ILE A O   
463 C CB  . ILE A 56 ? 0.0715 0.0819 0.0634 0.0073  0.0137  -0.0030 63  ILE A CB  
464 C CG1 . ILE A 56 ? 0.0914 0.0952 0.0710 0.0058  -0.0022 -0.0095 63  ILE A CG1 
465 C CG2 . ILE A 56 ? 0.0736 0.0971 0.0672 0.0100  0.0073  0.0016  63  ILE A CG2 
466 C CD1 . ILE A 56 ? 0.0976 0.1149 0.1113 -0.0004 -0.0221 -0.0041 63  ILE A CD1 
467 N N   . THR A 57 ? 0.0761 0.0821 0.0525 -0.0011 0.0085  -0.0040 64  THR A N   
468 C CA  . THR A 57 ? 0.0770 0.0878 0.0472 -0.0007 0.0034  -0.0047 64  THR A CA  
469 C C   . THR A 57 ? 0.0766 0.0784 0.0533 -0.0113 -0.0001 -0.0049 64  THR A C   
470 O O   . THR A 57 ? 0.1010 0.0789 0.0605 -0.0098 0.0097  -0.0101 64  THR A O   
471 C CB  . THR A 57 ? 0.0785 0.1235 0.0813 0.0022  -0.0081 -0.0088 64  THR A CB  
472 O OG1 . THR A 57 ? 0.1060 0.1819 0.1368 0.0513  -0.0230 -0.0177 64  THR A OG1 
473 C CG2 . THR A 57 ? 0.0829 0.1623 0.0795 -0.0272 -0.0029 -0.0064 64  THR A CG2 
474 N N   . GLY A 58 ? 0.0824 0.0798 0.0584 -0.0024 0.0059  -0.0070 65  GLY A N   
475 C CA  . GLY A 58 ? 0.0905 0.0829 0.0654 0.0020  0.0067  -0.0036 65  GLY A CA  
476 C C   . GLY A 58 ? 0.0809 0.0886 0.0574 -0.0012 -0.0019 -0.0134 65  GLY A C   
477 O O   . GLY A 58 ? 0.0930 0.1005 0.0618 0.0067  0.0123  0.0065  65  GLY A O   
478 N N   . THR A 59 ? 0.0871 0.0862 0.0713 -0.0011 0.0030  -0.0116 66  THR A N   
479 C CA  . THR A 59 ? 0.0855 0.1006 0.0621 0.0030  0.0060  -0.0169 66  THR A CA  
480 C C   . THR A 59 ? 0.0718 0.1027 0.0743 0.0042  0.0000  -0.0083 66  THR A C   
481 O O   . THR A 59 ? 0.0736 0.1049 0.0650 0.0007  0.0010  -0.0116 66  THR A O   
482 C CB  . THR A 59 ? 0.1091 0.1269 0.0956 0.0188  0.0086  -0.0361 66  THR A CB  
483 O OG1 . THR A 59 ? 0.1164 0.1265 0.0970 0.0265  -0.0150 -0.0234 66  THR A OG1 
484 C CG2 . THR A 59 ? 0.1316 0.1144 0.1170 0.0177  -0.0034 -0.0315 66  THR A CG2 
485 N N   . GLN A 60 ? 0.0976 0.1226 0.0581 -0.0006 0.0031  -0.0085 67  GLN A N   
486 C CA  . GLN A 60 ? 0.0938 0.1253 0.0884 -0.0108 0.0119  -0.0038 67  GLN A CA  
487 C C   . GLN A 60 ? 0.0701 0.1191 0.0921 -0.0102 0.0084  -0.0055 67  GLN A C   
488 O O   . GLN A 60 ? 0.0971 0.1143 0.0855 -0.0085 0.0117  -0.0087 67  GLN A O   
489 C CB  A GLN A 60 ? 0.0662 0.1433 0.1213 0.0136  0.0115  0.0427  67  GLN A CB  
490 C CB  B GLN A 60 ? 0.1570 0.2657 0.0820 -0.0891 0.0207  -0.0175 67  GLN A CB  
491 C CG  A GLN A 60 ? 0.1677 0.1897 0.1228 -0.0643 0.0174  0.0425  67  GLN A CG  
492 C CG  B GLN A 60 ? 0.3860 0.3022 0.1450 -0.0772 0.0181  0.0679  67  GLN A CG  
493 C CD  A GLN A 60 ? 0.2829 0.2055 0.2688 0.0274  -0.0570 -0.0434 67  GLN A CD  
494 C CD  B GLN A 60 ? 0.3075 0.2568 0.3727 -0.0242 0.0678  0.0876  67  GLN A CD  
495 O OE1 A GLN A 60 ? 0.1926 0.1971 0.2724 -0.0055 0.0099  -0.0645 67  GLN A OE1 
496 O OE1 B GLN A 60 ? 0.3039 0.6722 0.5124 -0.1344 0.0457  0.3099  67  GLN A OE1 
497 N NE2 A GLN A 60 ? 0.4312 0.2459 0.3789 0.0950  -0.1165 0.0048  67  GLN A NE2 
498 N NE2 B GLN A 60 ? 0.2347 0.2074 0.3847 0.0365  0.1797  0.0829  67  GLN A NE2 
499 N N   . ASP A 61 ? 0.0690 0.1234 0.0827 -0.0058 0.0046  -0.0171 68  ASP A N   
500 C CA  . ASP A 61 ? 0.0674 0.1201 0.0865 -0.0050 0.0033  -0.0238 68  ASP A CA  
501 C C   . ASP A 61 ? 0.0590 0.0979 0.0760 0.0080  -0.0065 -0.0126 68  ASP A C   
502 O O   . ASP A 61 ? 0.0633 0.1047 0.0790 -0.0019 -0.0044 -0.0179 68  ASP A O   
503 C CB  A ASP A 61 ? 0.0512 0.1245 0.0886 0.0014  -0.0127 -0.0389 68  ASP A CB  
504 C CB  B ASP A 61 ? 0.1093 0.2195 0.1403 0.0780  0.0095  -0.0372 68  ASP A CB  
505 C CG  A ASP A 61 ? 0.0716 0.1587 0.0857 0.0203  0.0057  -0.0406 68  ASP A CG  
506 C CG  B ASP A 61 ? 0.2667 0.1296 0.1815 0.0668  -0.0464 -0.0288 68  ASP A CG  
507 O OD1 A ASP A 61 ? 0.0735 0.1773 0.0810 0.0043  0.0077  -0.0284 68  ASP A OD1 
508 O OD1 B ASP A 61 ? 0.4266 0.6033 0.3321 -0.2565 -0.0477 0.0922  68  ASP A OD1 
509 O OD2 A ASP A 61 ? 0.1436 0.1991 0.0961 0.0018  -0.0015 -0.0590 68  ASP A OD2 
510 O OD2 B ASP A 61 ? 0.6302 0.3394 0.2210 -0.0137 -0.1883 -0.0501 68  ASP A OD2 
511 N N   . GLN A 62 ? 0.0633 0.0987 0.0727 -0.0005 -0.0013 -0.0183 69  GLN A N   
512 C CA  . GLN A 62 ? 0.0597 0.0901 0.0618 0.0070  -0.0072 -0.0126 69  GLN A CA  
513 C C   . GLN A 62 ? 0.0520 0.0879 0.0718 0.0025  -0.0079 -0.0104 69  GLN A C   
514 O O   . GLN A 62 ? 0.0740 0.0972 0.0593 -0.0007 -0.0034 -0.0080 69  GLN A O   
515 C CB  . GLN A 62 ? 0.0621 0.0830 0.0894 0.0016  -0.0084 -0.0094 69  GLN A CB  
516 C CG  . GLN A 62 ? 0.0810 0.0851 0.0828 -0.0030 -0.0106 -0.0148 69  GLN A CG  
517 C CD  . GLN A 62 ? 0.0729 0.0846 0.0858 0.0017  -0.0084 -0.0122 69  GLN A CD  
518 O OE1 . GLN A 62 ? 0.0865 0.0938 0.1031 -0.0101 -0.0293 -0.0009 69  GLN A OE1 
519 N NE2 . GLN A 62 ? 0.0881 0.0831 0.1306 -0.0053 -0.0159 -0.0036 69  GLN A NE2 
520 N N   . ILE A 63 ? 0.0598 0.0888 0.0709 0.0052  -0.0040 -0.0134 70  ILE A N   
521 C CA  . ILE A 63 ? 0.0658 0.0965 0.0588 0.0132  -0.0059 -0.0090 70  ILE A CA  
522 C C   . ILE A 63 ? 0.0709 0.0854 0.0599 0.0092  -0.0007 -0.0045 70  ILE A C   
523 O O   . ILE A 63 ? 0.0784 0.0988 0.0756 0.0091  -0.0085 -0.0194 70  ILE A O   
524 C CB  . ILE A 63 ? 0.0881 0.0965 0.0622 0.0029  -0.0148 -0.0082 70  ILE A CB  
525 C CG1 . ILE A 63 ? 0.0788 0.1374 0.0707 0.0122  -0.0141 -0.0051 70  ILE A CG1 
526 C CG2 . ILE A 63 ? 0.1083 0.1066 0.0991 0.0168  -0.0184 -0.0143 70  ILE A CG2 
527 C CD1 . ILE A 63 ? 0.1079 0.1388 0.0776 0.0080  -0.0267 0.0081  70  ILE A CD1 
528 N N   . GLN A 64 ? 0.0710 0.0931 0.0692 0.0034  -0.0059 -0.0125 71  GLN A N   
529 C CA  . GLN A 64 ? 0.0727 0.0937 0.0817 -0.0021 -0.0055 -0.0167 71  GLN A CA  
530 C C   . GLN A 64 ? 0.0553 0.0955 0.0712 0.0023  -0.0065 -0.0140 71  GLN A C   
531 O O   . GLN A 64 ? 0.0682 0.0953 0.0803 0.0022  -0.0087 -0.0198 71  GLN A O   
532 C CB  A GLN A 64 ? 0.0829 0.0866 0.1001 -0.0119 0.0151  -0.0065 71  GLN A CB  
533 C CB  B GLN A 64 ? 0.0639 0.1498 0.0576 0.0020  -0.0206 -0.0177 71  GLN A CB  
534 C CG  A GLN A 64 ? 0.0775 0.0912 0.1018 0.0051  0.0148  -0.0030 71  GLN A CG  
535 C CG  B GLN A 64 ? 0.0743 0.2262 0.1128 -0.0280 0.0039  0.0369  71  GLN A CG  
536 C CD  A GLN A 64 ? 0.0662 0.1066 0.0982 0.0086  -0.0074 0.0019  71  GLN A CD  
537 C CD  B GLN A 64 ? 0.3625 0.2247 0.2458 -0.0737 0.0393  0.0947  71  GLN A CD  
538 O OE1 A GLN A 64 ? 0.0660 0.1201 0.0755 0.0017  0.0125  0.0005  71  GLN A OE1 
539 O OE1 B GLN A 64 ? 0.5522 0.1504 0.3882 -0.0846 0.0359  0.0448  71  GLN A OE1 
540 N NE2 A GLN A 64 ? 0.0877 0.1063 0.0831 0.0102  0.0099  0.0058  71  GLN A NE2 
541 N NE2 B GLN A 64 ? 0.6010 0.3909 0.3166 -0.1364 0.1402  0.1787  71  GLN A NE2 
542 N N   . ASN A 65 ? 0.0575 0.0953 0.0717 0.0033  -0.0077 -0.0143 72  ASN A N   
543 C CA  . ASN A 65 ? 0.0543 0.0862 0.0702 0.0057  -0.0059 -0.0162 72  ASN A CA  
544 C C   . ASN A 65 ? 0.0619 0.0863 0.0620 0.0051  -0.0126 -0.0180 72  ASN A C   
545 O O   . ASN A 65 ? 0.0664 0.1045 0.0738 0.0148  -0.0120 -0.0228 72  ASN A O   
546 C CB  . ASN A 65 ? 0.0612 0.0925 0.0713 0.0092  -0.0083 -0.0158 72  ASN A CB  
547 C CG  . ASN A 65 ? 0.0588 0.0924 0.0627 0.0171  -0.0120 -0.0159 72  ASN A CG  
548 O OD1 . ASN A 65 ? 0.0657 0.0972 0.0620 0.0161  -0.0100 -0.0124 72  ASN A OD1 
549 N ND2 . ASN A 65 ? 0.0694 0.1006 0.0841 0.0132  -0.0131 -0.0276 72  ASN A ND2 
550 N N   . ALA A 66 ? 0.0584 0.0899 0.0611 0.0076  -0.0062 -0.0157 73  ALA A N   
551 C CA  . ALA A 66 ? 0.0562 0.0917 0.0661 0.0057  -0.0054 -0.0108 73  ALA A CA  
552 C C   . ALA A 66 ? 0.0535 0.0906 0.0698 0.0098  -0.0088 -0.0160 73  ALA A C   
553 O O   . ALA A 66 ? 0.0648 0.1016 0.0747 0.0094  0.0025  -0.0212 73  ALA A O   
554 C CB  . ALA A 66 ? 0.0592 0.1082 0.0746 0.0072  -0.0114 -0.0142 73  ALA A CB  
555 N N   . GLN A 67 ? 0.0788 0.0850 0.0686 0.0075  -0.0068 -0.0142 74  GLN A N   
556 C CA  . GLN A 67 ? 0.0811 0.0948 0.0825 -0.0008 0.0016  -0.0181 74  GLN A CA  
557 C C   . GLN A 67 ? 0.0955 0.0805 0.0713 0.0015  0.0006  -0.0161 74  GLN A C   
558 O O   . GLN A 67 ? 0.1031 0.0974 0.0819 0.0061  0.0024  -0.0260 74  GLN A O   
559 C CB  . GLN A 67 ? 0.1108 0.0936 0.0914 0.0005  -0.0061 -0.0064 74  GLN A CB  
560 C CG  A GLN A 67 ? 0.1069 0.0973 0.0992 -0.0027 -0.0138 -0.0162 74  GLN A CG  
561 C CG  B GLN A 67 ? 0.1471 0.1419 0.1230 -0.0016 -0.0412 0.0059  74  GLN A CG  
562 C CD  A GLN A 67 ? 0.1878 0.1772 0.0960 0.0098  -0.0075 0.0065  74  GLN A CD  
563 C CD  B GLN A 67 ? 0.2092 0.2494 0.1233 -0.0547 -0.0842 0.0529  74  GLN A CD  
564 O OE1 A GLN A 67 ? 0.2705 0.1812 0.1391 0.0386  0.0819  0.0594  74  GLN A OE1 
565 O OE1 B GLN A 67 ? 0.3890 0.4936 0.1245 -0.0882 0.0291  0.0097  74  GLN A OE1 
566 N NE2 A GLN A 67 ? 0.3246 0.2339 0.1324 0.0848  0.0120  0.0484  74  GLN A NE2 
567 N NE2 B GLN A 67 ? 0.2477 0.1384 0.2891 0.0294  0.0462  0.0608  74  GLN A NE2 
568 N N   . TYR A 68 ? 0.0851 0.0982 0.0791 0.0024  0.0006  -0.0271 75  TYR A N   
569 C CA  . TYR A 68 ? 0.0751 0.1035 0.0847 -0.0046 -0.0034 -0.0379 75  TYR A CA  
570 C C   . TYR A 68 ? 0.0572 0.0986 0.0819 0.0118  -0.0094 -0.0226 75  TYR A C   
571 O O   . TYR A 68 ? 0.0720 0.1199 0.0864 0.0130  -0.0128 -0.0413 75  TYR A O   
572 C CB  A TYR A 68 ? 0.0674 0.1007 0.0944 -0.0230 0.0052  -0.0400 75  TYR A CB  
573 C CB  B TYR A 68 ? 0.0596 0.1556 0.1165 -0.0056 0.0187  -0.0209 75  TYR A CB  
574 C CG  A TYR A 68 ? 0.0854 0.1106 0.1065 0.0249  0.0071  -0.0105 75  TYR A CG  
575 C CG  B TYR A 68 ? 0.0572 0.1492 0.1029 -0.0181 -0.0074 -0.0219 75  TYR A CG  
576 C CD1 A TYR A 68 ? 0.0773 0.1101 0.1621 0.0054  0.0163  0.0091  75  TYR A CD1 
577 C CD1 B TYR A 68 ? 0.0814 0.1816 0.1090 -0.0327 0.0076  -0.0368 75  TYR A CD1 
578 C CD2 A TYR A 68 ? 0.0831 0.1034 0.0823 -0.0004 0.0057  -0.0245 75  TYR A CD2 
579 C CD2 B TYR A 68 ? 0.0965 0.1577 0.1273 -0.0388 -0.0009 -0.0236 75  TYR A CD2 
580 C CE1 A TYR A 68 ? 0.0972 0.0885 0.1496 -0.0006 0.0247  -0.0107 75  TYR A CE1 
581 C CE1 B TYR A 68 ? 0.0974 0.1409 0.1183 0.0104  0.0137  -0.0147 75  TYR A CE1 
582 C CE2 A TYR A 68 ? 0.0647 0.0924 0.1523 -0.0204 0.0188  -0.0080 75  TYR A CE2 
583 C CE2 B TYR A 68 ? 0.1226 0.1825 0.1620 -0.0559 0.0234  -0.0300 75  TYR A CE2 
584 C CZ  A TYR A 68 ? 0.0935 0.1051 0.1453 -0.0045 0.0192  -0.0014 75  TYR A CZ  
585 C CZ  B TYR A 68 ? 0.1411 0.1172 0.1390 0.0043  0.0243  0.0098  75  TYR A CZ  
586 O OH  A TYR A 68 ? 0.1283 0.1176 0.1699 -0.0118 0.0575  0.0080  75  TYR A OH  
587 O OH  B TYR A 68 ? 0.2155 0.1674 0.2334 0.0144  0.1305  0.0222  75  TYR A OH  
588 N N   . LEU A 69 ? 0.0609 0.1034 0.0772 0.0067  -0.0086 -0.0241 76  LEU A N   
589 C CA  . LEU A 69 ? 0.0761 0.1001 0.0752 0.0092  -0.0129 -0.0145 76  LEU A CA  
590 C C   . LEU A 69 ? 0.0599 0.0990 0.0735 -0.0020 -0.0044 -0.0170 76  LEU A C   
591 O O   . LEU A 69 ? 0.0806 0.1107 0.0685 0.0002  -0.0042 -0.0150 76  LEU A O   
592 C CB  A LEU A 69 ? 0.1045 0.0945 0.0863 -0.0027 -0.0078 -0.0128 76  LEU A CB  
593 C CB  B LEU A 69 ? 0.1253 0.0980 0.0591 -0.0003 -0.0233 -0.0106 76  LEU A CB  
594 C CG  A LEU A 69 ? 0.0867 0.0953 0.1454 0.0085  -0.0177 -0.0028 76  LEU A CG  
595 C CG  B LEU A 69 ? 0.1241 0.1147 0.0591 -0.0196 -0.0051 -0.0186 76  LEU A CG  
596 C CD1 A LEU A 69 ? 0.1210 0.0893 0.1708 -0.0034 -0.0140 -0.0217 76  LEU A CD1 
597 C CD1 B LEU A 69 ? 0.1169 0.1526 0.0804 0.0274  -0.0221 0.0294  76  LEU A CD1 
598 C CD2 A LEU A 69 ? 0.1622 0.1407 0.1638 0.0112  -0.0420 0.0192  76  LEU A CD2 
599 C CD2 B LEU A 69 ? 0.1230 0.1003 0.1965 -0.0265 0.0733  -0.0161 76  LEU A CD2 
600 N N   . LEU A 70 ? 0.0632 0.1056 0.0622 0.0084  -0.0013 -0.0177 77  LEU A N   
601 C CA  . LEU A 70 ? 0.0627 0.1026 0.0679 0.0107  -0.0004 -0.0175 77  LEU A CA  
602 C C   . LEU A 70 ? 0.0719 0.1039 0.0669 0.0172  -0.0013 -0.0162 77  LEU A C   
603 O O   . LEU A 70 ? 0.0781 0.1186 0.0709 0.0117  -0.0021 -0.0262 77  LEU A O   
604 C CB  . LEU A 70 ? 0.0787 0.1203 0.0696 0.0198  -0.0035 -0.0189 77  LEU A CB  
605 C CG  . LEU A 70 ? 0.0767 0.1403 0.0865 0.0241  -0.0195 -0.0224 77  LEU A CG  
606 C CD1 . LEU A 70 ? 0.1040 0.1992 0.0838 0.0061  -0.0330 0.0039  77  LEU A CD1 
607 C CD2 . LEU A 70 ? 0.0761 0.1675 0.1162 0.0111  -0.0024 -0.0164 77  LEU A CD2 
608 N N   . GLN A 71 ? 0.0793 0.1025 0.0646 0.0060  -0.0030 -0.0179 78  GLN A N   
609 C CA  . GLN A 71 ? 0.0883 0.0869 0.0781 0.0064  0.0063  -0.0172 78  GLN A CA  
610 C C   . GLN A 71 ? 0.0697 0.1020 0.0765 0.0100  0.0017  -0.0149 78  GLN A C   
611 O O   . GLN A 71 ? 0.0921 0.0980 0.0805 0.0041  -0.0017 -0.0279 78  GLN A O   
612 C CB  . GLN A 71 ? 0.0996 0.1164 0.0850 0.0027  0.0097  -0.0220 78  GLN A CB  
613 C CG  . GLN A 71 ? 0.1388 0.1347 0.0871 -0.0053 0.0205  -0.0054 78  GLN A CG  
614 C CD  . GLN A 71 ? 0.1395 0.1369 0.1138 0.0054  0.0068  0.0090  78  GLN A CD  
615 O OE1 . GLN A 71 ? 0.1757 0.1223 0.1355 0.0111  -0.0101 -0.0150 78  GLN A OE1 
616 N NE2 . GLN A 71 ? 0.2670 0.1824 0.1318 0.0421  0.0316  0.0414  78  GLN A NE2 
617 N N   . ASN A 72 ? 0.0742 0.0962 0.0772 0.0101  -0.0029 -0.0268 79  ASN A N   
618 C CA  . ASN A 72 ? 0.0755 0.0963 0.0734 0.0051  -0.0068 -0.0231 79  ASN A CA  
619 C C   . ASN A 72 ? 0.0897 0.1101 0.0728 0.0083  -0.0113 -0.0263 79  ASN A C   
620 O O   . ASN A 72 ? 0.0988 0.1414 0.0727 0.0105  -0.0138 -0.0292 79  ASN A O   
621 C CB  . ASN A 72 ? 0.0923 0.1050 0.0781 0.0175  -0.0137 -0.0260 79  ASN A CB  
622 C CG  . ASN A 72 ? 0.0699 0.1089 0.1032 0.0110  -0.0155 -0.0344 79  ASN A CG  
623 O OD1 . ASN A 72 ? 0.0822 0.1165 0.1216 0.0068  0.0006  -0.0236 79  ASN A OD1 
624 N ND2 . ASN A 72 ? 0.0663 0.1165 0.1165 0.0147  -0.0080 -0.0432 79  ASN A ND2 
625 N N   . SER A 73 ? 0.0877 0.1109 0.0679 -0.0020 -0.0055 -0.0203 80  SER A N   
626 C CA  . SER A 73 ? 0.0997 0.1202 0.0693 -0.0008 0.0013  -0.0148 80  SER A CA  
627 C C   . SER A 73 ? 0.0900 0.1198 0.0740 -0.0019 0.0021  -0.0157 80  SER A C   
628 O O   . SER A 73 ? 0.1304 0.1328 0.0702 0.0019  0.0057  -0.0177 80  SER A O   
629 C CB  . SER A 73 ? 0.1067 0.1292 0.0910 -0.0156 0.0077  -0.0193 80  SER A CB  
630 O OG  . SER A 73 ? 0.1430 0.1344 0.1091 -0.0253 -0.0013 -0.0266 80  SER A OG  
631 N N   . VAL A 74 ? 0.0833 0.1185 0.0726 0.0080  0.0040  -0.0244 81  VAL A N   
632 C CA  . VAL A 74 ? 0.0964 0.1200 0.0795 0.0145  0.0139  -0.0278 81  VAL A CA  
633 C C   . VAL A 74 ? 0.1186 0.1285 0.0670 0.0155  0.0076  -0.0286 81  VAL A C   
634 O O   . VAL A 74 ? 0.1278 0.1680 0.0904 0.0224  0.0043  -0.0545 81  VAL A O   
635 C CB  . VAL A 74 ? 0.1173 0.1167 0.0883 0.0266  0.0110  -0.0275 81  VAL A CB  
636 C CG1 . VAL A 74 ? 0.1608 0.1268 0.1204 0.0440  0.0081  -0.0290 81  VAL A CG1 
637 C CG2 . VAL A 74 ? 0.1199 0.1535 0.1053 0.0311  -0.0054 -0.0086 81  VAL A CG2 
638 N N   . LYS A 75 ? 0.1054 0.1354 0.0802 -0.0025 0.0006  -0.0412 82  LYS A N   
639 C CA  . LYS A 75 ? 0.1134 0.1549 0.1004 -0.0080 -0.0053 -0.0509 82  LYS A CA  
640 C C   . LYS A 75 ? 0.1231 0.1804 0.0766 0.0123  -0.0013 -0.0512 82  LYS A C   
641 O O   . LYS A 75 ? 0.1331 0.2058 0.1051 0.0102  -0.0247 -0.0713 82  LYS A O   
642 C CB  . LYS A 75 ? 0.1035 0.1986 0.1236 -0.0146 0.0108  -0.0392 82  LYS A CB  
643 C CG  . LYS A 75 ? 0.1214 0.2597 0.1589 -0.0471 -0.0045 -0.0426 82  LYS A CG  
644 C CD  A LYS A 75 ? 0.1553 0.2400 0.1668 -0.0228 0.0037  -0.0916 82  LYS A CD  
645 C CD  B LYS A 75 ? 0.1190 0.2183 0.2494 -0.0382 0.0240  -0.0666 82  LYS A CD  
646 C CE  A LYS A 75 ? 0.1449 0.2377 0.1989 -0.0459 0.0230  -0.0892 82  LYS A CE  
647 C CE  B LYS A 75 ? 0.1085 0.2886 0.2652 -0.0272 -0.0123 0.0040  82  LYS A CE  
648 N NZ  A LYS A 75 ? 0.2710 0.2243 0.1961 -0.1209 -0.0140 -0.0240 82  LYS A NZ  
649 N NZ  B LYS A 75 ? 0.3004 0.2937 0.2777 -0.0721 0.0048  -0.1009 82  LYS A NZ  
650 N N   . GLN A 76 ? 0.1240 0.1620 0.0782 0.0343  -0.0096 -0.0320 83  GLN A N   
651 C CA  . GLN A 76 ? 0.1401 0.1918 0.0846 0.0544  -0.0116 -0.0252 83  GLN A CA  
652 C C   . GLN A 76 ? 0.1312 0.2022 0.0796 0.0205  -0.0089 -0.0399 83  GLN A C   
653 O O   . GLN A 76 ? 0.1754 0.2794 0.0786 0.0296  -0.0187 -0.0410 83  GLN A O   
654 C CB  . GLN A 76 ? 0.1701 0.1712 0.1068 0.0500  0.0147  -0.0092 83  GLN A CB  
655 C CG  . GLN A 76 ? 0.2266 0.1972 0.1244 0.0754  0.0099  0.0032  83  GLN A CG  
656 C CD  . GLN A 76 ? 0.2484 0.1863 0.2291 0.1026  0.0537  0.0286  83  GLN A CD  
657 O OE1 . GLN A 76 ? 0.6932 0.2409 0.2847 0.2138  0.1850  0.0025  83  GLN A OE1 
658 N NE2 . GLN A 76 ? 0.3455 0.2448 0.3823 0.0540  0.0806  0.0993  83  GLN A NE2 
659 N N   . TYR A 77 ? 0.1174 0.1815 0.0849 0.0167  0.0035  -0.0284 84  TYR A N   
660 C CA  . TYR A 77 ? 0.1212 0.2057 0.0930 0.0104  0.0112  -0.0384 84  TYR A CA  
661 C C   . TYR A 77 ? 0.1461 0.1977 0.1013 0.0362  0.0152  -0.0414 84  TYR A C   
662 O O   . TYR A 77 ? 0.3321 0.2716 0.1037 0.0908  0.0784  -0.0264 84  TYR A O   
663 C CB  . TYR A 77 ? 0.1254 0.2147 0.1610 0.0155  0.0044  -0.0470 84  TYR A CB  
664 C CG  . TYR A 77 ? 0.1465 0.2208 0.2155 -0.0187 -0.0010 -0.0196 84  TYR A CG  
665 C CD1 . TYR A 77 ? 0.3316 0.2333 0.2327 -0.0882 0.0177  0.0004  84  TYR A CD1 
666 C CD2 . TYR A 77 ? 0.1769 0.1760 0.2308 -0.0111 -0.0227 -0.0161 84  TYR A CD2 
667 C CE1 . TYR A 77 ? 0.4317 0.2410 0.3091 -0.0855 -0.0244 0.0218  84  TYR A CE1 
668 C CE2 . TYR A 77 ? 0.2030 0.1763 0.3252 -0.0198 0.0438  -0.0078 84  TYR A CE2 
669 C CZ  . TYR A 77 ? 0.3366 0.1836 0.3406 0.0103  -0.0538 0.0217  84  TYR A CZ  
670 O OH  . TYR A 77 ? 0.4360 0.1873 0.4731 -0.0402 -0.1382 0.0541  84  TYR A OH  
671 N N   . SER A 78 ? 0.1245 0.1888 0.1083 0.0269  0.0119  -0.0591 85  SER A N   
672 C CA  . SER A 78 ? 0.1343 0.1936 0.1028 0.0388  0.0044  -0.0472 85  SER A CA  
673 C C   . SER A 78 ? 0.1649 0.1767 0.0910 0.0205  0.0071  -0.0407 85  SER A C   
674 O O   . SER A 78 ? 0.2198 0.1905 0.1163 0.0058  0.0164  -0.0581 85  SER A O   
675 C CB  . SER A 78 ? 0.1696 0.2149 0.1180 0.0605  -0.0051 -0.0473 85  SER A CB  
676 O OG  . SER A 78 ? 0.1968 0.1995 0.1085 0.0527  0.0030  -0.0520 85  SER A OG  
677 N N   . GLY A 79 ? 0.1426 0.2195 0.0991 0.0155  0.0133  -0.0557 86  GLY A N   
678 C CA  . GLY A 79 ? 0.1719 0.2738 0.1041 -0.0298 0.0219  -0.0881 86  GLY A CA  
679 C C   . GLY A 79 ? 0.2170 0.2518 0.1189 -0.0516 0.0352  -0.0900 86  GLY A C   
680 O O   . GLY A 79 ? 0.2315 0.2751 0.1331 -0.0703 0.0359  -0.0646 86  GLY A O   
681 N N   . LYS A 80 ? 0.2494 0.2161 0.1199 -0.0284 0.0261  -0.0684 87  LYS A N   
682 C CA  . LYS A 80 ? 0.3751 0.1833 0.1291 -0.0467 0.0332  -0.0664 87  LYS A CA  
683 C C   . LYS A 80 ? 0.2486 0.1470 0.1222 -0.0142 0.0395  -0.0490 87  LYS A C   
684 O O   . LYS A 80 ? 0.1773 0.1875 0.1201 0.0147  0.0360  -0.0310 87  LYS A O   
685 C CB  . LYS A 80 ? 0.5160 0.1866 0.2022 0.0050  0.0293  -0.0803 87  LYS A CB  
686 C CG  . LYS A 80 ? 0.5038 0.2911 0.1951 0.0789  0.0380  -0.0236 87  LYS A CG  
687 C CD  . LYS A 80 ? 0.5419 0.2543 0.1969 0.0441  0.0290  -0.0277 87  LYS A CD  
688 C CE  . LYS A 80 ? 0.5382 0.2255 0.2066 0.0814  0.0277  -0.0211 87  LYS A CE  
689 N NZ  . LYS A 80 ? 0.5675 0.1882 0.2156 0.0487  0.0335  -0.0287 87  LYS A NZ  
690 N N   . PHE A 81 ? 0.2637 0.1690 0.1286 -0.0674 0.0386  -0.0528 88  PHE A N   
691 C CA  . PHE A 81 ? 0.2243 0.1386 0.1145 -0.0162 0.0415  -0.0275 88  PHE A CA  
692 C C   . PHE A 81 ? 0.2316 0.1213 0.1642 -0.0079 0.0627  -0.0191 88  PHE A C   
693 O O   . PHE A 81 ? 0.4218 0.1246 0.2226 0.0343  0.0460  -0.0442 88  PHE A O   
694 C CB  . PHE A 81 ? 0.2042 0.1272 0.1184 -0.0263 0.0351  -0.0122 88  PHE A CB  
695 C CG  . PHE A 81 ? 0.1669 0.1475 0.1336 -0.0398 0.0118  -0.0071 88  PHE A CG  
696 C CD1 . PHE A 81 ? 0.1413 0.1319 0.1705 -0.0133 0.0156  -0.0346 88  PHE A CD1 
697 C CD2 . PHE A 81 ? 0.1996 0.2010 0.2233 -0.0667 -0.0434 0.0038  88  PHE A CD2 
698 C CE1 . PHE A 81 ? 0.1481 0.1719 0.1465 0.0060  0.0067  -0.0034 88  PHE A CE1 
699 C CE2 . PHE A 81 ? 0.1749 0.2357 0.3088 -0.0328 -0.0323 -0.0123 88  PHE A CE2 
700 C CZ  . PHE A 81 ? 0.1551 0.2206 0.2968 -0.0047 -0.0174 -0.0054 88  PHE A CZ  
701 N N   . PHE A 82 ? 0.2232 0.1515 0.1657 0.0202  0.0440  -0.0113 89  PHE A N   
702 C CA  . PHE A 82 ? 0.2335 0.1509 0.2246 0.0458  0.0608  0.0161  89  PHE A CA  
703 C C   . PHE A 82 ? 0.2081 0.2461 0.2856 0.0675  0.0900  0.1142  89  PHE A C   
704 O O   . PHE A 82 ? 0.3566 0.2796 0.3959 0.1349  0.1403  0.1829  89  PHE A O   
705 C CB  . PHE A 82 ? 0.1918 0.1774 0.3257 0.0807  0.1132  0.0642  89  PHE A CB  
706 C CG  . PHE A 82 ? 0.1319 0.2169 0.1946 0.0338  0.0187  0.0870  89  PHE A CG  
707 C CD1 . PHE A 82 ? 0.1686 0.3985 0.2080 0.0047  -0.0287 0.1461  89  PHE A CD1 
708 C CD2 . PHE A 82 ? 0.1318 0.1878 0.1506 0.0365  0.0150  0.0426  89  PHE A CD2 
709 C CE1 . PHE A 82 ? 0.2422 0.5130 0.1218 -0.0007 -0.0535 0.0904  89  PHE A CE1 
710 C CE2 . PHE A 82 ? 0.1134 0.2156 0.1423 0.0298  -0.0074 0.0165  89  PHE A CE2 
711 C CZ  . PHE A 82 ? 0.1742 0.4007 0.1485 0.0734  -0.0428 -0.0023 89  PHE A CZ  
712 O OXT . PHE A 82 ? 0.2724 0.1870 0.2251 0.0388  0.0673  0.0406  89  PHE A OXT 
713 O O   . HOH B .  ? 0.1152 0.2038 0.1260 0.0050  0.0258  -0.0469 101 HOH A O   
714 O O   . HOH B .  ? 0.0814 0.1254 0.1840 0.0075  -0.0259 -0.0266 102 HOH A O   
715 O O   . HOH B .  ? 0.0900 0.1168 0.1151 -0.0082 0.0153  -0.0383 103 HOH A O   
716 O O   . HOH B .  ? 0.1803 0.2539 0.0868 0.0066  0.0320  0.0066  104 HOH A O   
717 O O   . HOH B .  ? 0.1317 0.1365 0.2271 0.0357  -0.0121 -0.0215 105 HOH A O   
718 O O   . HOH B .  ? 0.1720 0.2064 0.1564 0.0002  -0.0426 -0.0595 106 HOH A O   
719 O O   . HOH B .  ? 0.3321 0.3193 0.1761 -0.2161 0.0622  -0.0521 107 HOH A O   
720 O O   . HOH B .  ? 0.1057 0.1440 0.2930 0.0181  0.0030  -0.0787 108 HOH A O   
721 O O   . HOH B .  ? 0.1240 0.3742 0.1840 0.0676  -0.0279 -0.0077 109 HOH A O   
722 O O   . HOH B .  ? 0.2535 0.1768 0.2039 0.0551  0.0681  -0.0040 110 HOH A O   
723 O O   . HOH B .  ? 0.2228 0.3350 0.2615 -0.0596 -0.0284 -0.0638 111 HOH A O   
724 O O   . HOH B .  ? 0.5304 0.2264 0.1389 -0.1804 -0.0908 0.0015  112 HOH A O   
725 O O   . HOH B .  ? 0.2009 0.4488 0.2899 0.0636  0.0063  -0.1278 113 HOH A O   
726 O O   . HOH B .  ? 0.2158 0.2490 0.2300 0.0119  0.0823  0.0214  114 HOH A O   
727 O O   . HOH B .  ? 0.3495 0.3049 0.2722 0.0248  -0.0867 -0.1151 115 HOH A O   
728 O O   . HOH B .  ? 0.2652 0.4299 0.2407 -0.0790 -0.0621 0.1430  116 HOH A O   
729 O O   . HOH B .  ? 0.2515 0.3901 0.2688 0.0487  -0.0571 -0.1161 117 HOH A O   
730 O O   . HOH B .  ? 0.4420 0.2712 0.3885 -0.0148 -0.0998 -0.0518 118 HOH A O   
731 O O   . HOH B .  ? 0.4460 0.3619 0.1995 -0.2286 -0.1256 0.0692  119 HOH A O   
732 O O   . HOH B .  ? 0.3210 0.3383 0.2786 0.0370  0.0005  -0.0550 120 HOH A O   
733 O O   . HOH B .  ? 0.3079 0.1795 0.1696 0.0434  0.0472  -0.0169 121 HOH A O   
734 O O   . HOH B .  ? 0.1667 0.5209 0.2864 -0.0295 -0.0459 0.1771  122 HOH A O   
735 O O   . HOH B .  ? 0.4433 0.3222 0.4010 -0.0870 0.1351  -0.1299 123 HOH A O   
736 O O   . HOH B .  ? 0.1211 0.1803 0.3381 0.0280  0.0043  -0.0012 124 HOH A O   
737 O O   . HOH B .  ? 0.1680 0.2111 0.1996 0.0620  0.0052  -0.0323 125 HOH A O   
738 O O   . HOH B .  ? 0.2476 0.1924 0.3466 -0.0676 -0.1262 0.0717  126 HOH A O   
739 O O   . HOH B .  ? 0.2544 0.3000 0.3375 0.0747  -0.0094 0.0481  127 HOH A O   
740 O O   . HOH B .  ? 0.3711 0.4800 0.3450 -0.1142 0.1017  -0.1963 128 HOH A O   
741 O O   . HOH B .  ? 0.4575 0.2970 0.3424 -0.0091 0.0619  -0.1131 129 HOH A O   
742 O O   . HOH B .  ? 0.2173 0.3167 0.3600 -0.0023 0.0072  -0.1389 130 HOH A O   
743 O O   . HOH B .  ? 0.2999 0.4442 0.3948 -0.0462 0.1358  -0.1400 131 HOH A O   
744 O O   . HOH B .  ? 0.1579 0.4709 0.5170 0.0015  0.0133  -0.0049 132 HOH A O   
745 O O   . HOH B .  ? 0.3927 0.6105 0.2393 0.0151  0.0929  -0.0402 133 HOH A O   
746 O O   . HOH B .  ? 0.3561 0.3086 0.5543 -0.0016 0.1450  -0.2180 134 HOH A O   
747 O O   . HOH B .  ? 0.3298 0.3107 0.3216 0.0532  -0.0955 -0.0947 135 HOH A O   
748 O O   . HOH B .  ? 0.5221 0.2792 0.2040 -0.1209 -0.0036 -0.0088 136 HOH A O   
749 O O   . HOH B .  ? 0.4705 0.3409 0.2870 0.2472  -0.1212 -0.0310 137 HOH A O   
750 O O   . HOH B .  ? 0.3746 0.3286 0.3280 0.0034  -0.0513 -0.1073 138 HOH A O   
751 O O   . HOH B .  ? 0.1922 0.6448 0.3329 -0.0055 0.0290  0.2170  139 HOH A O   
752 O O   . HOH B .  ? 0.3970 0.2253 0.2783 -0.1431 0.0409  -0.0148 140 HOH A O   
753 O O   . HOH B .  ? 0.1755 0.8892 0.3761 -0.0078 0.0633  -0.1245 141 HOH A O   
754 O O   . HOH B .  ? 0.2533 0.8173 0.2584 -0.0673 0.0464  0.0174  142 HOH A O   
755 O O   . HOH B .  ? 0.3541 0.2749 0.4028 0.0451  0.0112  -0.0166 143 HOH A O   
756 O O   . HOH B .  ? 0.6423 0.3329 0.7814 0.2295  0.0583  -0.0051 144 HOH A O   
757 O O   . HOH B .  ? 0.4795 0.7045 0.2000 -0.3369 -0.0083 -0.0100 145 HOH A O   
758 O O   . HOH B .  ? 0.3313 0.4876 0.6280 0.1329  -0.0625 -0.1261 146 HOH A O   
759 O O   . HOH B .  ? 0.3370 0.2531 0.3999 -0.0466 -0.2325 0.0631  147 HOH A O   
760 O O   . HOH B .  ? 0.5329 0.2866 0.3507 0.0548  0.0018  -0.0167 148 HOH A O   
761 O O   . HOH B .  ? 0.2464 0.6299 0.4307 0.1383  0.0276  0.1503  149 HOH A O   
762 O O   . HOH B .  ? 0.3334 0.6380 0.4228 -0.0173 -0.1061 0.2235  150 HOH A O   
763 O O   . HOH B .  ? 0.4957 0.3454 0.5226 0.1149  0.0967  0.0630  151 HOH A O   
764 O O   . HOH B .  ? 0.4218 0.3011 0.4182 -0.0224 0.0734  0.0175  152 HOH A O   
765 O O   . HOH B .  ? 0.5882 0.4902 0.3636 0.0355  0.0215  -0.1451 153 HOH A O   
766 O O   . HOH B .  ? 0.4981 0.4133 0.4295 0.1103  0.1136  0.1537  154 HOH A O   
767 O O   . HOH B .  ? 0.2361 0.7063 0.6127 0.0017  -0.1085 0.2970  155 HOH A O   
768 O O   . HOH B .  ? 0.6005 0.8400 0.3449 -0.0497 -0.0015 -0.0465 156 HOH A O   
769 O O   . HOH B .  ? 0.5992 0.6042 0.2204 -0.2076 0.0853  -0.1912 157 HOH A O   
770 O O   . HOH B .  ? 0.2390 0.6264 0.4267 0.0079  0.0818  -0.1029 158 HOH A O   
# 
